data_6IXL
#
_entry.id   6IXL
#
_cell.length_a   66.517
_cell.length_b   79.273
_cell.length_c   112.014
_cell.angle_alpha   90.26
_cell.angle_beta   102.32
_cell.angle_gamma   112.61
#
_symmetry.space_group_name_H-M   'P 1'
#
loop_
_entity.id
_entity.type
_entity.pdbx_description
1 polymer 'Isocitrate dehydrogenase'
2 non-polymer GLYCEROL
3 non-polymer 'SULFATE ION'
4 water water
#
_entity_poly.entity_id   1
_entity_poly.type   'polypeptide(L)'
_entity_poly.pdbx_seq_one_letter_code
;GHHHHHHHSTASSKITAAPMVYVRGEEMTAYVMDLIRSRWIEPRVDVGGWETFDLRAKNRDDTEDRVLRDVIEAGKRIKA
IFKEPTVTPTADQVKRLGLRKSWGSPNGAMRRGWNGITISRDTIHIDGVELGYKKPVLFERHAVGGEYSAGYKNVGKGKL
TTTFTPSEGPDAGKTVVVDEREIVDEEAAVVTYHNPYDNVHDLARFFFGRCLEAKVTPYVVTKKTVFKWQEPFWQIMRTV
FDEEFKAQFVAAGVMKEGEELVHLLSDAATMKLVQWRQGGFGMAAHNYDGDVLTDELAQVHKSPGFITSNLVGVHEDGTL
IKEFEASHGTVADMDEARLRGEETSLNPLGMVEGLIGAMNHAADVHNIDRDRTHAFTTKMRTVIHQLFREGKGTRDLCGP
SGLTTEQFIDAVAERLDA
;
_entity_poly.pdbx_strand_id   A,B,C,D
#
# COMPACT_ATOMS: atom_id res chain seq x y z
N SER A 13 -0.94 -30.08 13.16
CA SER A 13 -1.80 -29.05 13.82
C SER A 13 -1.08 -27.70 13.84
N LYS A 14 -1.68 -26.67 13.26
CA LYS A 14 -1.08 -25.34 13.27
C LYS A 14 -1.07 -24.73 14.67
N ILE A 15 -0.09 -23.89 14.92
CA ILE A 15 -0.03 -23.11 16.14
C ILE A 15 -1.19 -22.09 16.11
N THR A 16 -1.89 -21.93 17.23
CA THR A 16 -2.91 -20.90 17.34
C THR A 16 -2.22 -19.62 17.79
N ALA A 17 -2.12 -18.65 16.90
CA ALA A 17 -1.49 -17.36 17.25
C ALA A 17 -2.39 -16.60 18.22
N ALA A 18 -1.78 -16.10 19.30
CA ALA A 18 -2.46 -15.20 20.23
C ALA A 18 -2.92 -13.95 19.49
N PRO A 19 -3.95 -13.24 20.01
CA PRO A 19 -4.30 -11.95 19.42
C PRO A 19 -3.07 -11.03 19.35
N MET A 20 -2.94 -10.33 18.24
CA MET A 20 -1.79 -9.43 17.97
C MET A 20 -2.24 -8.42 16.93
N VAL A 21 -1.74 -7.19 17.07
CA VAL A 21 -1.97 -6.16 16.06
C VAL A 21 -0.83 -6.23 15.06
N TYR A 22 -1.20 -6.22 13.78
CA TYR A 22 -0.24 -6.24 12.67
C TYR A 22 -0.49 -4.98 11.84
N VAL A 23 0.51 -4.10 11.75
CA VAL A 23 0.39 -2.88 10.97
C VAL A 23 1.23 -3.00 9.70
N ARG A 24 0.55 -3.02 8.56
CA ARG A 24 1.22 -3.18 7.26
C ARG A 24 1.58 -1.81 6.67
N GLY A 25 2.67 -1.79 5.90
CA GLY A 25 3.16 -0.60 5.24
C GLY A 25 2.98 -0.69 3.74
N GLU A 26 4.07 -0.53 3.01
CA GLU A 26 4.04 -0.53 1.55
C GLU A 26 5.44 -0.73 0.98
N GLU A 27 5.54 -0.74 -0.35
CA GLU A 27 6.82 -0.78 -1.03
C GLU A 27 7.59 -2.09 -0.73
N MET A 28 8.91 -2.05 -0.63
CA MET A 28 9.70 -3.30 -0.62
C MET A 28 9.46 -4.13 0.63
N THR A 29 9.39 -3.45 1.78
CA THR A 29 9.17 -4.15 3.04
C THR A 29 7.80 -4.85 3.15
N ALA A 30 6.74 -4.26 2.60
CA ALA A 30 5.45 -4.93 2.57
C ALA A 30 5.48 -6.15 1.66
N TYR A 31 6.16 -6.02 0.54
CA TYR A 31 6.33 -7.12 -0.43
C TYR A 31 7.02 -8.31 0.25
N VAL A 32 8.10 -8.02 0.97
CA VAL A 32 8.84 -9.04 1.72
C VAL A 32 8.01 -9.68 2.82
N MET A 33 7.35 -8.87 3.65
CA MET A 33 6.52 -9.43 4.71
C MET A 33 5.32 -10.22 4.18
N ASP A 34 4.78 -9.84 3.02
CA ASP A 34 3.70 -10.62 2.39
C ASP A 34 4.21 -12.05 2.10
N LEU A 35 5.42 -12.14 1.55
CA LEU A 35 6.05 -13.44 1.27
C LEU A 35 6.35 -14.23 2.54
N ILE A 36 6.79 -13.54 3.58
CA ILE A 36 7.11 -14.19 4.84
C ILE A 36 5.83 -14.72 5.47
N ARG A 37 4.79 -13.90 5.49
CA ARG A 37 3.49 -14.36 6.00
C ARG A 37 2.98 -15.59 5.24
N SER A 38 3.11 -15.54 3.92
CA SER A 38 2.62 -16.58 3.00
C SER A 38 3.45 -17.88 3.14
N ARG A 39 4.78 -17.75 3.21
CA ARG A 39 5.65 -18.94 3.11
C ARG A 39 6.21 -19.48 4.42
N TRP A 40 6.42 -18.61 5.42
CA TRP A 40 6.93 -19.05 6.71
C TRP A 40 5.80 -19.24 7.74
N ILE A 41 4.93 -18.24 7.88
CA ILE A 41 4.02 -18.15 9.04
C ILE A 41 2.76 -19.01 8.85
N GLU A 42 1.99 -18.67 7.83
CA GLU A 42 0.65 -19.23 7.59
C GLU A 42 0.58 -20.77 7.44
N PRO A 43 1.59 -21.40 6.82
CA PRO A 43 1.56 -22.89 6.77
C PRO A 43 1.73 -23.57 8.13
N ARG A 44 2.31 -22.85 9.11
CA ARG A 44 2.59 -23.38 10.43
C ARG A 44 1.76 -22.75 11.56
N VAL A 45 1.10 -21.63 11.27
CA VAL A 45 0.44 -20.82 12.29
C VAL A 45 -0.91 -20.34 11.76
N ASP A 46 -1.94 -20.56 12.57
CA ASP A 46 -3.27 -20.02 12.33
C ASP A 46 -3.25 -18.60 12.87
N VAL A 47 -3.31 -17.62 11.97
CA VAL A 47 -3.24 -16.19 12.34
C VAL A 47 -4.60 -15.49 12.37
N GLY A 48 -5.66 -16.26 12.64
CA GLY A 48 -7.00 -15.68 12.77
C GLY A 48 -7.08 -14.61 13.84
N GLY A 49 -6.30 -14.79 14.93
CA GLY A 49 -6.25 -13.83 16.03
C GLY A 49 -5.58 -12.50 15.70
N TRP A 50 -4.83 -12.44 14.60
CA TRP A 50 -4.20 -11.17 14.21
C TRP A 50 -5.27 -10.20 13.71
N GLU A 51 -5.18 -8.94 14.12
CA GLU A 51 -5.97 -7.88 13.53
C GLU A 51 -5.00 -7.06 12.72
N THR A 52 -5.25 -6.97 11.41
CA THR A 52 -4.34 -6.31 10.49
C THR A 52 -4.87 -4.93 10.10
N PHE A 53 -3.95 -3.98 9.97
CA PHE A 53 -4.30 -2.61 9.62
C PHE A 53 -3.44 -2.13 8.45
N ASP A 54 -4.07 -1.41 7.53
CA ASP A 54 -3.43 -0.94 6.32
C ASP A 54 -2.92 0.47 6.60
N LEU A 55 -1.60 0.60 6.82
CA LEU A 55 -0.99 1.92 7.03
C LEU A 55 -0.13 2.38 5.87
N ARG A 56 -0.56 2.05 4.66
CA ARG A 56 -0.11 2.78 3.48
C ARG A 56 -0.37 4.26 3.71
N ALA A 57 0.52 5.11 3.23
CA ALA A 57 0.33 6.56 3.29
C ALA A 57 -1.05 6.94 2.70
N LYS A 58 -1.35 6.34 1.56
CA LYS A 58 -2.64 6.53 0.87
C LYS A 58 -3.84 6.14 1.75
N ASN A 59 -3.72 5.10 2.59
CA ASN A 59 -4.81 4.75 3.48
C ASN A 59 -4.97 5.66 4.70
N ARG A 60 -3.89 6.21 5.24
CA ARG A 60 -4.02 7.27 6.24
C ARG A 60 -4.82 8.44 5.66
N ASP A 61 -4.48 8.81 4.43
CA ASP A 61 -5.13 9.93 3.74
C ASP A 61 -6.60 9.62 3.43
N ASP A 62 -6.86 8.42 2.90
CA ASP A 62 -8.22 8.00 2.51
C ASP A 62 -9.19 7.85 3.68
N THR A 63 -8.68 7.52 4.87
CA THR A 63 -9.51 7.34 6.05
C THR A 63 -9.48 8.54 6.98
N GLU A 64 -8.88 9.66 6.55
CA GLU A 64 -8.74 10.84 7.42
C GLU A 64 -8.07 10.45 8.73
N ASP A 65 -7.11 9.55 8.62
CA ASP A 65 -6.39 8.97 9.74
C ASP A 65 -7.20 8.15 10.75
N ARG A 66 -8.44 7.76 10.41
CA ARG A 66 -9.18 6.84 11.27
C ARG A 66 -8.43 5.52 11.46
N VAL A 67 -7.70 5.06 10.44
CA VAL A 67 -6.91 3.82 10.58
C VAL A 67 -5.85 3.91 11.72
N LEU A 68 -5.23 5.07 11.88
CA LEU A 68 -4.25 5.25 12.96
C LEU A 68 -4.94 5.23 14.32
N ARG A 69 -6.10 5.87 14.42
CA ARG A 69 -6.96 5.79 15.63
C ARG A 69 -7.29 4.33 15.98
N ASP A 70 -7.64 3.54 14.95
CA ASP A 70 -7.97 2.14 15.14
C ASP A 70 -6.77 1.33 15.60
N VAL A 71 -5.59 1.61 15.04
CA VAL A 71 -4.36 0.95 15.47
C VAL A 71 -4.13 1.19 16.96
N ILE A 72 -4.26 2.43 17.38
CA ILE A 72 -4.04 2.78 18.81
C ILE A 72 -5.02 2.05 19.72
N GLU A 73 -6.30 2.07 19.37
CA GLU A 73 -7.33 1.38 20.15
C GLU A 73 -7.07 -0.14 20.22
N ALA A 74 -6.69 -0.75 19.09
CA ALA A 74 -6.44 -2.20 19.07
C ALA A 74 -5.20 -2.56 19.89
N GLY A 75 -4.18 -1.71 19.79
CA GLY A 75 -2.98 -1.88 20.61
C GLY A 75 -3.26 -1.87 22.10
N LYS A 76 -4.15 -0.99 22.56
CA LYS A 76 -4.55 -0.95 23.98
C LYS A 76 -5.25 -2.25 24.38
N ARG A 77 -6.17 -2.68 23.54
CA ARG A 77 -6.94 -3.90 23.80
C ARG A 77 -6.10 -5.18 23.78
N ILE A 78 -5.23 -5.30 22.77
CA ILE A 78 -4.48 -6.53 22.51
C ILE A 78 -3.09 -6.58 23.18
N LYS A 79 -2.50 -5.40 23.43
CA LYS A 79 -1.22 -5.25 24.15
C LYS A 79 0.05 -5.59 23.38
N ALA A 80 -0.06 -6.16 22.18
CA ALA A 80 1.11 -6.63 21.40
C ALA A 80 0.93 -6.19 19.97
N ILE A 81 1.93 -5.48 19.46
CA ILE A 81 1.84 -4.85 18.15
C ILE A 81 3.13 -5.08 17.38
N PHE A 82 3.01 -5.57 16.15
CA PHE A 82 4.11 -5.57 15.21
C PHE A 82 3.78 -4.55 14.14
N LYS A 83 4.72 -3.67 13.83
CA LYS A 83 4.51 -2.66 12.82
C LYS A 83 5.63 -2.72 11.80
N GLU A 84 5.25 -2.83 10.53
CA GLU A 84 6.20 -2.75 9.42
C GLU A 84 6.70 -1.32 9.28
N PRO A 85 7.84 -1.13 8.59
CA PRO A 85 8.18 0.22 8.15
C PRO A 85 7.05 0.87 7.33
N THR A 86 6.86 2.17 7.50
CA THR A 86 5.78 2.90 6.84
C THR A 86 6.30 4.19 6.24
N VAL A 87 5.52 4.74 5.30
CA VAL A 87 5.84 6.00 4.65
C VAL A 87 5.00 7.06 5.32
N THR A 88 5.66 8.00 5.98
CA THR A 88 4.99 9.12 6.58
C THR A 88 4.49 10.03 5.46
N PRO A 89 3.21 10.46 5.50
CA PRO A 89 2.70 11.29 4.40
C PRO A 89 3.17 12.75 4.47
N THR A 90 4.48 12.96 4.28
CA THR A 90 5.07 14.31 4.27
C THR A 90 4.63 15.02 2.99
N ALA A 91 4.83 16.33 2.93
CA ALA A 91 4.55 17.12 1.73
C ALA A 91 5.11 16.50 0.46
N ASP A 92 6.34 16.00 0.53
CA ASP A 92 7.01 15.39 -0.63
C ASP A 92 6.34 14.09 -1.09
N GLN A 93 5.87 13.30 -0.12
CA GLN A 93 5.12 12.08 -0.40
C GLN A 93 3.71 12.35 -0.93
N VAL A 94 3.08 13.44 -0.47
CA VAL A 94 1.80 13.90 -1.03
C VAL A 94 1.95 14.04 -2.55
N LYS A 95 2.98 14.74 -2.99
CA LYS A 95 3.27 14.92 -4.42
C LYS A 95 3.54 13.59 -5.12
N ARG A 96 4.46 12.80 -4.56
CA ARG A 96 4.89 11.54 -5.19
C ARG A 96 3.76 10.51 -5.30
N LEU A 97 3.02 10.33 -4.22
CA LEU A 97 1.97 9.30 -4.14
C LEU A 97 0.57 9.79 -4.53
N GLY A 98 0.44 11.07 -4.88
CA GLY A 98 -0.82 11.64 -5.31
C GLY A 98 -1.88 11.66 -4.22
N LEU A 99 -1.50 12.11 -3.03
CA LEU A 99 -2.40 12.18 -1.87
C LEU A 99 -3.07 13.55 -1.84
N ARG A 100 -4.08 13.69 -0.98
CA ARG A 100 -4.83 14.93 -0.85
C ARG A 100 -4.23 15.89 0.16
N LYS A 101 -3.83 15.37 1.33
CA LYS A 101 -3.32 16.15 2.46
C LYS A 101 -2.05 15.47 3.01
N SER A 102 -1.19 16.27 3.63
CA SER A 102 -0.07 15.74 4.41
C SER A 102 -0.57 15.30 5.78
N TRP A 103 0.19 14.39 6.39
CA TRP A 103 -0.09 13.84 7.70
C TRP A 103 1.24 13.67 8.45
N GLY A 104 1.23 13.95 9.75
CA GLY A 104 2.43 13.81 10.57
C GLY A 104 2.79 12.37 10.83
N SER A 105 4.00 12.19 11.38
CA SER A 105 4.48 10.89 11.81
C SER A 105 3.48 10.30 12.77
N PRO A 106 3.28 8.98 12.70
CA PRO A 106 2.40 8.30 13.63
C PRO A 106 3.01 8.03 15.00
N ASN A 107 4.31 8.31 15.15
CA ASN A 107 5.07 7.92 16.37
C ASN A 107 4.52 8.50 17.64
N GLY A 108 4.23 9.80 17.60
CA GLY A 108 3.77 10.54 18.77
C GLY A 108 2.47 9.98 19.31
N ALA A 109 1.52 9.75 18.41
CA ALA A 109 0.23 9.20 18.79
C ALA A 109 0.35 7.82 19.44
N MET A 110 1.24 6.97 18.90
CA MET A 110 1.48 5.64 19.47
C MET A 110 2.14 5.74 20.85
N ARG A 111 3.20 6.54 20.92
CA ARG A 111 3.99 6.66 22.14
C ARG A 111 3.16 7.29 23.27
N ARG A 112 2.36 8.30 22.95
CA ARG A 112 1.50 8.90 23.97
CA ARG A 112 1.46 8.94 23.92
C ARG A 112 0.26 8.05 24.23
N GLY A 113 -0.37 7.51 23.18
CA GLY A 113 -1.55 6.65 23.32
C GLY A 113 -1.37 5.40 24.14
N TRP A 114 -0.18 4.81 24.09
CA TRP A 114 0.12 3.60 24.83
C TRP A 114 0.93 3.86 26.12
N ASN A 115 0.89 5.09 26.61
CA ASN A 115 1.60 5.50 27.82
C ASN A 115 3.05 5.03 27.79
N GLY A 116 3.73 5.44 26.70
CA GLY A 116 5.10 5.03 26.45
C GLY A 116 6.08 5.29 27.59
N ILE A 117 6.89 4.29 27.87
CA ILE A 117 7.94 4.37 28.87
C ILE A 117 9.27 4.50 28.17
N THR A 118 9.62 3.51 27.36
CA THR A 118 10.91 3.48 26.67
C THR A 118 10.74 3.02 25.24
N ILE A 119 11.68 3.45 24.39
CA ILE A 119 11.93 2.82 23.11
C ILE A 119 13.29 2.14 23.26
N SER A 120 13.30 0.81 23.28
CA SER A 120 14.51 0.03 23.42
C SER A 120 15.18 -0.08 22.05
N ARG A 121 16.44 0.35 21.99
CA ARG A 121 17.17 0.43 20.71
C ARG A 121 18.46 -0.34 20.87
N ASP A 122 18.37 -1.65 20.67
CA ASP A 122 19.48 -2.58 20.95
C ASP A 122 20.17 -3.05 19.68
N THR A 123 21.47 -3.28 19.78
CA THR A 123 22.21 -3.83 18.64
C THR A 123 21.73 -5.25 18.37
N ILE A 124 21.64 -5.60 17.09
CA ILE A 124 21.23 -6.94 16.68
C ILE A 124 22.47 -7.74 16.32
N HIS A 125 22.53 -8.98 16.81
CA HIS A 125 23.73 -9.81 16.70
C HIS A 125 23.41 -11.16 16.11
N ILE A 126 24.37 -11.68 15.35
CA ILE A 126 24.33 -13.05 14.84
C ILE A 126 25.61 -13.73 15.30
N ASP A 127 25.51 -14.83 16.04
CA ASP A 127 26.68 -15.62 16.42
C ASP A 127 27.43 -16.05 15.14
N GLY A 128 28.73 -15.81 15.11
CA GLY A 128 29.56 -16.16 13.96
C GLY A 128 29.67 -15.09 12.89
N VAL A 129 29.04 -13.92 13.09
CA VAL A 129 29.14 -12.79 12.16
C VAL A 129 29.60 -11.58 12.95
N GLU A 130 30.58 -10.88 12.41
CA GLU A 130 31.18 -9.71 13.06
C GLU A 130 30.57 -8.44 12.54
N LEU A 131 29.87 -7.71 13.41
CA LEU A 131 29.37 -6.37 13.10
C LEU A 131 30.21 -5.34 13.87
N GLY A 132 29.75 -4.10 13.93
CA GLY A 132 30.54 -3.00 14.53
C GLY A 132 30.85 -3.15 16.01
N TYR A 133 29.86 -3.56 16.80
CA TYR A 133 30.03 -3.80 18.22
C TYR A 133 30.19 -5.31 18.40
N LYS A 134 31.25 -5.73 19.09
CA LYS A 134 31.54 -7.15 19.30
C LYS A 134 30.50 -7.82 20.18
N LYS A 135 30.14 -7.15 21.27
CA LYS A 135 29.17 -7.66 22.24
C LYS A 135 27.94 -6.76 22.26
N PRO A 136 26.76 -7.30 22.67
CA PRO A 136 25.51 -6.55 22.71
C PRO A 136 25.58 -5.20 23.44
N VAL A 137 24.92 -4.21 22.85
CA VAL A 137 24.72 -2.90 23.45
C VAL A 137 23.21 -2.70 23.56
N LEU A 138 22.78 -2.16 24.71
CA LEU A 138 21.39 -1.89 24.96
C LEU A 138 21.20 -0.40 25.12
N PHE A 139 20.12 0.14 24.59
CA PHE A 139 19.83 1.57 24.75
C PHE A 139 18.36 1.76 25.07
N GLU A 140 18.06 2.58 26.09
CA GLU A 140 16.71 3.00 26.40
C GLU A 140 16.55 4.48 26.13
N ARG A 141 15.69 4.78 25.16
CA ARG A 141 15.28 6.12 24.87
C ARG A 141 13.97 6.38 25.58
N HIS A 142 13.96 7.34 26.51
CA HIS A 142 12.73 7.75 27.20
C HIS A 142 11.69 8.11 26.13
N ALA A 143 10.52 7.48 26.19
CA ALA A 143 9.58 7.47 25.05
C ALA A 143 8.76 8.74 24.84
N VAL A 144 8.72 9.60 25.85
CA VAL A 144 7.85 10.76 25.86
C VAL A 144 8.59 11.97 26.41
N GLY A 145 7.99 13.13 26.24
CA GLY A 145 8.48 14.34 26.86
C GLY A 145 9.49 15.05 25.99
N GLY A 146 9.96 16.17 26.51
CA GLY A 146 10.95 16.95 25.83
C GLY A 146 10.33 17.75 24.70
N GLU A 147 11.18 18.13 23.75
CA GLU A 147 10.77 19.00 22.65
C GLU A 147 9.75 18.37 21.69
N TYR A 148 9.63 17.05 21.75
CA TYR A 148 8.64 16.31 20.94
C TYR A 148 7.20 16.73 21.21
N SER A 149 6.92 17.20 22.43
CA SER A 149 5.59 17.69 22.79
C SER A 149 5.59 19.18 23.19
N ALA A 150 6.53 19.94 22.65
CA ALA A 150 6.65 21.38 22.94
C ALA A 150 5.51 22.20 22.34
N GLY A 151 5.14 23.27 23.04
CA GLY A 151 4.35 24.36 22.47
C GLY A 151 5.32 25.42 21.99
N TYR A 152 5.03 26.09 20.88
CA TYR A 152 5.96 27.07 20.35
C TYR A 152 5.28 28.13 19.52
N LYS A 153 6.01 29.23 19.30
CA LYS A 153 5.62 30.25 18.33
C LYS A 153 6.87 30.84 17.73
N ASN A 154 6.78 31.24 16.47
CA ASN A 154 7.82 32.02 15.85
C ASN A 154 7.35 33.47 15.88
N VAL A 155 8.12 34.33 16.54
CA VAL A 155 7.68 35.69 16.89
C VAL A 155 8.76 36.74 16.64
N GLY A 156 8.36 38.00 16.77
CA GLY A 156 9.27 39.11 16.80
C GLY A 156 9.52 39.59 18.21
N LYS A 157 9.71 40.89 18.35
CA LYS A 157 10.11 41.48 19.63
C LYS A 157 8.91 41.51 20.57
N GLY A 158 9.17 41.29 21.85
CA GLY A 158 8.11 41.29 22.85
C GLY A 158 8.49 40.61 24.14
N LYS A 159 7.47 40.33 24.96
CA LYS A 159 7.65 39.80 26.30
C LYS A 159 7.03 38.40 26.39
N LEU A 160 7.85 37.44 26.83
CA LEU A 160 7.43 36.04 27.00
C LEU A 160 7.36 35.74 28.48
N THR A 161 6.23 35.21 28.93
CA THR A 161 6.00 34.88 30.33
C THR A 161 5.52 33.45 30.50
N THR A 162 6.19 32.69 31.37
CA THR A 162 5.76 31.34 31.73
C THR A 162 5.37 31.29 33.20
N THR A 163 4.14 30.83 33.48
CA THR A 163 3.69 30.66 34.86
C THR A 163 3.30 29.21 35.14
N PHE A 164 3.37 28.84 36.42
CA PHE A 164 2.96 27.54 36.89
C PHE A 164 2.11 27.67 38.16
N THR A 165 1.01 26.93 38.20
CA THR A 165 0.10 26.91 39.32
C THR A 165 -0.06 25.46 39.76
N PRO A 166 0.59 25.08 40.89
CA PRO A 166 0.43 23.72 41.37
C PRO A 166 -1.01 23.44 41.79
N SER A 167 -1.48 22.21 41.59
CA SER A 167 -2.84 21.80 41.93
C SER A 167 -2.93 21.13 43.31
N GLU A 168 -1.80 20.74 43.88
CA GLU A 168 -1.77 20.06 45.16
C GLU A 168 -0.56 20.46 45.99
N GLY A 169 -0.54 20.01 47.24
CA GLY A 169 0.51 20.36 48.17
C GLY A 169 0.23 21.71 48.83
N PRO A 170 1.14 22.15 49.71
CA PRO A 170 0.95 23.36 50.49
C PRO A 170 0.88 24.66 49.67
N ASP A 171 1.42 24.64 48.45
CA ASP A 171 1.39 25.79 47.54
C ASP A 171 0.30 25.69 46.47
N ALA A 172 -0.69 24.81 46.69
CA ALA A 172 -1.81 24.65 45.75
C ALA A 172 -2.51 25.97 45.43
N GLY A 173 -2.74 26.22 44.15
CA GLY A 173 -3.53 27.36 43.70
C GLY A 173 -2.79 28.68 43.62
N LYS A 174 -1.51 28.71 44.04
CA LYS A 174 -0.68 29.91 43.99
C LYS A 174 0.24 29.90 42.77
N THR A 175 -0.05 30.83 41.85
CA THR A 175 0.67 30.95 40.59
C THR A 175 2.04 31.59 40.77
N VAL A 176 3.08 30.94 40.27
CA VAL A 176 4.44 31.51 40.32
C VAL A 176 5.00 31.66 38.90
N VAL A 177 5.95 32.56 38.74
CA VAL A 177 6.58 32.81 37.45
C VAL A 177 7.75 31.83 37.27
N VAL A 178 7.69 31.00 36.23
CA VAL A 178 8.79 30.06 35.91
C VAL A 178 9.90 30.79 35.14
N ASP A 179 9.50 31.71 34.27
CA ASP A 179 10.41 32.43 33.41
C ASP A 179 9.70 33.67 32.88
N GLU A 180 10.48 34.72 32.71
CA GLU A 180 10.04 35.89 31.99
C GLU A 180 11.25 36.41 31.26
N ARG A 181 11.06 36.78 29.99
CA ARG A 181 12.14 37.30 29.17
C ARG A 181 11.61 38.21 28.09
N GLU A 182 12.46 39.15 27.69
CA GLU A 182 12.19 40.06 26.59
C GLU A 182 12.88 39.52 25.36
N ILE A 183 12.12 39.30 24.30
CA ILE A 183 12.66 38.89 23.01
C ILE A 183 13.03 40.18 22.28
N VAL A 184 14.29 40.26 21.83
CA VAL A 184 14.82 41.45 21.14
C VAL A 184 15.15 41.24 19.66
N ASP A 185 14.86 40.05 19.13
CA ASP A 185 15.04 39.77 17.70
C ASP A 185 13.73 39.94 16.93
N GLU A 186 13.83 40.37 15.68
CA GLU A 186 12.69 40.37 14.77
C GLU A 186 12.24 38.97 14.36
N GLU A 187 13.15 37.99 14.43
CA GLU A 187 12.82 36.57 14.22
C GLU A 187 13.37 35.77 15.39
N ALA A 188 12.49 35.14 16.16
CA ALA A 188 12.88 34.26 17.25
C ALA A 188 11.88 33.11 17.39
N ALA A 189 12.36 31.98 17.90
CA ALA A 189 11.46 30.92 18.35
C ALA A 189 11.31 31.05 19.84
N VAL A 190 10.08 30.85 20.34
CA VAL A 190 9.82 30.74 21.77
C VAL A 190 9.17 29.37 21.97
N VAL A 191 9.64 28.62 22.97
CA VAL A 191 9.36 27.20 23.11
C VAL A 191 9.13 26.89 24.57
N THR A 192 8.08 26.12 24.87
CA THR A 192 7.86 25.57 26.20
C THR A 192 7.59 24.08 26.07
N TYR A 193 8.21 23.29 26.95
CA TYR A 193 7.96 21.84 26.99
C TYR A 193 8.01 21.34 28.43
N HIS A 194 7.64 20.08 28.62
CA HIS A 194 7.79 19.43 29.92
C HIS A 194 8.38 18.03 29.77
N ASN A 195 9.10 17.61 30.81
CA ASN A 195 9.58 16.22 30.94
C ASN A 195 8.76 15.57 32.04
N PRO A 196 7.96 14.53 31.70
CA PRO A 196 7.24 13.80 32.74
C PRO A 196 8.11 12.70 33.33
N TYR A 197 8.47 12.81 34.61
CA TYR A 197 9.44 11.90 35.20
C TYR A 197 8.92 10.73 36.05
N ASP A 198 7.60 10.66 36.29
CA ASP A 198 7.07 9.56 37.11
C ASP A 198 7.43 8.19 36.54
N ASN A 199 7.33 8.05 35.22
CA ASN A 199 7.64 6.76 34.59
C ASN A 199 9.14 6.43 34.42
N VAL A 200 10.03 7.36 34.79
CA VAL A 200 11.47 7.07 34.83
C VAL A 200 11.80 6.05 35.93
N HIS A 201 10.96 5.96 36.97
CA HIS A 201 11.07 4.88 37.94
C HIS A 201 10.88 3.52 37.24
N ASP A 202 9.89 3.43 36.36
CA ASP A 202 9.64 2.20 35.57
C ASP A 202 10.73 1.98 34.52
N LEU A 203 11.11 3.05 33.82
CA LEU A 203 12.24 3.02 32.87
C LEU A 203 13.50 2.46 33.54
N ALA A 204 13.82 2.99 34.73
CA ALA A 204 14.99 2.50 35.47
C ALA A 204 14.94 1.01 35.80
N ARG A 205 13.80 0.54 36.32
CA ARG A 205 13.69 -0.90 36.64
C ARG A 205 13.81 -1.77 35.41
N PHE A 206 13.20 -1.32 34.32
CA PHE A 206 13.23 -2.02 33.06
C PHE A 206 14.66 -2.09 32.50
N PHE A 207 15.33 -0.95 32.52
CA PHE A 207 16.69 -0.81 31.98
C PHE A 207 17.70 -1.64 32.76
N PHE A 208 17.72 -1.50 34.09
CA PHE A 208 18.70 -2.21 34.88
C PHE A 208 18.43 -3.72 34.86
N GLY A 209 17.16 -4.13 34.81
CA GLY A 209 16.83 -5.55 34.73
C GLY A 209 17.38 -6.17 33.46
N ARG A 210 17.22 -5.47 32.34
CA ARG A 210 17.73 -5.92 31.04
C ARG A 210 19.24 -5.96 31.01
N CYS A 211 19.87 -4.90 31.51
CA CYS A 211 21.32 -4.85 31.56
C CYS A 211 21.89 -5.96 32.43
N LEU A 212 21.21 -6.26 33.53
CA LEU A 212 21.65 -7.32 34.44
C LEU A 212 21.60 -8.63 33.74
N GLU A 213 20.48 -8.92 33.07
CA GLU A 213 20.32 -10.16 32.31
C GLU A 213 21.38 -10.32 31.22
N ALA A 214 21.67 -9.23 30.51
CA ALA A 214 22.67 -9.19 29.45
C ALA A 214 24.13 -9.12 29.95
N LYS A 215 24.29 -8.84 31.24
CA LYS A 215 25.60 -8.62 31.88
C LYS A 215 26.39 -7.50 31.21
N VAL A 216 25.73 -6.36 30.99
CA VAL A 216 26.38 -5.18 30.41
C VAL A 216 26.40 -4.08 31.45
N THR A 217 27.42 -3.25 31.36
CA THR A 217 27.60 -2.11 32.26
C THR A 217 26.61 -0.98 31.89
N PRO A 218 25.76 -0.55 32.84
CA PRO A 218 24.79 0.51 32.54
C PRO A 218 25.38 1.91 32.71
N TYR A 219 24.93 2.84 31.88
CA TYR A 219 25.27 4.25 31.97
C TYR A 219 24.00 5.10 31.83
N VAL A 220 23.92 6.20 32.57
CA VAL A 220 22.85 7.18 32.40
C VAL A 220 23.43 8.38 31.65
N VAL A 221 22.69 8.88 30.66
CA VAL A 221 23.20 9.93 29.79
C VAL A 221 22.27 11.14 29.83
N THR A 222 22.79 12.29 30.25
CA THR A 222 22.03 13.55 30.23
C THR A 222 22.96 14.76 29.97
N LYS A 223 22.35 15.94 29.85
CA LYS A 223 23.08 17.22 29.86
C LYS A 223 22.82 18.00 31.16
N LYS A 224 22.67 17.29 32.27
CA LYS A 224 22.16 17.88 33.52
C LYS A 224 23.07 18.93 34.15
N THR A 225 24.36 18.90 33.83
CA THR A 225 25.32 19.92 34.31
C THR A 225 24.88 21.34 33.98
N VAL A 226 24.35 21.49 32.76
CA VAL A 226 23.88 22.76 32.22
C VAL A 226 22.36 22.82 32.17
N PHE A 227 21.71 21.71 31.77
CA PHE A 227 20.25 21.64 31.67
C PHE A 227 19.77 21.06 32.99
N LYS A 228 19.75 21.89 34.03
CA LYS A 228 19.68 21.37 35.41
C LYS A 228 18.36 20.71 35.81
N TRP A 229 17.31 21.02 35.06
CA TRP A 229 16.00 20.40 35.22
C TRP A 229 16.01 18.90 34.96
N GLN A 230 17.07 18.42 34.31
CA GLN A 230 17.26 16.99 34.06
C GLN A 230 17.77 16.19 35.24
N GLU A 231 18.21 16.87 36.30
CA GLU A 231 18.80 16.21 37.45
C GLU A 231 17.95 15.05 37.99
N PRO A 232 16.61 15.18 38.04
CA PRO A 232 15.81 14.05 38.53
C PRO A 232 15.88 12.77 37.69
N PHE A 233 16.13 12.90 36.38
CA PHE A 233 16.33 11.71 35.53
C PHE A 233 17.49 10.91 36.11
N TRP A 234 18.58 11.59 36.43
CA TRP A 234 19.72 10.93 37.05
C TRP A 234 19.41 10.41 38.47
N GLN A 235 18.83 11.25 39.32
CA GLN A 235 18.54 10.88 40.73
C GLN A 235 17.63 9.67 40.85
N ILE A 236 16.58 9.65 40.04
CA ILE A 236 15.64 8.53 40.02
C ILE A 236 16.36 7.25 39.62
N MET A 237 17.14 7.31 38.54
CA MET A 237 17.86 6.13 38.06
C MET A 237 18.92 5.65 39.06
N ARG A 238 19.69 6.58 39.64
CA ARG A 238 20.74 6.21 40.60
C ARG A 238 20.14 5.56 41.85
N THR A 239 19.02 6.09 42.32
CA THR A 239 18.37 5.58 43.55
C THR A 239 17.91 4.14 43.31
N VAL A 240 17.18 3.92 42.22
CA VAL A 240 16.76 2.57 41.85
C VAL A 240 17.95 1.63 41.72
N PHE A 241 19.00 2.06 41.04
CA PHE A 241 20.17 1.24 40.88
C PHE A 241 20.79 0.85 42.23
N ASP A 242 21.04 1.85 43.06
CA ASP A 242 21.69 1.59 44.34
C ASP A 242 20.85 0.71 45.26
N GLU A 243 19.55 0.97 45.28
CA GLU A 243 18.64 0.27 46.20
C GLU A 243 18.30 -1.14 45.73
N GLU A 244 18.14 -1.34 44.42
CA GLU A 244 17.57 -2.59 43.89
C GLU A 244 18.49 -3.45 43.02
N PHE A 245 19.63 -2.89 42.57
CA PHE A 245 20.44 -3.57 41.55
C PHE A 245 21.94 -3.67 41.77
N LYS A 246 22.55 -2.70 42.45
CA LYS A 246 24.01 -2.63 42.53
C LYS A 246 24.63 -3.96 42.98
N ALA A 247 24.16 -4.50 44.09
CA ALA A 247 24.72 -5.76 44.59
C ALA A 247 24.58 -6.89 43.57
N GLN A 248 23.48 -6.91 42.82
CA GLN A 248 23.31 -7.91 41.75
C GLN A 248 24.33 -7.74 40.61
N PHE A 249 24.60 -6.48 40.25
CA PHE A 249 25.60 -6.22 39.22
C PHE A 249 26.99 -6.65 39.66
N VAL A 250 27.31 -6.48 40.95
CA VAL A 250 28.56 -6.97 41.53
C VAL A 250 28.64 -8.51 41.44
N ALA A 251 27.60 -9.17 41.97
CA ALA A 251 27.49 -10.64 41.95
C ALA A 251 27.48 -11.26 40.56
N ALA A 252 27.00 -10.49 39.56
CA ALA A 252 27.01 -10.93 38.17
C ALA A 252 28.37 -10.75 37.47
N GLY A 253 29.34 -10.10 38.12
CA GLY A 253 30.67 -9.92 37.53
C GLY A 253 30.79 -8.67 36.67
N VAL A 254 29.76 -7.81 36.68
CA VAL A 254 29.72 -6.66 35.77
C VAL A 254 30.50 -5.49 36.36
N MET A 255 30.33 -5.29 37.66
CA MET A 255 30.90 -4.16 38.39
C MET A 255 31.62 -4.62 39.65
N LYS A 256 32.65 -3.87 40.05
CA LYS A 256 33.38 -4.13 41.29
C LYS A 256 32.65 -3.47 42.45
N GLU A 257 32.83 -4.00 43.67
CA GLU A 257 32.35 -3.32 44.88
C GLU A 257 33.01 -1.96 45.00
N GLY A 258 32.24 -0.97 45.41
CA GLY A 258 32.72 0.41 45.44
C GLY A 258 32.75 1.12 44.09
N GLU A 259 32.40 0.45 43.00
CA GLU A 259 32.18 1.10 41.70
C GLU A 259 30.77 1.71 41.80
N GLU A 260 30.60 2.96 41.39
CA GLU A 260 29.27 3.57 41.39
C GLU A 260 28.71 3.59 39.96
N LEU A 261 27.38 3.70 39.83
CA LEU A 261 26.72 3.94 38.53
C LEU A 261 27.31 5.21 37.94
N VAL A 262 27.68 5.14 36.67
CA VAL A 262 28.31 6.26 35.98
C VAL A 262 27.28 7.11 35.20
N HIS A 263 27.41 8.42 35.35
CA HIS A 263 26.69 9.38 34.55
C HIS A 263 27.60 9.90 33.41
N LEU A 264 27.09 9.92 32.18
CA LEU A 264 27.84 10.44 31.03
C LEU A 264 27.08 11.66 30.53
N LEU A 265 27.81 12.74 30.27
CA LEU A 265 27.24 13.83 29.52
C LEU A 265 26.94 13.39 28.10
N SER A 266 25.86 13.92 27.52
CA SER A 266 25.42 13.52 26.18
C SER A 266 26.52 13.75 25.15
N ASP A 267 27.24 14.87 25.27
CA ASP A 267 28.37 15.14 24.38
C ASP A 267 29.60 14.25 24.63
N ALA A 268 29.74 13.68 25.83
CA ALA A 268 30.72 12.61 26.06
C ALA A 268 30.23 11.26 25.50
N ALA A 269 28.93 10.98 25.65
CA ALA A 269 28.36 9.71 25.16
C ALA A 269 28.52 9.50 23.64
N THR A 270 28.41 10.59 22.88
CA THR A 270 28.63 10.54 21.45
C THR A 270 30.05 10.05 21.12
N MET A 271 31.02 10.40 21.96
CA MET A 271 32.40 9.93 21.77
C MET A 271 32.54 8.48 22.17
N LYS A 272 31.91 8.09 23.28
CA LYS A 272 31.99 6.70 23.75
C LYS A 272 31.41 5.71 22.73
N LEU A 273 30.34 6.08 22.03
CA LEU A 273 29.74 5.15 21.05
C LEU A 273 30.72 4.79 19.93
N VAL A 274 31.59 5.73 19.58
CA VAL A 274 32.61 5.49 18.57
C VAL A 274 33.79 4.72 19.19
N GLN A 275 34.15 5.02 20.44
CA GLN A 275 35.29 4.36 21.09
C GLN A 275 35.02 2.91 21.45
N TRP A 276 33.83 2.65 21.99
CA TRP A 276 33.55 1.40 22.69
C TRP A 276 33.09 0.29 21.75
N ARG A 277 33.96 -0.02 20.79
CA ARG A 277 33.66 -1.01 19.76
C ARG A 277 33.54 -2.44 20.27
N GLN A 278 34.09 -2.70 21.45
CA GLN A 278 33.86 -3.97 22.14
C GLN A 278 32.38 -4.18 22.55
N GLY A 279 31.59 -3.10 22.65
CA GLY A 279 30.22 -3.22 23.08
C GLY A 279 30.15 -3.61 24.54
N GLY A 280 29.07 -4.28 24.92
CA GLY A 280 28.86 -4.74 26.29
C GLY A 280 28.51 -3.66 27.29
N PHE A 281 27.73 -2.67 26.85
CA PHE A 281 27.30 -1.59 27.73
C PHE A 281 25.84 -1.24 27.42
N GLY A 282 25.21 -0.54 28.35
CA GLY A 282 23.88 0.01 28.14
C GLY A 282 23.86 1.50 28.45
N MET A 283 23.03 2.25 27.74
CA MET A 283 22.80 3.68 28.01
C MET A 283 21.31 3.96 28.08
N ALA A 284 20.93 4.85 28.98
CA ALA A 284 19.57 5.35 29.07
C ALA A 284 19.62 6.87 28.99
N ALA A 285 18.68 7.43 28.24
CA ALA A 285 18.68 8.86 27.98
C ALA A 285 17.28 9.42 27.77
N HIS A 286 17.19 10.75 27.77
CA HIS A 286 15.96 11.44 27.42
C HIS A 286 15.57 11.18 25.96
N ASN A 287 14.36 11.59 25.61
CA ASN A 287 13.75 11.36 24.29
C ASN A 287 14.69 11.81 23.15
N TYR A 288 15.10 13.08 23.15
CA TYR A 288 15.87 13.60 22.00
C TYR A 288 17.29 13.06 21.96
N ASP A 289 17.99 13.09 23.08
CA ASP A 289 19.31 12.48 23.18
C ASP A 289 19.29 11.02 22.70
N GLY A 290 18.28 10.26 23.13
CA GLY A 290 18.08 8.89 22.66
C GLY A 290 17.91 8.78 21.16
N ASP A 291 17.12 9.67 20.57
CA ASP A 291 16.94 9.69 19.12
C ASP A 291 18.29 9.85 18.40
N VAL A 292 19.03 10.87 18.79
CA VAL A 292 20.31 11.20 18.15
C VAL A 292 21.36 10.09 18.41
N LEU A 293 21.53 9.69 19.66
CA LEU A 293 22.56 8.69 19.99
C LEU A 293 22.29 7.32 19.36
N THR A 294 21.02 6.92 19.24
CA THR A 294 20.72 5.59 18.70
C THR A 294 20.90 5.52 17.18
N ASP A 295 20.80 6.64 16.47
CA ASP A 295 21.19 6.66 15.07
C ASP A 295 22.70 6.58 14.91
N GLU A 296 23.43 7.22 15.81
CA GLU A 296 24.87 7.05 15.87
C GLU A 296 25.25 5.59 16.12
N LEU A 297 24.58 4.98 17.11
CA LEU A 297 24.75 3.55 17.39
C LEU A 297 24.56 2.67 16.15
N ALA A 298 23.51 2.97 15.37
CA ALA A 298 23.21 2.22 14.14
C ALA A 298 24.35 2.31 13.14
N GLN A 299 24.88 3.52 12.94
CA GLN A 299 25.97 3.70 12.00
C GLN A 299 27.23 2.95 12.44
N VAL A 300 27.56 3.00 13.72
CA VAL A 300 28.74 2.31 14.22
C VAL A 300 28.56 0.80 14.07
N HIS A 301 27.37 0.30 14.43
CA HIS A 301 27.11 -1.14 14.38
C HIS A 301 27.07 -1.67 12.94
N LYS A 302 26.27 -1.05 12.08
CA LYS A 302 26.31 -1.31 10.63
C LYS A 302 25.40 -0.34 9.89
N SER A 303 24.10 -0.43 10.20
CA SER A 303 23.08 0.39 9.58
C SER A 303 21.81 0.37 10.44
N PRO A 304 20.82 1.23 10.12
CA PRO A 304 19.61 1.23 10.95
C PRO A 304 18.91 -0.12 11.09
N GLY A 305 18.99 -0.95 10.07
CA GLY A 305 18.39 -2.27 10.13
C GLY A 305 18.90 -3.19 11.22
N PHE A 306 20.07 -2.89 11.79
CA PHE A 306 20.72 -3.72 12.79
C PHE A 306 20.57 -3.19 14.22
N ILE A 307 19.65 -2.25 14.42
CA ILE A 307 19.25 -1.76 15.72
C ILE A 307 17.74 -1.97 15.84
N THR A 308 17.30 -2.50 16.97
CA THR A 308 15.86 -2.68 17.26
C THR A 308 15.15 -1.33 17.50
N SER A 309 13.81 -1.32 17.43
CA SER A 309 12.97 -0.17 17.82
C SER A 309 11.72 -0.73 18.51
N ASN A 310 11.83 -0.98 19.81
CA ASN A 310 10.80 -1.66 20.57
C ASN A 310 10.21 -0.75 21.63
N LEU A 311 9.02 -0.22 21.33
CA LEU A 311 8.29 0.65 22.24
C LEU A 311 7.66 -0.17 23.35
N VAL A 312 7.89 0.24 24.58
CA VAL A 312 7.26 -0.37 25.74
C VAL A 312 6.46 0.71 26.47
N GLY A 313 5.15 0.50 26.53
CA GLY A 313 4.23 1.37 27.24
C GLY A 313 3.45 0.52 28.24
N VAL A 314 2.34 1.07 28.74
CA VAL A 314 1.57 0.39 29.79
C VAL A 314 0.08 0.74 29.72
N HIS A 315 -0.76 -0.27 29.89
CA HIS A 315 -2.22 -0.09 29.89
C HIS A 315 -2.62 0.50 31.24
N GLU A 316 -3.78 1.16 31.26
CA GLU A 316 -4.40 1.66 32.49
C GLU A 316 -4.46 0.60 33.61
N ASP A 317 -4.53 -0.69 33.23
CA ASP A 317 -4.62 -1.83 34.16
C ASP A 317 -3.28 -2.49 34.52
N GLY A 318 -2.17 -1.91 34.07
CA GLY A 318 -0.85 -2.41 34.46
C GLY A 318 -0.17 -3.36 33.50
N THR A 319 -0.89 -3.88 32.49
CA THR A 319 -0.26 -4.79 31.52
C THR A 319 0.59 -3.94 30.57
N LEU A 320 1.81 -4.39 30.34
CA LEU A 320 2.71 -3.73 29.37
C LEU A 320 2.15 -3.89 27.95
N ILE A 321 2.12 -2.78 27.23
CA ILE A 321 1.81 -2.72 25.81
C ILE A 321 3.17 -2.66 25.10
N LYS A 322 3.45 -3.65 24.24
CA LYS A 322 4.73 -3.69 23.51
C LYS A 322 4.52 -3.66 22.01
N GLU A 323 5.18 -2.71 21.35
CA GLU A 323 5.18 -2.57 19.91
C GLU A 323 6.60 -2.76 19.42
N PHE A 324 6.73 -3.49 18.32
CA PHE A 324 8.03 -3.86 17.77
C PHE A 324 8.04 -3.47 16.28
N GLU A 325 9.14 -2.85 15.87
CA GLU A 325 9.30 -2.32 14.53
C GLU A 325 10.77 -2.48 14.12
N ALA A 326 11.04 -2.72 12.83
CA ALA A 326 12.40 -2.60 12.31
C ALA A 326 12.73 -1.10 12.25
N SER A 327 14.01 -0.77 12.25
CA SER A 327 14.43 0.64 12.25
C SER A 327 14.74 1.23 10.87
N HIS A 328 14.80 0.38 9.85
CA HIS A 328 14.94 0.88 8.48
C HIS A 328 13.57 1.28 7.93
N GLY A 329 13.56 1.93 6.78
CA GLY A 329 12.31 2.30 6.08
C GLY A 329 11.80 1.21 5.15
N THR A 330 10.95 1.63 4.21
CA THR A 330 10.29 0.73 3.28
C THR A 330 11.15 0.38 2.05
N VAL A 331 12.31 1.04 1.90
CA VAL A 331 13.34 0.68 0.89
C VAL A 331 12.78 0.85 -0.53
N ALA A 332 12.28 2.06 -0.78
CA ALA A 332 11.61 2.44 -2.01
C ALA A 332 12.48 2.18 -3.26
N ASP A 333 13.77 2.50 -3.16
CA ASP A 333 14.73 2.27 -4.27
C ASP A 333 14.79 0.80 -4.71
N MET A 334 14.83 -0.09 -3.73
CA MET A 334 14.79 -1.52 -4.00
C MET A 334 13.44 -1.99 -4.56
N ASP A 335 12.35 -1.39 -4.10
CA ASP A 335 11.04 -1.72 -4.63
C ASP A 335 10.95 -1.33 -6.12
N GLU A 336 11.51 -0.17 -6.46
CA GLU A 336 11.55 0.28 -7.86
C GLU A 336 12.38 -0.69 -8.72
N ALA A 337 13.53 -1.09 -8.18
CA ALA A 337 14.37 -2.10 -8.84
C ALA A 337 13.60 -3.41 -9.06
N ARG A 338 12.90 -3.87 -8.02
CA ARG A 338 12.08 -5.08 -8.11
C ARG A 338 11.05 -4.98 -9.22
N LEU A 339 10.37 -3.84 -9.30
CA LEU A 339 9.31 -3.66 -10.29
C LEU A 339 9.87 -3.53 -11.71
N ARG A 340 11.12 -3.08 -11.86
CA ARG A 340 11.85 -3.19 -13.14
C ARG A 340 12.38 -4.61 -13.48
N GLY A 341 12.15 -5.58 -12.59
CA GLY A 341 12.58 -6.96 -12.82
C GLY A 341 14.02 -7.25 -12.44
N GLU A 342 14.69 -6.29 -11.80
CA GLU A 342 16.08 -6.38 -11.41
C GLU A 342 16.19 -7.15 -10.09
N GLU A 343 17.36 -7.74 -9.83
CA GLU A 343 17.57 -8.52 -8.60
C GLU A 343 17.63 -7.60 -7.40
N THR A 344 17.13 -8.09 -6.27
CA THR A 344 17.23 -7.38 -4.98
C THR A 344 17.72 -8.33 -3.88
N SER A 345 18.19 -7.76 -2.78
CA SER A 345 18.54 -8.57 -1.61
C SER A 345 18.28 -7.79 -0.33
N LEU A 346 17.04 -7.87 0.14
CA LEU A 346 16.63 -7.22 1.39
C LEU A 346 16.76 -8.22 2.52
N ASN A 347 17.52 -7.84 3.55
CA ASN A 347 17.72 -8.67 4.73
C ASN A 347 16.49 -8.49 5.63
N PRO A 348 15.73 -9.56 5.85
CA PRO A 348 14.53 -9.45 6.66
C PRO A 348 14.75 -9.52 8.17
N LEU A 349 15.99 -9.65 8.64
CA LEU A 349 16.24 -9.94 10.04
C LEU A 349 15.65 -8.89 10.99
N GLY A 350 15.82 -7.62 10.68
CA GLY A 350 15.27 -6.53 11.52
C GLY A 350 13.75 -6.66 11.70
N MET A 351 13.04 -6.88 10.61
CA MET A 351 11.60 -7.06 10.66
C MET A 351 11.20 -8.34 11.37
N VAL A 352 11.92 -9.44 11.11
CA VAL A 352 11.61 -10.71 11.76
C VAL A 352 11.90 -10.62 13.26
N GLU A 353 13.00 -9.96 13.67
CA GLU A 353 13.23 -9.74 15.12
C GLU A 353 12.05 -9.04 15.77
N GLY A 354 11.52 -8.03 15.09
CA GLY A 354 10.33 -7.33 15.55
C GLY A 354 9.10 -8.22 15.67
N LEU A 355 8.86 -9.02 14.63
CA LEU A 355 7.71 -9.92 14.63
C LEU A 355 7.80 -10.99 15.73
N ILE A 356 9.00 -11.54 15.90
CA ILE A 356 9.29 -12.47 17.00
C ILE A 356 8.91 -11.87 18.34
N GLY A 357 9.39 -10.67 18.62
CA GLY A 357 9.06 -9.97 19.84
C GLY A 357 7.57 -9.82 20.05
N ALA A 358 6.88 -9.38 19.01
CA ALA A 358 5.44 -9.13 19.10
C ALA A 358 4.64 -10.42 19.30
N MET A 359 5.01 -11.46 18.57
CA MET A 359 4.36 -12.77 18.70
C MET A 359 4.59 -13.34 20.10
N ASN A 360 5.81 -13.21 20.62
CA ASN A 360 6.15 -13.73 21.96
C ASN A 360 5.38 -13.03 23.06
N HIS A 361 5.34 -11.70 22.96
CA HIS A 361 4.62 -10.91 23.93
C HIS A 361 3.12 -11.22 23.88
N ALA A 362 2.57 -11.35 22.67
CA ALA A 362 1.16 -11.72 22.49
C ALA A 362 0.89 -13.04 23.16
N ALA A 363 1.76 -14.01 22.92
CA ALA A 363 1.63 -15.34 23.52
C ALA A 363 1.65 -15.31 25.05
N ASP A 364 2.55 -14.49 25.61
CA ASP A 364 2.72 -14.38 27.08
C ASP A 364 1.54 -13.66 27.75
N VAL A 365 1.08 -12.57 27.14
CA VAL A 365 -0.04 -11.79 27.67
C VAL A 365 -1.32 -12.60 27.67
N HIS A 366 -1.62 -13.26 26.55
CA HIS A 366 -2.90 -13.94 26.37
C HIS A 366 -2.84 -15.41 26.75
N ASN A 367 -1.64 -15.95 26.93
CA ASN A 367 -1.43 -17.35 27.26
C ASN A 367 -2.16 -18.29 26.29
N ILE A 368 -1.87 -18.09 25.01
CA ILE A 368 -2.42 -18.89 23.93
C ILE A 368 -1.24 -19.52 23.20
N ASP A 369 -1.17 -20.86 23.25
CA ASP A 369 -0.10 -21.63 22.59
C ASP A 369 1.30 -21.08 22.89
N ARG A 370 1.50 -20.76 24.16
CA ARG A 370 2.68 -20.02 24.60
C ARG A 370 3.97 -20.77 24.23
N ASP A 371 4.05 -22.02 24.64
CA ASP A 371 5.28 -22.81 24.53
C ASP A 371 5.63 -23.11 23.06
N ARG A 372 4.62 -23.45 22.27
CA ARG A 372 4.82 -23.71 20.85
C ARG A 372 5.12 -22.47 20.04
N THR A 373 4.61 -21.32 20.48
CA THR A 373 4.90 -20.06 19.79
C THR A 373 6.36 -19.67 20.03
N HIS A 374 6.80 -19.71 21.28
CA HIS A 374 8.22 -19.48 21.64
C HIS A 374 9.20 -20.41 20.89
N ALA A 375 8.87 -21.70 20.80
CA ALA A 375 9.67 -22.64 20.00
C ALA A 375 9.72 -22.23 18.52
N PHE A 376 8.59 -21.84 17.95
CA PHE A 376 8.53 -21.44 16.52
C PHE A 376 9.30 -20.14 16.26
N THR A 377 9.13 -19.13 17.12
CA THR A 377 9.87 -17.87 16.94
C THR A 377 11.39 -18.07 17.10
N THR A 378 11.78 -18.89 18.07
CA THR A 378 13.19 -19.24 18.26
C THR A 378 13.76 -19.95 17.01
N LYS A 379 12.96 -20.83 16.45
CA LYS A 379 13.31 -21.55 15.22
C LYS A 379 13.56 -20.64 14.03
N MET A 380 12.68 -19.65 13.84
CA MET A 380 12.86 -18.69 12.75
C MET A 380 14.20 -17.98 12.89
N ARG A 381 14.50 -17.51 14.09
CA ARG A 381 15.77 -16.83 14.33
C ARG A 381 16.98 -17.73 14.09
N THR A 382 16.94 -18.94 14.64
CA THR A 382 18.05 -19.88 14.49
C THR A 382 18.31 -20.23 13.02
N VAL A 383 17.23 -20.53 12.29
CA VAL A 383 17.35 -20.85 10.87
C VAL A 383 17.96 -19.70 10.09
N ILE A 384 17.50 -18.47 10.37
CA ILE A 384 18.06 -17.27 9.73
C ILE A 384 19.55 -17.11 10.03
N HIS A 385 19.89 -17.18 11.32
CA HIS A 385 21.28 -16.96 11.76
C HIS A 385 22.22 -18.02 11.14
N GLN A 386 21.77 -19.26 11.14
CA GLN A 386 22.58 -20.33 10.57
C GLN A 386 22.83 -20.15 9.07
N LEU A 387 21.83 -19.70 8.31
CA LEU A 387 22.03 -19.42 6.88
C LEU A 387 23.13 -18.37 6.67
N PHE A 388 23.15 -17.33 7.50
CA PHE A 388 24.24 -16.34 7.43
C PHE A 388 25.61 -16.95 7.73
N ARG A 389 25.70 -17.84 8.72
CA ARG A 389 26.96 -18.53 9.04
C ARG A 389 27.46 -19.40 7.88
N GLU A 390 26.54 -19.89 7.05
CA GLU A 390 26.85 -20.71 5.88
C GLU A 390 27.12 -19.91 4.60
N GLY A 391 27.11 -18.58 4.69
CA GLY A 391 27.27 -17.72 3.52
C GLY A 391 26.05 -17.73 2.62
N LYS A 392 24.90 -18.14 3.16
CA LYS A 392 23.62 -18.20 2.44
C LYS A 392 22.63 -17.16 2.99
N GLY A 393 23.17 -16.07 3.50
CA GLY A 393 22.38 -14.91 3.86
C GLY A 393 22.26 -13.99 2.69
N THR A 394 21.65 -12.84 2.94
CA THR A 394 21.53 -11.77 1.97
C THR A 394 22.85 -11.05 1.74
N ARG A 395 22.89 -10.24 0.69
CA ARG A 395 24.13 -9.65 0.17
C ARG A 395 24.74 -8.54 1.01
N ASP A 396 23.95 -7.96 1.91
CA ASP A 396 24.50 -6.98 2.87
C ASP A 396 25.63 -7.54 3.71
N LEU A 397 25.47 -8.76 4.21
CA LEU A 397 26.46 -9.40 5.08
C LEU A 397 27.29 -10.51 4.40
N CYS A 398 26.79 -11.08 3.31
CA CYS A 398 27.48 -12.20 2.65
C CYS A 398 28.12 -11.80 1.32
N GLY A 399 28.08 -10.52 0.97
CA GLY A 399 28.62 -10.02 -0.31
C GLY A 399 27.83 -10.47 -1.51
N PRO A 400 28.36 -10.22 -2.72
CA PRO A 400 27.70 -10.58 -3.98
C PRO A 400 27.26 -12.03 -4.13
N SER A 401 27.95 -12.95 -3.46
CA SER A 401 27.58 -14.37 -3.44
C SER A 401 26.31 -14.66 -2.64
N GLY A 402 25.90 -13.72 -1.81
CA GLY A 402 24.67 -13.83 -1.04
C GLY A 402 23.40 -14.02 -1.86
N LEU A 403 22.35 -14.44 -1.18
CA LEU A 403 21.10 -14.80 -1.80
C LEU A 403 20.26 -13.56 -2.09
N THR A 404 19.46 -13.65 -3.14
CA THR A 404 18.44 -12.64 -3.42
C THR A 404 17.36 -12.66 -2.34
N THR A 405 16.57 -11.59 -2.30
CA THR A 405 15.42 -11.52 -1.39
C THR A 405 14.59 -12.79 -1.41
N GLU A 406 14.21 -13.21 -2.61
CA GLU A 406 13.31 -14.35 -2.78
C GLU A 406 14.00 -15.69 -2.46
N GLN A 407 15.25 -15.82 -2.89
CA GLN A 407 16.07 -16.99 -2.57
C GLN A 407 16.22 -17.18 -1.08
N PHE A 408 16.45 -16.08 -0.37
CA PHE A 408 16.57 -16.14 1.08
C PHE A 408 15.29 -16.59 1.76
N ILE A 409 14.15 -16.02 1.33
CA ILE A 409 12.85 -16.40 1.89
C ILE A 409 12.58 -17.91 1.68
N ASP A 410 12.86 -18.39 0.48
CA ASP A 410 12.70 -19.83 0.18
C ASP A 410 13.67 -20.73 0.95
N ALA A 411 14.92 -20.26 1.11
CA ALA A 411 15.92 -20.99 1.91
C ALA A 411 15.49 -21.15 3.35
N VAL A 412 14.95 -20.08 3.96
CA VAL A 412 14.41 -20.19 5.30
C VAL A 412 13.22 -21.13 5.33
N ALA A 413 12.30 -20.97 4.38
CA ALA A 413 11.03 -21.71 4.37
C ALA A 413 11.25 -23.21 4.36
N GLU A 414 12.17 -23.66 3.51
CA GLU A 414 12.50 -25.10 3.40
C GLU A 414 13.23 -25.68 4.61
N ARG A 415 13.83 -24.83 5.44
CA ARG A 415 14.45 -25.28 6.69
C ARG A 415 13.59 -25.17 7.95
N LEU A 416 12.42 -24.54 7.87
CA LEU A 416 11.57 -24.34 9.05
C LEU A 416 10.98 -25.64 9.66
N ASP A 417 10.73 -26.65 8.82
CA ASP A 417 10.06 -27.91 9.19
C ASP A 417 8.58 -27.68 9.50
N SER B 13 63.81 45.09 13.07
CA SER B 13 63.57 43.89 12.18
C SER B 13 62.64 42.78 12.75
N LYS B 14 62.15 42.91 13.97
CA LYS B 14 61.11 42.00 14.47
C LYS B 14 59.77 42.36 13.85
N ILE B 15 58.91 41.37 13.72
CA ILE B 15 57.53 41.57 13.26
C ILE B 15 56.77 42.38 14.30
N THR B 16 55.99 43.34 13.85
CA THR B 16 55.15 44.15 14.71
C THR B 16 53.80 43.43 14.93
N ALA B 17 53.61 42.84 16.11
CA ALA B 17 52.34 42.23 16.44
C ALA B 17 51.25 43.28 16.53
N ALA B 18 50.14 43.04 15.85
CA ALA B 18 48.96 43.86 15.99
C ALA B 18 48.39 43.73 17.40
N PRO B 19 47.62 44.73 17.85
CA PRO B 19 46.95 44.59 19.13
C PRO B 19 46.16 43.28 19.22
N MET B 20 46.26 42.61 20.37
CA MET B 20 45.67 41.28 20.56
C MET B 20 45.56 41.04 22.07
N VAL B 21 44.45 40.45 22.49
CA VAL B 21 44.25 40.05 23.88
C VAL B 21 44.86 38.65 24.02
N TYR B 22 45.73 38.49 25.02
CA TYR B 22 46.30 37.19 25.39
C TYR B 22 45.82 36.84 26.80
N VAL B 23 45.14 35.71 26.92
CA VAL B 23 44.58 35.26 28.21
C VAL B 23 45.34 34.02 28.67
N ARG B 24 46.11 34.17 29.75
CA ARG B 24 46.90 33.06 30.32
C ARG B 24 46.04 32.26 31.33
N GLY B 25 46.27 30.95 31.39
CA GLY B 25 45.58 30.07 32.31
C GLY B 25 46.54 29.63 33.40
N GLU B 26 46.76 28.33 33.53
CA GLU B 26 47.65 27.78 34.57
C GLU B 26 47.97 26.32 34.25
N GLU B 27 48.71 25.66 35.16
CA GLU B 27 49.02 24.23 35.06
C GLU B 27 49.83 23.92 33.79
N MET B 28 49.62 22.77 33.14
CA MET B 28 50.59 22.33 32.15
C MET B 28 50.60 23.24 30.92
N THR B 29 49.41 23.64 30.50
CA THR B 29 49.25 24.45 29.30
C THR B 29 49.91 25.84 29.44
N ALA B 30 49.86 26.43 30.63
CA ALA B 30 50.49 27.72 30.84
C ALA B 30 52.01 27.58 30.88
N TYR B 31 52.50 26.50 31.48
CA TYR B 31 53.93 26.15 31.45
C TYR B 31 54.40 26.05 30.00
N VAL B 32 53.60 25.36 29.17
CA VAL B 32 53.98 25.19 27.77
C VAL B 32 53.96 26.51 27.01
N MET B 33 52.88 27.27 27.15
CA MET B 33 52.77 28.54 26.43
C MET B 33 53.82 29.57 26.88
N ASP B 34 54.23 29.53 28.15
CA ASP B 34 55.37 30.37 28.59
C ASP B 34 56.61 30.09 27.78
N LEU B 35 56.92 28.80 27.55
CA LEU B 35 58.07 28.42 26.74
C LEU B 35 57.90 28.85 25.28
N ILE B 36 56.72 28.64 24.72
CA ILE B 36 56.45 29.02 23.31
C ILE B 36 56.62 30.53 23.11
N ARG B 37 56.00 31.31 23.99
CA ARG B 37 56.08 32.78 23.93
C ARG B 37 57.52 33.25 23.99
N SER B 38 58.28 32.71 24.96
CA SER B 38 59.67 33.16 25.15
C SER B 38 60.66 32.64 24.10
N ARG B 39 60.44 31.43 23.56
CA ARG B 39 61.40 30.81 22.64
C ARG B 39 61.00 30.83 21.15
N TRP B 40 59.70 30.84 20.85
CA TRP B 40 59.24 30.87 19.45
C TRP B 40 58.83 32.28 19.04
N ILE B 41 58.04 32.96 19.87
CA ILE B 41 57.37 34.19 19.47
C ILE B 41 58.27 35.42 19.68
N GLU B 42 58.63 35.64 20.93
CA GLU B 42 59.25 36.91 21.35
C GLU B 42 60.57 37.29 20.65
N PRO B 43 61.43 36.31 20.32
CA PRO B 43 62.67 36.65 19.58
C PRO B 43 62.44 37.11 18.14
N ARG B 44 61.24 36.85 17.62
CA ARG B 44 60.89 37.16 16.24
C ARG B 44 59.81 38.22 16.12
N VAL B 45 59.07 38.45 17.21
CA VAL B 45 57.88 39.29 17.20
C VAL B 45 57.92 40.27 18.34
N ASP B 46 57.75 41.55 18.02
CA ASP B 46 57.53 42.59 19.01
C ASP B 46 56.09 42.45 19.49
N VAL B 47 55.92 41.95 20.72
CA VAL B 47 54.58 41.73 21.29
C VAL B 47 54.11 42.87 22.19
N GLY B 48 54.66 44.08 22.01
CA GLY B 48 54.24 45.26 22.75
C GLY B 48 52.76 45.56 22.66
N GLY B 49 52.15 45.32 21.49
CA GLY B 49 50.72 45.49 21.31
C GLY B 49 49.83 44.48 22.01
N TRP B 50 50.37 43.35 22.45
CA TRP B 50 49.57 42.39 23.21
C TRP B 50 49.14 42.96 24.53
N GLU B 51 47.89 42.73 24.91
CA GLU B 51 47.44 42.97 26.25
C GLU B 51 47.22 41.61 26.91
N THR B 52 48.08 41.34 27.90
CA THR B 52 48.19 40.05 28.56
C THR B 52 47.42 40.10 29.86
N PHE B 53 46.70 39.02 30.15
CA PHE B 53 45.88 38.91 31.35
C PHE B 53 46.14 37.57 32.00
N ASP B 54 46.21 37.61 33.33
CA ASP B 54 46.46 36.41 34.11
C ASP B 54 45.10 35.87 34.53
N LEU B 55 44.66 34.75 33.94
CA LEU B 55 43.38 34.13 34.31
C LEU B 55 43.55 32.80 35.08
N ARG B 56 44.63 32.66 35.86
CA ARG B 56 44.70 31.62 36.91
C ARG B 56 43.41 31.70 37.70
N ALA B 57 42.84 30.55 38.07
CA ALA B 57 41.67 30.51 38.96
C ALA B 57 41.88 31.38 40.22
N LYS B 58 43.13 31.39 40.75
CA LYS B 58 43.52 32.23 41.89
C LYS B 58 43.45 33.73 41.59
N ASN B 59 43.83 34.15 40.39
CA ASN B 59 43.77 35.58 40.06
C ASN B 59 42.37 36.09 39.78
N ARG B 60 41.47 35.21 39.32
CA ARG B 60 40.05 35.56 39.19
C ARG B 60 39.47 35.78 40.55
N ASP B 61 39.80 34.88 41.47
CA ASP B 61 39.38 34.98 42.87
C ASP B 61 39.94 36.21 43.55
N ASP B 62 41.26 36.39 43.46
CA ASP B 62 41.94 37.55 44.07
C ASP B 62 41.46 38.90 43.57
N THR B 63 41.10 38.98 42.29
CA THR B 63 40.54 40.21 41.71
C THR B 63 39.01 40.22 41.65
N GLU B 64 38.36 39.12 42.08
CA GLU B 64 36.89 39.01 42.07
C GLU B 64 36.34 39.30 40.67
N ASP B 65 36.87 38.55 39.71
CA ASP B 65 36.60 38.71 38.26
C ASP B 65 36.89 40.09 37.60
N ARG B 66 37.53 41.03 38.31
CA ARG B 66 38.01 42.27 37.68
C ARG B 66 38.82 41.94 36.42
N VAL B 67 39.66 40.91 36.51
CA VAL B 67 40.39 40.39 35.34
C VAL B 67 39.50 40.00 34.16
N LEU B 68 38.37 39.35 34.42
CA LEU B 68 37.49 38.94 33.35
C LEU B 68 36.83 40.14 32.69
N ARG B 69 36.40 41.10 33.49
CA ARG B 69 35.91 42.37 32.98
C ARG B 69 36.94 43.00 32.07
N ASP B 70 38.19 43.05 32.52
CA ASP B 70 39.25 43.66 31.71
C ASP B 70 39.50 42.85 30.40
N VAL B 71 39.41 41.52 30.46
CA VAL B 71 39.45 40.66 29.23
C VAL B 71 38.35 41.02 28.22
N ILE B 72 37.11 41.08 28.66
CA ILE B 72 35.98 41.31 27.77
C ILE B 72 36.02 42.71 27.14
N GLU B 73 36.40 43.71 27.95
CA GLU B 73 36.56 45.09 27.45
C GLU B 73 37.65 45.16 26.42
N ALA B 74 38.81 44.61 26.75
CA ALA B 74 39.95 44.57 25.86
C ALA B 74 39.58 43.89 24.55
N GLY B 75 38.81 42.79 24.65
CA GLY B 75 38.37 42.02 23.48
C GLY B 75 37.45 42.79 22.54
N LYS B 76 36.54 43.57 23.10
CA LYS B 76 35.63 44.40 22.31
C LYS B 76 36.40 45.51 21.57
N ARG B 77 37.41 46.08 22.22
CA ARG B 77 38.24 47.14 21.63
C ARG B 77 39.24 46.61 20.61
N ILE B 78 39.84 45.46 20.89
CA ILE B 78 40.97 44.94 20.11
C ILE B 78 40.52 43.93 19.04
N LYS B 79 39.43 43.22 19.31
CA LYS B 79 38.77 42.33 18.34
C LYS B 79 39.47 41.02 18.02
N ALA B 80 40.64 40.76 18.61
CA ALA B 80 41.37 39.51 18.39
C ALA B 80 41.84 39.01 19.75
N ILE B 81 41.44 37.78 20.13
CA ILE B 81 41.74 37.22 21.43
C ILE B 81 42.29 35.80 21.28
N PHE B 82 43.43 35.52 21.90
CA PHE B 82 43.88 34.15 22.14
C PHE B 82 43.68 33.85 23.61
N LYS B 83 42.99 32.74 23.90
CA LYS B 83 42.76 32.31 25.27
C LYS B 83 43.34 30.91 25.45
N GLU B 84 44.20 30.76 26.45
CA GLU B 84 44.70 29.44 26.86
C GLU B 84 43.59 28.64 27.55
N PRO B 85 43.78 27.32 27.70
CA PRO B 85 42.87 26.59 28.57
C PRO B 85 42.95 27.12 29.99
N THR B 86 41.82 27.11 30.67
CA THR B 86 41.72 27.65 32.01
C THR B 86 40.99 26.65 32.89
N VAL B 87 41.14 26.84 34.20
CA VAL B 87 40.48 26.02 35.20
C VAL B 87 39.26 26.82 35.64
N THR B 88 38.08 26.29 35.36
CA THR B 88 36.84 26.92 35.82
C THR B 88 36.79 26.71 37.34
N PRO B 89 36.76 27.82 38.14
CA PRO B 89 36.79 27.65 39.61
C PRO B 89 35.51 27.04 40.21
N THR B 90 35.24 25.78 39.87
CA THR B 90 34.07 25.05 40.38
C THR B 90 34.28 24.71 41.86
N ALA B 91 33.26 24.14 42.49
CA ALA B 91 33.31 23.71 43.90
C ALA B 91 34.57 22.88 44.22
N ASP B 92 34.81 21.87 43.39
CA ASP B 92 35.99 20.98 43.51
C ASP B 92 37.30 21.76 43.61
N GLN B 93 37.41 22.80 42.77
CA GLN B 93 38.63 23.61 42.65
C GLN B 93 38.85 24.60 43.79
N VAL B 94 37.75 25.04 44.44
CA VAL B 94 37.84 25.96 45.58
C VAL B 94 38.69 25.35 46.70
N LYS B 95 38.29 24.14 47.10
CA LYS B 95 39.01 23.33 48.08
C LYS B 95 40.43 23.03 47.58
N ARG B 96 40.55 22.51 46.35
CA ARG B 96 41.85 22.11 45.80
C ARG B 96 42.88 23.26 45.76
N LEU B 97 42.47 24.43 45.27
CA LEU B 97 43.38 25.57 45.04
C LEU B 97 43.44 26.57 46.21
N GLY B 98 42.60 26.37 47.23
CA GLY B 98 42.62 27.22 48.43
C GLY B 98 42.05 28.60 48.17
N LEU B 99 40.95 28.66 47.42
CA LEU B 99 40.31 29.93 47.04
C LEU B 99 39.30 30.35 48.10
N ARG B 100 38.85 31.60 48.00
CA ARG B 100 37.71 32.11 48.82
C ARG B 100 36.31 31.69 48.35
N LYS B 101 36.08 31.74 47.04
CA LYS B 101 34.76 31.52 46.47
C LYS B 101 34.87 30.87 45.10
N SER B 102 33.74 30.34 44.63
CA SER B 102 33.63 29.80 43.30
C SER B 102 33.28 30.89 42.31
N TRP B 103 33.54 30.59 41.05
CA TRP B 103 33.30 31.47 39.93
C TRP B 103 32.90 30.55 38.79
N GLY B 104 31.90 30.95 38.02
CA GLY B 104 31.40 30.16 36.89
C GLY B 104 32.29 30.18 35.64
N SER B 105 31.82 29.46 34.61
CA SER B 105 32.52 29.36 33.31
C SER B 105 32.43 30.69 32.58
N PRO B 106 33.56 31.16 32.01
CA PRO B 106 33.59 32.46 31.37
C PRO B 106 33.00 32.52 29.96
N ASN B 107 32.52 31.39 29.41
CA ASN B 107 32.02 31.34 28.04
C ASN B 107 30.75 32.16 27.78
N GLY B 108 29.83 32.13 28.74
CA GLY B 108 28.61 32.93 28.64
C GLY B 108 28.88 34.42 28.58
N ALA B 109 29.82 34.89 29.40
CA ALA B 109 30.25 36.28 29.43
C ALA B 109 30.93 36.71 28.13
N MET B 110 31.77 35.83 27.58
CA MET B 110 32.45 36.09 26.29
C MET B 110 31.48 36.10 25.11
N ARG B 111 30.60 35.12 25.05
CA ARG B 111 29.62 35.01 23.95
C ARG B 111 28.67 36.20 23.89
N ARG B 112 28.26 36.69 25.05
CA ARG B 112 27.38 37.86 25.19
C ARG B 112 28.18 39.16 25.02
N GLY B 113 29.33 39.23 25.67
CA GLY B 113 30.21 40.40 25.62
C GLY B 113 30.67 40.74 24.21
N TRP B 114 30.84 39.71 23.37
CA TRP B 114 31.34 39.89 22.00
C TRP B 114 30.32 39.64 20.88
N ASN B 115 29.02 39.62 21.22
CA ASN B 115 27.92 39.37 20.26
C ASN B 115 28.16 38.11 19.41
N GLY B 116 28.50 37.03 20.09
CA GLY B 116 28.83 35.76 19.44
C GLY B 116 27.77 35.27 18.50
N ILE B 117 28.20 34.87 17.31
CA ILE B 117 27.33 34.21 16.34
C ILE B 117 27.64 32.73 16.21
N THR B 118 28.90 32.34 16.35
CA THR B 118 29.27 30.93 16.23
C THR B 118 30.51 30.57 17.05
N ILE B 119 30.56 29.31 17.48
CA ILE B 119 31.83 28.68 17.83
C ILE B 119 32.21 27.79 16.66
N SER B 120 33.25 28.17 15.92
CA SER B 120 33.76 27.35 14.82
C SER B 120 34.61 26.21 15.37
N ARG B 121 34.21 24.99 15.01
CA ARG B 121 34.80 23.75 15.50
C ARG B 121 35.29 22.96 14.31
N ASP B 122 36.54 23.21 13.93
CA ASP B 122 37.10 22.69 12.69
C ASP B 122 38.16 21.65 12.97
N THR B 123 38.27 20.65 12.10
CA THR B 123 39.31 19.64 12.24
C THR B 123 40.69 20.27 12.00
N ILE B 124 41.66 19.83 12.78
CA ILE B 124 43.05 20.29 12.67
C ILE B 124 43.86 19.20 11.97
N HIS B 125 44.64 19.61 10.98
CA HIS B 125 45.34 18.69 10.10
C HIS B 125 46.83 18.92 10.12
N ILE B 126 47.57 17.83 9.91
CA ILE B 126 49.00 17.81 9.88
C ILE B 126 49.39 17.21 8.53
N ASP B 127 50.10 17.99 7.72
CA ASP B 127 50.69 17.53 6.47
C ASP B 127 51.72 16.40 6.74
N GLY B 128 51.39 15.20 6.28
CA GLY B 128 52.22 14.02 6.46
C GLY B 128 51.81 13.07 7.58
N VAL B 129 50.72 13.38 8.26
CA VAL B 129 50.16 12.48 9.27
C VAL B 129 48.68 12.38 9.02
N GLU B 130 48.19 11.17 8.85
CA GLU B 130 46.78 10.92 8.58
C GLU B 130 46.00 10.81 9.89
N LEU B 131 44.98 11.66 10.05
CA LEU B 131 44.06 11.57 11.17
C LEU B 131 42.73 11.01 10.65
N GLY B 132 41.67 11.07 11.46
CA GLY B 132 40.38 10.47 11.12
C GLY B 132 39.74 10.95 9.83
N TYR B 133 39.69 12.26 9.63
CA TYR B 133 39.16 12.84 8.39
C TYR B 133 40.34 13.18 7.50
N LYS B 134 40.25 12.78 6.22
CA LYS B 134 41.34 13.01 5.25
C LYS B 134 41.52 14.47 4.90
N LYS B 135 40.41 15.16 4.64
CA LYS B 135 40.40 16.56 4.26
C LYS B 135 39.66 17.38 5.32
N PRO B 136 39.98 18.68 5.43
CA PRO B 136 39.33 19.59 6.38
C PRO B 136 37.80 19.52 6.44
N VAL B 137 37.27 19.50 7.67
CA VAL B 137 35.87 19.60 7.96
C VAL B 137 35.65 20.88 8.77
N LEU B 138 34.61 21.63 8.42
CA LEU B 138 34.23 22.83 9.15
C LEU B 138 32.90 22.64 9.87
N PHE B 139 32.77 23.20 11.06
CA PHE B 139 31.50 23.11 11.80
C PHE B 139 31.23 24.42 12.52
N GLU B 140 30.02 24.95 12.34
CA GLU B 140 29.54 26.12 13.08
C GLU B 140 28.50 25.70 14.11
N ARG B 141 28.82 25.93 15.38
CA ARG B 141 27.87 25.77 16.47
C ARG B 141 27.31 27.14 16.76
N HIS B 142 26.03 27.33 16.44
CA HIS B 142 25.32 28.59 16.75
C HIS B 142 25.55 28.96 18.21
N ALA B 143 26.06 30.16 18.47
CA ALA B 143 26.64 30.45 19.79
C ALA B 143 25.66 30.92 20.85
N VAL B 144 24.41 31.15 20.47
CA VAL B 144 23.37 31.67 21.36
C VAL B 144 22.09 30.85 21.28
N GLY B 145 21.21 31.06 22.27
CA GLY B 145 19.89 30.47 22.28
C GLY B 145 19.84 29.05 22.79
N GLY B 146 18.62 28.53 22.81
CA GLY B 146 18.37 27.13 23.16
C GLY B 146 18.32 26.94 24.65
N GLU B 147 18.44 25.67 25.03
CA GLU B 147 18.27 25.24 26.42
C GLU B 147 19.36 25.76 27.36
N TYR B 148 20.48 26.21 26.82
CA TYR B 148 21.55 26.84 27.62
C TYR B 148 21.09 28.10 28.36
N SER B 149 20.05 28.77 27.85
CA SER B 149 19.52 29.98 28.51
C SER B 149 18.05 29.83 28.89
N ALA B 150 17.62 28.58 29.08
CA ALA B 150 16.23 28.28 29.44
C ALA B 150 15.90 28.72 30.86
N GLY B 151 14.64 29.06 31.09
CA GLY B 151 14.09 29.15 32.44
C GLY B 151 13.40 27.83 32.72
N TYR B 152 13.42 27.38 33.97
CA TYR B 152 12.82 26.09 34.30
C TYR B 152 12.42 25.98 35.74
N LYS B 153 11.67 24.94 36.02
CA LYS B 153 11.33 24.57 37.37
C LYS B 153 11.03 23.08 37.41
N ASN B 154 11.37 22.46 38.54
CA ASN B 154 10.98 21.08 38.79
C ASN B 154 9.73 21.11 39.69
N VAL B 155 8.65 20.50 39.21
CA VAL B 155 7.31 20.68 39.76
C VAL B 155 6.56 19.36 39.87
N GLY B 156 5.44 19.41 40.59
CA GLY B 156 4.44 18.36 40.61
C GLY B 156 3.28 18.71 39.70
N LYS B 157 2.09 18.26 40.07
CA LYS B 157 0.90 18.44 39.24
C LYS B 157 0.46 19.89 39.27
N GLY B 158 -0.05 20.35 38.14
CA GLY B 158 -0.51 21.72 38.00
C GLY B 158 -0.65 22.19 36.57
N LYS B 159 -0.92 23.50 36.43
CA LYS B 159 -1.18 24.12 35.15
C LYS B 159 -0.02 25.02 34.75
N LEU B 160 0.50 24.77 33.55
CA LEU B 160 1.62 25.53 32.99
C LEU B 160 1.09 26.41 31.87
N THR B 161 1.38 27.71 31.91
CA THR B 161 0.92 28.65 30.90
C THR B 161 2.06 29.51 30.38
N THR B 162 2.15 29.65 29.07
CA THR B 162 3.15 30.47 28.42
C THR B 162 2.44 31.48 27.53
N THR B 163 2.69 32.77 27.78
CA THR B 163 2.12 33.84 26.97
C THR B 163 3.20 34.68 26.31
N PHE B 164 2.83 35.32 25.21
CA PHE B 164 3.69 36.27 24.54
C PHE B 164 2.92 37.54 24.19
N THR B 165 3.57 38.70 24.38
CA THR B 165 2.97 40.00 24.07
C THR B 165 3.94 40.75 23.13
N PRO B 166 3.62 40.79 21.83
CA PRO B 166 4.48 41.54 20.88
C PRO B 166 4.54 43.01 21.25
N SER B 167 5.66 43.65 20.95
CA SER B 167 5.89 45.08 21.25
C SER B 167 5.79 45.96 20.01
N GLU B 168 5.53 45.38 18.84
CA GLU B 168 5.42 46.15 17.60
C GLU B 168 4.61 45.38 16.56
N GLY B 169 4.31 46.04 15.44
CA GLY B 169 3.53 45.43 14.37
C GLY B 169 2.04 45.51 14.65
N PRO B 170 1.22 44.85 13.78
CA PRO B 170 -0.26 44.89 13.88
C PRO B 170 -0.83 44.46 15.25
N ASP B 171 -0.30 43.38 15.82
CA ASP B 171 -0.78 42.82 17.10
C ASP B 171 -0.14 43.42 18.37
N ALA B 172 0.66 44.49 18.23
CA ALA B 172 1.36 45.14 19.36
C ALA B 172 0.49 45.32 20.61
N GLY B 173 0.99 44.88 21.77
CA GLY B 173 0.29 45.02 23.04
C GLY B 173 -0.73 43.93 23.41
N LYS B 174 -1.15 43.12 22.43
CA LYS B 174 -2.15 42.07 22.66
C LYS B 174 -1.45 40.75 23.06
N THR B 175 -1.63 40.35 24.32
CA THR B 175 -1.08 39.11 24.85
C THR B 175 -1.75 37.88 24.22
N VAL B 176 -0.95 36.95 23.68
CA VAL B 176 -1.47 35.68 23.13
C VAL B 176 -0.91 34.48 23.90
N VAL B 177 -1.68 33.38 23.92
CA VAL B 177 -1.26 32.13 24.56
C VAL B 177 -0.36 31.32 23.62
N VAL B 178 0.90 31.14 24.02
CA VAL B 178 1.84 30.30 23.27
C VAL B 178 1.58 28.82 23.51
N ASP B 179 1.41 28.47 24.78
CA ASP B 179 1.19 27.10 25.22
C ASP B 179 0.45 27.12 26.55
N GLU B 180 -0.36 26.09 26.76
CA GLU B 180 -0.93 25.83 28.06
C GLU B 180 -1.13 24.34 28.19
N ARG B 181 -0.77 23.78 29.33
CA ARG B 181 -0.85 22.34 29.51
C ARG B 181 -1.03 22.00 30.95
N GLU B 182 -1.67 20.85 31.18
CA GLU B 182 -1.90 20.32 32.51
C GLU B 182 -0.76 19.33 32.76
N ILE B 183 0.05 19.59 33.79
CA ILE B 183 1.11 18.65 34.22
C ILE B 183 0.44 17.61 35.10
N VAL B 184 0.56 16.33 34.74
CA VAL B 184 -0.11 15.24 35.49
C VAL B 184 0.86 14.34 36.25
N ASP B 185 2.15 14.66 36.22
CA ASP B 185 3.13 13.91 36.97
C ASP B 185 3.46 14.55 38.31
N GLU B 186 3.74 13.71 39.30
CA GLU B 186 4.25 14.15 40.60
C GLU B 186 5.67 14.72 40.50
N GLU B 187 6.44 14.24 39.52
CA GLU B 187 7.80 14.75 39.26
C GLU B 187 7.89 15.13 37.79
N ALA B 188 8.12 16.41 37.51
CA ALA B 188 8.25 16.89 36.15
C ALA B 188 9.15 18.10 36.05
N ALA B 189 9.72 18.28 34.87
CA ALA B 189 10.45 19.48 34.55
C ALA B 189 9.58 20.28 33.62
N VAL B 190 9.53 21.59 33.83
CA VAL B 190 8.84 22.52 32.93
C VAL B 190 9.90 23.51 32.48
N VAL B 191 9.96 23.79 31.18
CA VAL B 191 11.10 24.49 30.59
C VAL B 191 10.60 25.44 29.52
N THR B 192 11.15 26.66 29.51
CA THR B 192 10.92 27.60 28.43
C THR B 192 12.26 28.15 27.94
N TYR B 193 12.42 28.27 26.63
CA TYR B 193 13.59 28.90 26.03
C TYR B 193 13.23 29.64 24.76
N HIS B 194 14.19 30.38 24.23
CA HIS B 194 14.07 30.99 22.91
C HIS B 194 15.33 30.81 22.10
N ASN B 195 15.15 30.82 20.78
CA ASN B 195 16.23 30.87 19.82
C ASN B 195 16.19 32.25 19.13
N PRO B 196 17.19 33.12 19.39
CA PRO B 196 17.24 34.36 18.60
C PRO B 196 17.82 34.06 17.23
N TYR B 197 17.12 34.46 16.18
CA TYR B 197 17.51 34.07 14.83
C TYR B 197 18.00 35.22 13.93
N ASP B 198 17.98 36.47 14.42
CA ASP B 198 18.44 37.59 13.55
C ASP B 198 19.89 37.40 13.10
N ASN B 199 20.75 36.94 14.00
CA ASN B 199 22.17 36.71 13.65
C ASN B 199 22.47 35.45 12.83
N VAL B 200 21.45 34.69 12.46
CA VAL B 200 21.63 33.55 11.54
C VAL B 200 21.92 34.07 10.13
N HIS B 201 21.46 35.27 9.80
CA HIS B 201 21.86 35.95 8.57
C HIS B 201 23.40 36.12 8.53
N ASP B 202 23.95 36.67 9.62
CA ASP B 202 25.41 36.83 9.79
C ASP B 202 26.10 35.46 9.78
N LEU B 203 25.50 34.50 10.48
CA LEU B 203 26.06 33.16 10.55
C LEU B 203 26.15 32.51 9.17
N ALA B 204 25.06 32.60 8.40
CA ALA B 204 25.05 32.00 7.09
C ALA B 204 26.16 32.61 6.23
N ARG B 205 26.28 33.94 6.25
CA ARG B 205 27.31 34.64 5.46
C ARG B 205 28.74 34.22 5.84
N PHE B 206 28.99 34.12 7.14
CA PHE B 206 30.29 33.70 7.65
C PHE B 206 30.60 32.24 7.26
N PHE B 207 29.62 31.36 7.48
CA PHE B 207 29.72 29.93 7.17
C PHE B 207 29.94 29.62 5.68
N PHE B 208 29.08 30.15 4.83
CA PHE B 208 29.20 29.88 3.40
C PHE B 208 30.49 30.50 2.83
N GLY B 209 30.84 31.69 3.28
CA GLY B 209 32.13 32.33 2.92
C GLY B 209 33.33 31.46 3.25
N ARG B 210 33.35 30.92 4.47
CA ARG B 210 34.37 29.95 4.96
C ARG B 210 34.43 28.67 4.15
N CYS B 211 33.25 28.09 3.92
CA CYS B 211 33.14 26.86 3.14
C CYS B 211 33.61 27.06 1.71
N LEU B 212 33.31 28.21 1.11
CA LEU B 212 33.73 28.48 -0.27
C LEU B 212 35.25 28.58 -0.38
N GLU B 213 35.85 29.34 0.52
CA GLU B 213 37.31 29.48 0.64
C GLU B 213 37.98 28.11 0.80
N ALA B 214 37.41 27.27 1.67
CA ALA B 214 37.94 25.93 1.93
C ALA B 214 37.56 24.89 0.89
N LYS B 215 36.64 25.22 -0.02
CA LYS B 215 36.16 24.31 -1.06
C LYS B 215 35.51 23.06 -0.47
N VAL B 216 34.65 23.26 0.53
CA VAL B 216 33.92 22.17 1.17
C VAL B 216 32.44 22.35 0.94
N THR B 217 31.73 21.24 0.81
CA THR B 217 30.29 21.25 0.61
C THR B 217 29.60 21.58 1.92
N PRO B 218 28.79 22.66 1.96
CA PRO B 218 28.07 23.02 3.21
C PRO B 218 26.78 22.22 3.40
N TYR B 219 26.42 21.98 4.66
CA TYR B 219 25.19 21.31 5.04
C TYR B 219 24.61 22.05 6.24
N VAL B 220 23.28 22.11 6.30
CA VAL B 220 22.57 22.69 7.44
C VAL B 220 21.89 21.56 8.21
N VAL B 221 22.01 21.62 9.54
CA VAL B 221 21.64 20.51 10.40
C VAL B 221 20.66 20.97 11.47
N THR B 222 19.44 20.42 11.46
CA THR B 222 18.42 20.73 12.48
C THR B 222 17.54 19.50 12.72
N LYS B 223 16.59 19.64 13.66
CA LYS B 223 15.52 18.67 13.84
C LYS B 223 14.15 19.29 13.45
N LYS B 224 14.16 20.15 12.42
CA LYS B 224 12.98 21.01 12.09
C LYS B 224 11.72 20.24 11.66
N THR B 225 11.90 19.01 11.19
CA THR B 225 10.78 18.14 10.86
C THR B 225 9.81 17.98 12.04
N VAL B 226 10.36 17.83 13.24
CA VAL B 226 9.60 17.64 14.47
C VAL B 226 9.60 18.90 15.32
N PHE B 227 10.77 19.52 15.46
CA PHE B 227 10.91 20.76 16.22
C PHE B 227 10.71 21.92 15.24
N LYS B 228 9.45 22.16 14.89
CA LYS B 228 9.10 22.95 13.72
C LYS B 228 9.48 24.43 13.83
N TRP B 229 9.60 24.90 15.05
CA TRP B 229 10.13 26.24 15.35
C TRP B 229 11.55 26.51 14.85
N GLN B 230 12.30 25.43 14.57
CA GLN B 230 13.63 25.56 13.95
C GLN B 230 13.64 25.90 12.47
N GLU B 231 12.47 25.88 11.81
CA GLU B 231 12.40 26.12 10.36
C GLU B 231 13.18 27.36 9.87
N PRO B 232 13.09 28.50 10.58
CA PRO B 232 13.81 29.71 10.14
C PRO B 232 15.32 29.60 10.08
N PHE B 233 15.90 28.75 10.94
CA PHE B 233 17.36 28.48 10.87
C PHE B 233 17.70 27.95 9.48
N TRP B 234 16.89 27.02 8.98
CA TRP B 234 17.05 26.50 7.61
C TRP B 234 16.73 27.54 6.52
N GLN B 235 15.57 28.18 6.66
CA GLN B 235 15.09 29.14 5.64
C GLN B 235 16.04 30.32 5.44
N ILE B 236 16.55 30.87 6.54
CA ILE B 236 17.54 31.95 6.48
C ILE B 236 18.82 31.50 5.78
N MET B 237 19.34 30.35 6.21
CA MET B 237 20.51 29.73 5.59
C MET B 237 20.28 29.52 4.09
N ARG B 238 19.16 28.88 3.72
CA ARG B 238 18.91 28.54 2.31
C ARG B 238 18.81 29.80 1.46
N THR B 239 18.13 30.82 1.99
CA THR B 239 17.93 32.08 1.28
C THR B 239 19.26 32.78 1.02
N VAL B 240 20.07 32.91 2.06
CA VAL B 240 21.41 33.51 1.92
C VAL B 240 22.23 32.73 0.89
N PHE B 241 22.23 31.39 1.01
CA PHE B 241 22.98 30.57 0.09
C PHE B 241 22.56 30.76 -1.38
N ASP B 242 21.27 30.58 -1.64
CA ASP B 242 20.73 30.70 -2.99
C ASP B 242 21.04 32.07 -3.60
N GLU B 243 20.81 33.14 -2.84
CA GLU B 243 20.94 34.49 -3.36
C GLU B 243 22.38 34.97 -3.45
N GLU B 244 23.23 34.55 -2.51
CA GLU B 244 24.56 35.14 -2.37
C GLU B 244 25.75 34.21 -2.60
N PHE B 245 25.52 32.90 -2.67
CA PHE B 245 26.65 31.93 -2.69
C PHE B 245 26.58 30.80 -3.71
N LYS B 246 25.38 30.32 -4.07
CA LYS B 246 25.28 29.13 -4.93
C LYS B 246 26.07 29.28 -6.24
N ALA B 247 25.83 30.39 -6.94
CA ALA B 247 26.57 30.71 -8.17
C ALA B 247 28.08 30.62 -7.99
N GLN B 248 28.56 31.19 -6.89
CA GLN B 248 29.99 31.13 -6.53
C GLN B 248 30.48 29.72 -6.28
N PHE B 249 29.70 28.91 -5.55
CA PHE B 249 30.05 27.50 -5.31
C PHE B 249 30.16 26.68 -6.60
N VAL B 250 29.24 26.91 -7.55
CA VAL B 250 29.25 26.20 -8.83
C VAL B 250 30.47 26.63 -9.66
N ALA B 251 30.66 27.95 -9.78
CA ALA B 251 31.80 28.55 -10.47
C ALA B 251 33.16 28.04 -9.95
N ALA B 252 33.26 27.87 -8.63
CA ALA B 252 34.48 27.34 -8.00
C ALA B 252 34.62 25.80 -8.09
N GLY B 253 33.63 25.12 -8.65
CA GLY B 253 33.69 23.67 -8.83
C GLY B 253 33.33 22.85 -7.60
N VAL B 254 32.84 23.51 -6.54
CA VAL B 254 32.55 22.83 -5.27
C VAL B 254 31.22 22.07 -5.37
N MET B 255 30.23 22.69 -5.98
CA MET B 255 28.92 22.06 -6.24
C MET B 255 28.61 22.10 -7.75
N LYS B 256 27.87 21.10 -8.24
CA LYS B 256 27.49 21.02 -9.65
C LYS B 256 26.31 21.93 -9.95
N GLU B 257 26.12 22.25 -11.22
CA GLU B 257 24.91 22.94 -11.69
C GLU B 257 23.62 22.25 -11.24
N GLY B 258 22.71 23.02 -10.66
CA GLY B 258 21.43 22.50 -10.17
C GLY B 258 21.46 21.71 -8.87
N GLU B 259 22.62 21.62 -8.22
CA GLU B 259 22.76 21.02 -6.90
C GLU B 259 22.22 22.01 -5.87
N GLU B 260 21.27 21.57 -5.05
CA GLU B 260 20.68 22.44 -4.03
C GLU B 260 21.45 22.25 -2.71
N LEU B 261 21.42 23.29 -1.87
CA LEU B 261 21.89 23.19 -0.49
C LEU B 261 21.09 22.08 0.20
N VAL B 262 21.82 21.20 0.90
CA VAL B 262 21.22 20.05 1.55
C VAL B 262 20.96 20.35 3.03
N HIS B 263 19.80 19.89 3.50
CA HIS B 263 19.48 19.90 4.91
C HIS B 263 19.61 18.47 5.40
N LEU B 264 20.28 18.30 6.54
CA LEU B 264 20.39 17.01 7.22
C LEU B 264 19.66 17.06 8.55
N LEU B 265 18.90 16.04 8.89
CA LEU B 265 18.39 15.94 10.27
C LEU B 265 19.56 15.68 11.22
N SER B 266 19.45 16.18 12.45
CA SER B 266 20.54 16.02 13.42
C SER B 266 20.87 14.57 13.69
N ASP B 267 19.83 13.72 13.72
CA ASP B 267 20.05 12.27 13.91
C ASP B 267 20.64 11.58 12.68
N ALA B 268 20.40 12.10 11.49
CA ALA B 268 21.16 11.68 10.29
C ALA B 268 22.59 12.17 10.32
N ALA B 269 22.81 13.42 10.74
CA ALA B 269 24.17 13.99 10.76
C ALA B 269 25.15 13.20 11.65
N THR B 270 24.65 12.63 12.75
CA THR B 270 25.46 11.78 13.58
C THR B 270 26.02 10.57 12.79
N MET B 271 25.25 10.09 11.82
CA MET B 271 25.64 8.95 11.02
C MET B 271 26.64 9.43 9.99
N LYS B 272 26.35 10.56 9.38
CA LYS B 272 27.25 11.12 8.37
C LYS B 272 28.65 11.39 8.93
N LEU B 273 28.75 11.88 10.16
CA LEU B 273 30.09 12.12 10.75
C LEU B 273 30.97 10.88 10.85
N VAL B 274 30.35 9.72 11.07
CA VAL B 274 31.07 8.47 11.08
C VAL B 274 31.38 8.01 9.66
N GLN B 275 30.43 8.18 8.74
CA GLN B 275 30.59 7.69 7.35
C GLN B 275 31.59 8.48 6.54
N TRP B 276 31.54 9.80 6.70
CA TRP B 276 32.22 10.70 5.78
C TRP B 276 33.67 10.93 6.18
N ARG B 277 34.44 9.84 6.19
CA ARG B 277 35.83 9.87 6.60
C ARG B 277 36.77 10.58 5.64
N GLN B 278 36.34 10.77 4.41
CA GLN B 278 37.03 11.64 3.44
C GLN B 278 37.11 13.12 3.87
N GLY B 279 36.22 13.56 4.75
CA GLY B 279 36.16 14.97 5.13
C GLY B 279 35.66 15.80 3.97
N GLY B 280 36.09 17.06 3.94
CA GLY B 280 35.71 17.95 2.86
C GLY B 280 34.28 18.45 2.88
N PHE B 281 33.69 18.61 4.08
CA PHE B 281 32.34 19.12 4.23
C PHE B 281 32.26 20.13 5.38
N GLY B 282 31.17 20.90 5.37
CA GLY B 282 30.86 21.87 6.42
C GLY B 282 29.46 21.62 6.96
N MET B 283 29.28 21.77 8.28
CA MET B 283 27.97 21.67 8.91
C MET B 283 27.72 22.89 9.77
N ALA B 284 26.48 23.39 9.73
CA ALA B 284 26.00 24.45 10.65
C ALA B 284 24.77 23.95 11.41
N ALA B 285 24.75 24.17 12.72
CA ALA B 285 23.71 23.65 13.59
C ALA B 285 23.39 24.61 14.74
N HIS B 286 22.29 24.34 15.43
CA HIS B 286 21.92 25.11 16.64
C HIS B 286 22.94 24.80 17.75
N ASN B 287 22.82 25.54 18.85
CA ASN B 287 23.77 25.52 19.98
C ASN B 287 24.00 24.12 20.55
N TYR B 288 22.94 23.45 21.01
CA TYR B 288 23.07 22.10 21.60
C TYR B 288 23.50 21.04 20.58
N ASP B 289 22.85 21.01 19.43
CA ASP B 289 23.22 20.05 18.37
C ASP B 289 24.69 20.19 18.02
N GLY B 290 25.16 21.44 17.93
CA GLY B 290 26.57 21.73 17.66
C GLY B 290 27.48 21.24 18.78
N ASP B 291 27.06 21.43 20.03
CA ASP B 291 27.78 20.93 21.21
C ASP B 291 28.03 19.41 21.08
N VAL B 292 26.94 18.66 20.85
CA VAL B 292 27.00 17.19 20.78
C VAL B 292 27.77 16.70 19.54
N LEU B 293 27.38 17.20 18.38
CA LEU B 293 27.99 16.76 17.11
C LEU B 293 29.49 17.06 17.00
N THR B 294 29.92 18.18 17.55
CA THR B 294 31.34 18.53 17.45
C THR B 294 32.22 17.69 18.34
N ASP B 295 31.69 17.19 19.46
CA ASP B 295 32.46 16.20 20.23
C ASP B 295 32.53 14.86 19.52
N GLU B 296 31.46 14.48 18.82
CA GLU B 296 31.50 13.29 17.94
C GLU B 296 32.58 13.45 16.87
N LEU B 297 32.58 14.61 16.25
CA LEU B 297 33.59 15.00 15.27
C LEU B 297 35.01 14.85 15.83
N ALA B 298 35.23 15.37 17.05
CA ALA B 298 36.50 15.19 17.76
C ALA B 298 36.93 13.72 17.85
N GLN B 299 36.00 12.86 18.27
CA GLN B 299 36.31 11.44 18.43
C GLN B 299 36.62 10.72 17.12
N VAL B 300 35.86 11.03 16.07
CA VAL B 300 36.14 10.48 14.75
C VAL B 300 37.49 10.98 14.24
N HIS B 301 37.81 12.25 14.46
CA HIS B 301 39.05 12.82 13.93
C HIS B 301 40.27 12.30 14.70
N LYS B 302 40.23 12.40 16.02
CA LYS B 302 41.27 11.84 16.89
C LYS B 302 40.86 12.03 18.34
N SER B 303 40.79 13.29 18.78
CA SER B 303 40.43 13.61 20.15
C SER B 303 40.14 15.12 20.20
N PRO B 304 39.64 15.62 21.35
CA PRO B 304 39.21 17.01 21.41
C PRO B 304 40.27 18.02 21.04
N GLY B 305 41.53 17.75 21.40
CA GLY B 305 42.65 18.61 21.05
C GLY B 305 42.83 18.91 19.56
N PHE B 306 42.28 18.05 18.69
CA PHE B 306 42.44 18.23 17.24
C PHE B 306 41.22 18.88 16.55
N ILE B 307 40.35 19.53 17.34
CA ILE B 307 39.23 20.31 16.85
C ILE B 307 39.39 21.71 17.43
N THR B 308 39.15 22.75 16.63
CA THR B 308 39.23 24.14 17.14
C THR B 308 38.04 24.49 18.05
N SER B 309 38.14 25.59 18.80
CA SER B 309 36.96 26.21 19.47
C SER B 309 37.12 27.72 19.33
N ASN B 310 36.66 28.24 18.19
CA ASN B 310 36.89 29.62 17.78
C ASN B 310 35.58 30.41 17.79
N LEU B 311 35.44 31.26 18.81
CA LEU B 311 34.27 32.12 18.96
C LEU B 311 34.35 33.28 17.99
N VAL B 312 33.28 33.48 17.21
CA VAL B 312 33.18 34.62 16.30
C VAL B 312 31.95 35.44 16.63
N GLY B 313 32.16 36.75 16.81
CA GLY B 313 31.08 37.69 17.06
C GLY B 313 31.18 38.92 16.18
N VAL B 314 30.15 39.76 16.22
CA VAL B 314 30.01 40.89 15.32
C VAL B 314 30.11 42.15 16.16
N HIS B 315 31.13 42.95 15.90
CA HIS B 315 31.30 44.25 16.54
C HIS B 315 30.23 45.21 16.00
N GLU B 316 29.83 46.17 16.85
CA GLU B 316 28.97 47.30 16.47
C GLU B 316 29.39 48.03 15.20
N ASP B 317 30.70 48.06 14.91
CA ASP B 317 31.26 48.81 13.77
C ASP B 317 31.31 47.97 12.47
N GLY B 318 30.80 46.74 12.52
CA GLY B 318 30.70 45.87 11.36
C GLY B 318 31.80 44.83 11.23
N THR B 319 32.92 45.00 11.93
CA THR B 319 34.03 44.06 11.84
C THR B 319 33.76 42.91 12.79
N LEU B 320 34.57 41.85 12.67
CA LEU B 320 34.38 40.66 13.50
C LEU B 320 35.34 40.60 14.69
N ILE B 321 34.79 40.18 15.84
CA ILE B 321 35.57 39.88 17.03
C ILE B 321 35.82 38.37 16.97
N LYS B 322 37.09 37.96 17.11
CA LYS B 322 37.43 36.54 16.97
C LYS B 322 38.33 36.13 18.15
N GLU B 323 37.85 35.13 18.90
CA GLU B 323 38.54 34.56 20.02
C GLU B 323 38.87 33.13 19.65
N PHE B 324 40.07 32.69 20.03
CA PHE B 324 40.61 31.39 19.63
C PHE B 324 41.07 30.61 20.86
N GLU B 325 40.65 29.34 20.96
CA GLU B 325 41.05 28.43 22.04
C GLU B 325 41.30 27.04 21.52
N ALA B 326 42.16 26.31 22.22
CA ALA B 326 42.27 24.86 22.02
C ALA B 326 41.06 24.21 22.70
N SER B 327 40.72 23.00 22.31
CA SER B 327 39.53 22.31 22.83
C SER B 327 39.85 21.34 23.96
N HIS B 328 41.08 21.31 24.45
CA HIS B 328 41.43 20.51 25.63
C HIS B 328 41.54 21.44 26.82
N GLY B 329 41.67 20.87 28.01
CA GLY B 329 41.86 21.67 29.24
C GLY B 329 43.32 21.94 29.55
N THR B 330 43.61 22.19 30.83
CA THR B 330 44.94 22.55 31.29
C THR B 330 45.89 21.37 31.51
N VAL B 331 45.40 20.17 31.32
CA VAL B 331 46.16 18.92 31.41
C VAL B 331 46.86 18.81 32.77
N ALA B 332 46.04 18.94 33.83
CA ALA B 332 46.50 18.83 35.22
C ALA B 332 47.32 17.57 35.51
N ASP B 333 46.93 16.44 34.92
CA ASP B 333 47.64 15.15 35.11
C ASP B 333 49.10 15.27 34.70
N MET B 334 49.32 15.93 33.57
CA MET B 334 50.64 16.14 33.05
C MET B 334 51.44 17.13 33.89
N ASP B 335 50.75 18.17 34.38
CA ASP B 335 51.38 19.12 35.29
C ASP B 335 51.85 18.42 36.56
N GLU B 336 51.00 17.55 37.09
CA GLU B 336 51.39 16.68 38.23
C GLU B 336 52.64 15.85 37.92
N ALA B 337 52.68 15.24 36.72
CA ALA B 337 53.84 14.44 36.29
C ALA B 337 55.10 15.28 36.23
N ARG B 338 54.99 16.48 35.66
CA ARG B 338 56.11 17.43 35.60
C ARG B 338 56.64 17.66 37.03
N LEU B 339 55.73 17.91 37.96
CA LEU B 339 56.08 18.19 39.38
C LEU B 339 56.50 16.93 40.19
N ARG B 340 56.33 15.74 39.61
CA ARG B 340 56.98 14.50 40.07
C ARG B 340 58.30 14.14 39.37
N GLY B 341 58.82 15.05 38.54
CA GLY B 341 60.07 14.83 37.83
C GLY B 341 60.00 13.84 36.69
N GLU B 342 58.80 13.57 36.18
CA GLU B 342 58.56 12.60 35.13
C GLU B 342 58.49 13.32 33.79
N GLU B 343 59.00 12.67 32.75
CA GLU B 343 58.93 13.20 31.40
C GLU B 343 57.48 13.42 30.98
N THR B 344 57.24 14.51 30.26
CA THR B 344 55.94 14.81 29.67
C THR B 344 56.09 15.00 28.18
N SER B 345 54.96 14.93 27.45
CA SER B 345 54.94 15.21 26.02
C SER B 345 53.61 15.85 25.65
N LEU B 346 53.45 17.13 25.94
CA LEU B 346 52.21 17.84 25.59
C LEU B 346 52.31 18.28 24.14
N ASN B 347 51.35 17.86 23.31
CA ASN B 347 51.27 18.34 21.93
C ASN B 347 50.66 19.75 21.94
N PRO B 348 51.44 20.77 21.57
CA PRO B 348 50.95 22.13 21.62
C PRO B 348 50.14 22.56 20.38
N LEU B 349 49.87 21.64 19.46
CA LEU B 349 49.29 22.04 18.17
C LEU B 349 47.93 22.71 18.26
N GLY B 350 47.06 22.24 19.16
CA GLY B 350 45.75 22.88 19.33
C GLY B 350 45.87 24.33 19.77
N MET B 351 46.72 24.57 20.76
CA MET B 351 46.93 25.93 21.26
C MET B 351 47.64 26.81 20.23
N VAL B 352 48.61 26.25 19.53
CA VAL B 352 49.33 26.97 18.47
C VAL B 352 48.41 27.36 17.32
N GLU B 353 47.53 26.46 16.89
CA GLU B 353 46.50 26.85 15.91
C GLU B 353 45.65 28.01 16.43
N GLY B 354 45.27 27.97 17.71
CA GLY B 354 44.54 29.10 18.27
C GLY B 354 45.34 30.41 18.21
N LEU B 355 46.62 30.34 18.60
CA LEU B 355 47.45 31.54 18.67
C LEU B 355 47.69 32.08 17.27
N ILE B 356 47.91 31.17 16.32
CA ILE B 356 48.03 31.52 14.91
C ILE B 356 46.78 32.28 14.42
N GLY B 357 45.61 31.73 14.70
CA GLY B 357 44.38 32.35 14.28
C GLY B 357 44.20 33.74 14.86
N ALA B 358 44.50 33.90 16.16
CA ALA B 358 44.39 35.18 16.83
C ALA B 358 45.37 36.21 16.28
N MET B 359 46.62 35.81 16.09
CA MET B 359 47.66 36.71 15.55
C MET B 359 47.31 37.13 14.11
N ASN B 360 46.85 36.18 13.32
CA ASN B 360 46.41 36.47 11.93
C ASN B 360 45.25 37.43 11.90
N HIS B 361 44.24 37.21 12.75
CA HIS B 361 43.09 38.09 12.77
C HIS B 361 43.46 39.47 13.31
N ALA B 362 44.35 39.52 14.32
CA ALA B 362 44.83 40.79 14.85
C ALA B 362 45.48 41.62 13.70
N ALA B 363 46.39 40.99 12.97
CA ALA B 363 47.04 41.65 11.82
C ALA B 363 46.00 42.10 10.76
N ASP B 364 45.04 41.22 10.44
CA ASP B 364 44.04 41.51 9.43
C ASP B 364 43.06 42.60 9.83
N VAL B 365 42.48 42.50 11.02
CA VAL B 365 41.44 43.44 11.42
C VAL B 365 42.01 44.85 11.69
N HIS B 366 43.29 44.93 12.05
CA HIS B 366 43.97 46.22 12.28
C HIS B 366 44.88 46.69 11.14
N ASN B 367 45.07 45.83 10.13
CA ASN B 367 45.92 46.08 8.96
C ASN B 367 47.33 46.47 9.38
N ILE B 368 47.95 45.60 10.20
CA ILE B 368 49.30 45.82 10.72
C ILE B 368 50.17 44.60 10.44
N ASP B 369 51.21 44.80 9.62
CA ASP B 369 52.24 43.79 9.30
C ASP B 369 51.63 42.44 8.85
N ARG B 370 50.63 42.52 7.98
CA ARG B 370 49.88 41.33 7.55
C ARG B 370 50.74 40.29 6.85
N ASP B 371 51.50 40.72 5.84
CA ASP B 371 52.31 39.76 5.10
C ASP B 371 53.31 39.04 6.00
N ARG B 372 54.02 39.78 6.84
CA ARG B 372 55.06 39.17 7.69
C ARG B 372 54.43 38.27 8.75
N THR B 373 53.28 38.67 9.29
CA THR B 373 52.59 37.88 10.33
C THR B 373 52.08 36.56 9.75
N HIS B 374 51.41 36.63 8.59
CA HIS B 374 50.91 35.42 7.93
C HIS B 374 52.03 34.48 7.55
N ALA B 375 53.14 35.03 7.06
CA ALA B 375 54.32 34.26 6.70
C ALA B 375 54.93 33.52 7.90
N PHE B 376 54.97 34.21 9.03
CA PHE B 376 55.52 33.67 10.25
C PHE B 376 54.64 32.57 10.84
N THR B 377 53.34 32.83 10.88
CA THR B 377 52.41 31.86 11.45
C THR B 377 52.35 30.63 10.55
N THR B 378 52.36 30.82 9.23
CA THR B 378 52.49 29.71 8.28
C THR B 378 53.79 28.93 8.53
N LYS B 379 54.89 29.65 8.76
CA LYS B 379 56.18 29.01 9.04
C LYS B 379 56.16 28.12 10.29
N MET B 380 55.56 28.62 11.38
CA MET B 380 55.40 27.82 12.60
C MET B 380 54.68 26.53 12.26
N ARG B 381 53.54 26.63 11.56
CA ARG B 381 52.76 25.44 11.21
C ARG B 381 53.59 24.48 10.35
N THR B 382 54.24 25.00 9.30
CA THR B 382 55.05 24.15 8.42
C THR B 382 56.14 23.39 9.19
N VAL B 383 56.82 24.08 10.10
CA VAL B 383 57.91 23.49 10.88
C VAL B 383 57.36 22.39 11.79
N ILE B 384 56.26 22.69 12.46
CA ILE B 384 55.65 21.69 13.34
C ILE B 384 55.27 20.42 12.55
N HIS B 385 54.57 20.60 11.43
CA HIS B 385 54.16 19.45 10.61
C HIS B 385 55.35 18.61 10.13
N GLN B 386 56.40 19.29 9.69
CA GLN B 386 57.59 18.60 9.21
C GLN B 386 58.22 17.77 10.33
N LEU B 387 58.28 18.31 11.55
CA LEU B 387 58.77 17.53 12.69
C LEU B 387 57.96 16.27 12.95
N PHE B 388 56.63 16.40 12.95
CA PHE B 388 55.76 15.23 13.07
C PHE B 388 56.02 14.21 11.96
N ARG B 389 56.16 14.68 10.73
CA ARG B 389 56.47 13.84 9.55
C ARG B 389 57.72 12.97 9.79
N GLU B 390 58.76 13.60 10.35
CA GLU B 390 60.04 12.92 10.67
C GLU B 390 60.03 12.01 11.90
N GLY B 391 58.91 11.93 12.63
CA GLY B 391 58.85 11.18 13.89
C GLY B 391 59.46 11.95 15.06
N LYS B 392 59.62 13.27 14.92
CA LYS B 392 60.13 14.12 15.98
C LYS B 392 59.04 15.04 16.55
N GLY B 393 57.78 14.63 16.42
CA GLY B 393 56.69 15.29 17.12
C GLY B 393 56.56 14.69 18.49
N THR B 394 55.50 15.08 19.19
CA THR B 394 55.19 14.59 20.52
C THR B 394 54.72 13.13 20.48
N ARG B 395 54.67 12.52 21.65
CA ARG B 395 54.53 11.06 21.77
C ARG B 395 53.13 10.55 21.52
N ASP B 396 52.14 11.44 21.63
CA ASP B 396 50.76 11.12 21.24
C ASP B 396 50.64 10.60 19.80
N LEU B 397 51.39 11.19 18.89
CA LEU B 397 51.36 10.80 17.48
C LEU B 397 52.61 10.07 17.00
N CYS B 398 53.74 10.24 17.67
CA CYS B 398 55.01 9.68 17.19
C CYS B 398 55.50 8.52 18.04
N GLY B 399 54.70 8.10 19.02
CA GLY B 399 55.06 6.98 19.88
C GLY B 399 56.13 7.31 20.90
N PRO B 400 56.63 6.29 21.61
CA PRO B 400 57.61 6.50 22.68
C PRO B 400 58.90 7.22 22.24
N SER B 401 59.31 7.06 20.97
CA SER B 401 60.50 7.74 20.44
C SER B 401 60.29 9.23 20.11
N GLY B 402 59.03 9.68 20.19
CA GLY B 402 58.72 11.10 20.07
C GLY B 402 59.36 11.92 21.17
N LEU B 403 59.36 13.23 20.95
CA LEU B 403 60.03 14.17 21.82
C LEU B 403 59.19 14.52 23.03
N THR B 404 59.89 14.84 24.12
CA THR B 404 59.28 15.42 25.29
C THR B 404 58.77 16.83 24.97
N THR B 405 57.97 17.35 25.88
CA THR B 405 57.42 18.70 25.76
C THR B 405 58.53 19.71 25.44
N GLU B 406 59.58 19.69 26.26
CA GLU B 406 60.66 20.68 26.15
C GLU B 406 61.55 20.42 24.95
N GLN B 407 61.88 19.15 24.70
CA GLN B 407 62.57 18.77 23.45
C GLN B 407 61.83 19.26 22.18
N PHE B 408 60.50 19.14 22.17
CA PHE B 408 59.74 19.59 21.01
C PHE B 408 59.80 21.11 20.86
N ILE B 409 59.71 21.82 21.99
CA ILE B 409 59.79 23.29 21.95
C ILE B 409 61.13 23.74 21.36
N ASP B 410 62.23 23.10 21.76
CA ASP B 410 63.56 23.39 21.19
C ASP B 410 63.67 23.05 19.72
N ALA B 411 63.15 21.88 19.35
CA ALA B 411 63.19 21.41 17.97
C ALA B 411 62.55 22.42 17.01
N VAL B 412 61.37 22.95 17.38
CA VAL B 412 60.71 23.98 16.59
C VAL B 412 61.53 25.26 16.54
N ALA B 413 61.93 25.73 17.72
CA ALA B 413 62.68 26.99 17.85
C ALA B 413 63.92 27.04 16.97
N GLU B 414 64.69 25.96 16.90
CA GLU B 414 65.92 25.93 16.07
C GLU B 414 65.67 25.74 14.56
N ARG B 415 64.43 25.50 14.16
CA ARG B 415 64.05 25.43 12.75
C ARG B 415 63.29 26.67 12.25
N LEU B 416 62.80 27.49 13.18
CA LEU B 416 62.01 28.67 12.81
C LEU B 416 62.78 29.74 12.02
N ASP B 417 64.09 29.82 12.25
CA ASP B 417 64.95 30.87 11.66
C ASP B 417 64.58 32.24 12.21
N SER C 13 -25.25 34.96 -8.48
CA SER C 13 -26.24 34.66 -9.56
C SER C 13 -26.30 33.15 -9.75
N LYS C 14 -27.50 32.57 -9.76
CA LYS C 14 -27.61 31.10 -9.91
C LYS C 14 -27.08 30.63 -11.27
N ILE C 15 -26.72 29.36 -11.35
CA ILE C 15 -26.30 28.74 -12.60
C ILE C 15 -27.58 28.58 -13.44
N THR C 16 -27.52 28.86 -14.73
CA THR C 16 -28.66 28.63 -15.59
C THR C 16 -28.67 27.16 -16.02
N ALA C 17 -29.63 26.38 -15.52
CA ALA C 17 -29.82 25.01 -16.02
C ALA C 17 -30.30 25.02 -17.46
N ALA C 18 -29.67 24.20 -18.28
CA ALA C 18 -30.15 23.97 -19.62
C ALA C 18 -31.48 23.23 -19.56
N PRO C 19 -32.25 23.24 -20.66
CA PRO C 19 -33.48 22.44 -20.65
C PRO C 19 -33.18 20.97 -20.33
N MET C 20 -33.99 20.37 -19.47
CA MET C 20 -33.79 18.99 -19.03
C MET C 20 -35.14 18.42 -18.61
N VAL C 21 -35.37 17.14 -18.91
CA VAL C 21 -36.55 16.44 -18.42
C VAL C 21 -36.23 15.78 -17.08
N TYR C 22 -37.10 16.01 -16.08
CA TYR C 22 -36.97 15.40 -14.76
C TYR C 22 -38.19 14.52 -14.56
N VAL C 23 -37.96 13.21 -14.39
CA VAL C 23 -39.03 12.24 -14.13
C VAL C 23 -38.99 11.75 -12.69
N ARG C 24 -39.98 12.17 -11.91
CA ARG C 24 -40.12 11.78 -10.50
C ARG C 24 -40.87 10.46 -10.35
N GLY C 25 -40.46 9.65 -9.36
CA GLY C 25 -41.08 8.36 -9.07
C GLY C 25 -41.94 8.46 -7.82
N GLU C 26 -41.59 7.69 -6.81
CA GLU C 26 -42.37 7.64 -5.57
C GLU C 26 -41.58 6.99 -4.43
N GLU C 27 -42.23 6.85 -3.27
CA GLU C 27 -41.65 6.14 -2.13
C GLU C 27 -40.31 6.79 -1.70
N MET C 28 -39.31 6.00 -1.32
CA MET C 28 -38.18 6.55 -0.56
C MET C 28 -37.31 7.42 -1.46
N THR C 29 -37.08 6.95 -2.67
CA THR C 29 -36.24 7.65 -3.63
C THR C 29 -36.78 9.02 -4.04
N ALA C 30 -38.09 9.15 -4.20
CA ALA C 30 -38.71 10.43 -4.47
C ALA C 30 -38.60 11.35 -3.28
N TYR C 31 -38.80 10.82 -2.08
CA TYR C 31 -38.56 11.58 -0.86
C TYR C 31 -37.14 12.16 -0.78
N VAL C 32 -36.15 11.34 -1.10
CA VAL C 32 -34.74 11.78 -1.07
C VAL C 32 -34.47 12.83 -2.12
N MET C 33 -34.89 12.57 -3.36
CA MET C 33 -34.62 13.52 -4.44
C MET C 33 -35.37 14.85 -4.25
N ASP C 34 -36.55 14.81 -3.62
CA ASP C 34 -37.23 16.07 -3.22
C ASP C 34 -36.34 16.94 -2.33
N LEU C 35 -35.70 16.31 -1.34
CA LEU C 35 -34.78 17.04 -0.46
C LEU C 35 -33.55 17.57 -1.21
N ILE C 36 -33.01 16.75 -2.10
CA ILE C 36 -31.83 17.12 -2.87
C ILE C 36 -32.14 18.27 -3.82
N ARG C 37 -33.26 18.20 -4.50
CA ARG C 37 -33.68 19.34 -5.35
C ARG C 37 -33.86 20.63 -4.54
N SER C 38 -34.55 20.52 -3.42
CA SER C 38 -34.84 21.66 -2.55
C SER C 38 -33.58 22.25 -1.92
N ARG C 39 -32.70 21.38 -1.41
CA ARG C 39 -31.56 21.82 -0.57
C ARG C 39 -30.21 21.96 -1.29
N TRP C 40 -29.96 21.16 -2.32
CA TRP C 40 -28.68 21.25 -3.07
C TRP C 40 -28.82 22.06 -4.33
N ILE C 41 -29.86 21.76 -5.13
CA ILE C 41 -29.93 22.25 -6.51
C ILE C 41 -30.53 23.66 -6.60
N GLU C 42 -31.78 23.77 -6.18
CA GLU C 42 -32.57 25.00 -6.39
C GLU C 42 -31.92 26.29 -5.83
N PRO C 43 -31.21 26.23 -4.69
CA PRO C 43 -30.55 27.45 -4.19
C PRO C 43 -29.40 27.97 -5.07
N ARG C 44 -28.84 27.08 -5.87
CA ARG C 44 -27.64 27.37 -6.64
C ARG C 44 -27.85 27.34 -8.15
N VAL C 45 -28.98 26.78 -8.58
CA VAL C 45 -29.25 26.55 -9.99
C VAL C 45 -30.68 26.99 -10.27
N ASP C 46 -30.81 27.83 -11.28
CA ASP C 46 -32.08 28.27 -11.82
C ASP C 46 -32.60 27.14 -12.68
N VAL C 47 -33.62 26.46 -12.17
CA VAL C 47 -34.17 25.28 -12.84
C VAL C 47 -35.44 25.62 -13.65
N GLY C 48 -35.54 26.85 -14.14
CA GLY C 48 -36.67 27.27 -14.94
C GLY C 48 -36.85 26.42 -16.19
N GLY C 49 -35.73 26.00 -16.77
CA GLY C 49 -35.74 25.13 -17.94
C GLY C 49 -36.05 23.66 -17.73
N TRP C 50 -36.17 23.20 -16.49
CA TRP C 50 -36.52 21.81 -16.21
C TRP C 50 -38.01 21.60 -16.45
N GLU C 51 -38.33 20.53 -17.18
CA GLU C 51 -39.72 20.13 -17.35
C GLU C 51 -39.88 18.87 -16.53
N THR C 52 -40.66 18.97 -15.46
CA THR C 52 -40.80 17.91 -14.48
C THR C 52 -42.10 17.13 -14.66
N PHE C 53 -42.02 15.80 -14.53
CA PHE C 53 -43.15 14.92 -14.71
C PHE C 53 -43.31 13.98 -13.53
N ASP C 54 -44.57 13.74 -13.19
CA ASP C 54 -44.93 12.93 -12.04
C ASP C 54 -45.22 11.53 -12.56
N LEU C 55 -44.28 10.61 -12.37
CA LEU C 55 -44.47 9.21 -12.79
C LEU C 55 -44.70 8.23 -11.63
N ARG C 56 -45.41 8.69 -10.62
CA ARG C 56 -46.09 7.78 -9.69
C ARG C 56 -46.94 6.82 -10.51
N ALA C 57 -47.00 5.57 -10.07
CA ALA C 57 -47.92 4.61 -10.66
C ALA C 57 -49.34 5.20 -10.66
N LYS C 58 -49.72 5.83 -9.54
CA LYS C 58 -51.02 6.50 -9.40
C LYS C 58 -51.22 7.56 -10.46
N ASN C 59 -50.17 8.31 -10.81
CA ASN C 59 -50.29 9.32 -11.84
C ASN C 59 -50.32 8.82 -13.28
N ARG C 60 -49.64 7.70 -13.60
CA ARG C 60 -49.82 7.05 -14.89
C ARG C 60 -51.31 6.68 -15.05
N ASP C 61 -51.86 6.06 -14.00
CA ASP C 61 -53.28 5.70 -13.99
C ASP C 61 -54.22 6.91 -14.05
N ASP C 62 -53.99 7.90 -13.19
CA ASP C 62 -54.83 9.12 -13.14
C ASP C 62 -54.89 9.94 -14.43
N THR C 63 -53.81 9.88 -15.24
CA THR C 63 -53.74 10.58 -16.51
C THR C 63 -54.00 9.69 -17.72
N GLU C 64 -54.52 8.47 -17.49
CA GLU C 64 -54.68 7.47 -18.54
C GLU C 64 -53.41 7.32 -19.40
N ASP C 65 -52.27 7.39 -18.69
CA ASP C 65 -50.93 7.36 -19.27
C ASP C 65 -50.52 8.52 -20.18
N ARG C 66 -51.26 9.63 -20.21
CA ARG C 66 -50.80 10.81 -20.93
C ARG C 66 -49.42 11.26 -20.40
N VAL C 67 -49.18 11.13 -19.09
CA VAL C 67 -47.89 11.55 -18.51
C VAL C 67 -46.69 10.86 -19.18
N LEU C 68 -46.81 9.58 -19.51
CA LEU C 68 -45.71 8.86 -20.16
C LEU C 68 -45.45 9.41 -21.56
N ARG C 69 -46.51 9.63 -22.35
CA ARG C 69 -46.36 10.22 -23.69
C ARG C 69 -45.73 11.62 -23.61
N ASP C 70 -46.14 12.40 -22.62
CA ASP C 70 -45.59 13.74 -22.38
C ASP C 70 -44.09 13.67 -22.04
N VAL C 71 -43.72 12.69 -21.23
CA VAL C 71 -42.30 12.46 -20.91
C VAL C 71 -41.54 12.14 -22.19
N ILE C 72 -42.05 11.25 -23.01
CA ILE C 72 -41.37 10.86 -24.25
C ILE C 72 -41.22 12.03 -25.25
N GLU C 73 -42.29 12.81 -25.46
CA GLU C 73 -42.25 13.98 -26.34
C GLU C 73 -41.21 14.97 -25.84
N ALA C 74 -41.25 15.28 -24.54
CA ALA C 74 -40.32 16.26 -23.98
C ALA C 74 -38.87 15.78 -24.12
N GLY C 75 -38.62 14.50 -23.88
CA GLY C 75 -37.26 13.94 -24.01
C GLY C 75 -36.72 14.01 -25.43
N LYS C 76 -37.60 13.80 -26.42
CA LYS C 76 -37.24 13.94 -27.84
C LYS C 76 -36.81 15.36 -28.17
N ARG C 77 -37.53 16.34 -27.60
CA ARG C 77 -37.30 17.74 -27.87
C ARG C 77 -36.05 18.23 -27.15
N ILE C 78 -35.94 17.87 -25.88
CA ILE C 78 -34.93 18.43 -24.96
C ILE C 78 -33.62 17.64 -24.94
N LYS C 79 -33.70 16.33 -25.19
CA LYS C 79 -32.54 15.45 -25.40
C LYS C 79 -31.73 15.07 -24.16
N ALA C 80 -32.19 15.49 -22.98
CA ALA C 80 -31.48 15.21 -21.74
C ALA C 80 -32.54 14.91 -20.69
N ILE C 81 -32.46 13.72 -20.10
CA ILE C 81 -33.50 13.25 -19.17
C ILE C 81 -32.84 12.62 -17.95
N PHE C 82 -33.29 13.02 -16.76
CA PHE C 82 -33.01 12.26 -15.54
C PHE C 82 -34.30 11.61 -15.11
N LYS C 83 -34.27 10.29 -14.89
CA LYS C 83 -35.45 9.56 -14.39
C LYS C 83 -35.10 8.88 -13.06
N GLU C 84 -35.90 9.18 -12.04
CA GLU C 84 -35.80 8.47 -10.76
C GLU C 84 -36.29 7.03 -10.91
N PRO C 85 -35.96 6.17 -9.92
CA PRO C 85 -36.61 4.85 -9.90
C PRO C 85 -38.14 4.99 -9.81
N THR C 86 -38.84 4.07 -10.47
CA THR C 86 -40.30 4.14 -10.55
C THR C 86 -40.91 2.77 -10.30
N VAL C 87 -42.21 2.80 -10.00
CA VAL C 87 -42.99 1.59 -9.73
C VAL C 87 -43.87 1.36 -10.94
N THR C 88 -43.65 0.24 -11.63
CA THR C 88 -44.45 -0.11 -12.78
C THR C 88 -45.84 -0.48 -12.26
N PRO C 89 -46.94 0.00 -12.91
CA PRO C 89 -48.26 -0.32 -12.34
C PRO C 89 -48.75 -1.70 -12.79
N THR C 90 -48.08 -2.72 -12.26
CA THR C 90 -48.39 -4.12 -12.53
C THR C 90 -49.70 -4.50 -11.83
N ALA C 91 -50.25 -5.65 -12.21
CA ALA C 91 -51.49 -6.19 -11.58
C ALA C 91 -51.42 -6.18 -10.05
N ASP C 92 -50.26 -6.57 -9.51
CA ASP C 92 -50.04 -6.61 -8.05
C ASP C 92 -50.11 -5.23 -7.36
N GLN C 93 -49.80 -4.17 -8.11
CA GLN C 93 -49.86 -2.80 -7.59
C GLN C 93 -51.25 -2.18 -7.64
N VAL C 94 -52.17 -2.75 -8.43
CA VAL C 94 -53.48 -2.15 -8.64
C VAL C 94 -54.30 -2.09 -7.34
N LYS C 95 -54.38 -3.21 -6.62
CA LYS C 95 -55.11 -3.28 -5.35
C LYS C 95 -54.39 -2.48 -4.26
N ARG C 96 -53.08 -2.70 -4.15
CA ARG C 96 -52.21 -1.94 -3.22
C ARG C 96 -52.41 -0.42 -3.33
N LEU C 97 -52.34 0.11 -4.55
CA LEU C 97 -52.41 1.56 -4.79
C LEU C 97 -53.78 2.11 -5.18
N GLY C 98 -54.78 1.23 -5.32
CA GLY C 98 -56.12 1.66 -5.70
C GLY C 98 -56.16 2.27 -7.10
N LEU C 99 -55.54 1.58 -8.05
CA LEU C 99 -55.54 2.03 -9.45
C LEU C 99 -56.79 1.51 -10.13
N ARG C 100 -57.24 2.20 -11.17
CA ARG C 100 -58.33 1.71 -11.99
C ARG C 100 -57.91 0.47 -12.78
N LYS C 101 -56.66 0.45 -13.22
CA LYS C 101 -56.15 -0.61 -14.06
C LYS C 101 -54.63 -0.65 -14.07
N SER C 102 -54.10 -1.73 -14.65
CA SER C 102 -52.67 -1.95 -14.75
C SER C 102 -52.12 -1.33 -16.04
N TRP C 103 -50.83 -1.01 -16.04
CA TRP C 103 -50.14 -0.41 -17.18
C TRP C 103 -48.79 -1.08 -17.33
N GLY C 104 -48.32 -1.21 -18.58
CA GLY C 104 -47.05 -1.89 -18.85
C GLY C 104 -45.82 -1.08 -18.47
N SER C 105 -44.66 -1.73 -18.53
CA SER C 105 -43.38 -1.06 -18.30
C SER C 105 -43.24 0.10 -19.28
N PRO C 106 -42.72 1.26 -18.82
CA PRO C 106 -42.48 2.35 -19.79
C PRO C 106 -41.23 2.16 -20.67
N ASN C 107 -40.42 1.15 -20.42
CA ASN C 107 -39.07 1.10 -20.99
C ASN C 107 -39.05 1.02 -22.51
N GLY C 108 -39.89 0.16 -23.08
CA GLY C 108 -40.01 0.00 -24.53
C GLY C 108 -40.37 1.29 -25.24
N ALA C 109 -41.36 1.98 -24.70
CA ALA C 109 -41.84 3.23 -25.28
C ALA C 109 -40.74 4.29 -25.22
N MET C 110 -39.98 4.33 -24.13
CA MET C 110 -38.87 5.27 -24.00
C MET C 110 -37.75 4.97 -24.97
N ARG C 111 -37.36 3.70 -25.06
CA ARG C 111 -36.33 3.28 -26.01
CA ARG C 111 -36.33 3.26 -26.01
C ARG C 111 -36.71 3.54 -27.46
N ARG C 112 -37.94 3.20 -27.84
CA ARG C 112 -38.36 3.48 -29.22
C ARG C 112 -38.48 4.98 -29.48
N GLY C 113 -39.07 5.70 -28.53
CA GLY C 113 -39.32 7.13 -28.67
C GLY C 113 -38.06 7.96 -28.75
N TRP C 114 -36.98 7.49 -28.12
CA TRP C 114 -35.71 8.22 -28.12
C TRP C 114 -34.65 7.57 -29.02
N ASN C 115 -35.06 6.65 -29.89
CA ASN C 115 -34.16 5.99 -30.85
C ASN C 115 -32.95 5.37 -30.15
N GLY C 116 -33.20 4.72 -29.02
CA GLY C 116 -32.12 4.18 -28.20
C GLY C 116 -31.28 3.15 -28.92
N ILE C 117 -29.97 3.29 -28.79
CA ILE C 117 -29.00 2.35 -29.37
C ILE C 117 -28.22 1.57 -28.31
N THR C 118 -28.08 2.13 -27.10
CA THR C 118 -27.37 1.46 -26.03
C THR C 118 -27.91 1.84 -24.67
N ILE C 119 -27.76 0.90 -23.75
CA ILE C 119 -27.86 1.18 -22.33
C ILE C 119 -26.44 1.16 -21.78
N SER C 120 -25.97 2.30 -21.29
CA SER C 120 -24.62 2.42 -20.71
C SER C 120 -24.65 2.05 -19.25
N ARG C 121 -23.83 1.08 -18.89
CA ARG C 121 -23.81 0.51 -17.54
C ARG C 121 -22.38 0.55 -17.01
N ASP C 122 -22.08 1.64 -16.31
CA ASP C 122 -20.75 2.00 -15.87
C ASP C 122 -20.64 1.87 -14.36
N THR C 123 -19.44 1.52 -13.88
CA THR C 123 -19.19 1.46 -12.45
C THR C 123 -19.13 2.87 -11.86
N ILE C 124 -19.65 3.01 -10.66
CA ILE C 124 -19.70 4.27 -9.91
C ILE C 124 -18.64 4.14 -8.82
N HIS C 125 -17.79 5.17 -8.72
CA HIS C 125 -16.64 5.16 -7.82
C HIS C 125 -16.71 6.28 -6.78
N ILE C 126 -16.11 6.03 -5.62
CA ILE C 126 -15.94 7.03 -4.56
C ILE C 126 -14.43 7.11 -4.31
N ASP C 127 -13.84 8.28 -4.60
CA ASP C 127 -12.42 8.57 -4.39
C ASP C 127 -12.08 8.29 -2.92
N GLY C 128 -11.20 7.32 -2.71
CA GLY C 128 -10.77 6.90 -1.37
C GLY C 128 -11.52 5.76 -0.70
N VAL C 129 -12.57 5.23 -1.33
CA VAL C 129 -13.30 4.08 -0.81
C VAL C 129 -13.17 2.94 -1.83
N GLU C 130 -12.62 1.81 -1.39
CA GLU C 130 -12.34 0.68 -2.27
C GLU C 130 -13.61 -0.10 -2.56
N LEU C 131 -14.02 -0.15 -3.82
CA LEU C 131 -15.10 -1.02 -4.25
C LEU C 131 -14.45 -2.13 -5.11
N GLY C 132 -15.25 -2.95 -5.78
CA GLY C 132 -14.72 -4.13 -6.46
C GLY C 132 -13.71 -3.86 -7.55
N TYR C 133 -14.00 -2.89 -8.40
CA TYR C 133 -13.14 -2.47 -9.50
C TYR C 133 -12.41 -1.22 -9.04
N LYS C 134 -11.08 -1.24 -9.14
CA LYS C 134 -10.27 -0.10 -8.71
C LYS C 134 -10.47 1.12 -9.59
N LYS C 135 -10.49 0.92 -10.91
CA LYS C 135 -10.63 1.99 -11.89
C LYS C 135 -11.92 1.83 -12.69
N PRO C 136 -12.47 2.95 -13.22
CA PRO C 136 -13.74 2.87 -13.95
C PRO C 136 -13.81 1.81 -15.03
N VAL C 137 -14.96 1.15 -15.06
CA VAL C 137 -15.29 0.24 -16.14
C VAL C 137 -16.51 0.82 -16.87
N LEU C 138 -16.52 0.71 -18.19
CA LEU C 138 -17.64 1.13 -19.02
C LEU C 138 -18.23 -0.08 -19.71
N PHE C 139 -19.56 -0.10 -19.85
CA PHE C 139 -20.22 -1.21 -20.56
C PHE C 139 -21.34 -0.64 -21.45
N GLU C 140 -21.35 -1.05 -22.72
CA GLU C 140 -22.48 -0.73 -23.60
C GLU C 140 -23.26 -1.99 -23.88
N ARG C 141 -24.53 -1.98 -23.48
CA ARG C 141 -25.50 -3.02 -23.85
C ARG C 141 -26.29 -2.55 -25.08
N HIS C 142 -26.11 -3.21 -26.22
CA HIS C 142 -26.87 -2.89 -27.44
C HIS C 142 -28.35 -2.90 -27.09
N ALA C 143 -29.08 -1.81 -27.37
CA ALA C 143 -30.45 -1.63 -26.83
C ALA C 143 -31.57 -2.26 -27.67
N VAL C 144 -31.24 -2.83 -28.83
CA VAL C 144 -32.24 -3.38 -29.74
C VAL C 144 -31.89 -4.79 -30.16
N GLY C 145 -32.87 -5.49 -30.71
CA GLY C 145 -32.61 -6.77 -31.34
C GLY C 145 -32.61 -7.92 -30.37
N GLY C 146 -32.46 -9.11 -30.93
CA GLY C 146 -32.24 -10.31 -30.17
C GLY C 146 -33.55 -10.90 -29.68
N GLU C 147 -33.44 -11.80 -28.74
CA GLU C 147 -34.59 -12.58 -28.30
C GLU C 147 -35.69 -11.81 -27.56
N TYR C 148 -35.38 -10.59 -27.11
CA TYR C 148 -36.36 -9.68 -26.49
C TYR C 148 -37.53 -9.36 -27.45
N SER C 149 -37.28 -9.44 -28.76
CA SER C 149 -38.30 -9.16 -29.78
C SER C 149 -38.58 -10.39 -30.66
N ALA C 150 -38.26 -11.58 -30.15
CA ALA C 150 -38.49 -12.81 -30.90
C ALA C 150 -39.98 -13.11 -31.06
N GLY C 151 -40.32 -13.76 -32.17
CA GLY C 151 -41.59 -14.45 -32.32
C GLY C 151 -41.38 -15.91 -31.99
N TYR C 152 -42.39 -16.56 -31.44
CA TYR C 152 -42.20 -17.93 -30.99
C TYR C 152 -43.50 -18.70 -30.89
N LYS C 153 -43.37 -20.02 -30.77
CA LYS C 153 -44.48 -20.89 -30.47
C LYS C 153 -43.96 -22.10 -29.74
N ASN C 154 -44.78 -22.62 -28.83
CA ASN C 154 -44.51 -23.92 -28.22
C ASN C 154 -45.34 -24.98 -28.96
N VAL C 155 -44.66 -25.96 -29.51
CA VAL C 155 -45.23 -26.88 -30.49
C VAL C 155 -44.81 -28.30 -30.20
N GLY C 156 -45.41 -29.23 -30.95
CA GLY C 156 -45.00 -30.63 -30.99
C GLY C 156 -44.28 -30.95 -32.28
N LYS C 157 -44.46 -32.18 -32.76
CA LYS C 157 -43.75 -32.64 -33.94
C LYS C 157 -44.24 -31.93 -35.20
N GLY C 158 -43.35 -31.77 -36.17
CA GLY C 158 -43.72 -31.10 -37.42
C GLY C 158 -42.58 -30.36 -38.08
N LYS C 159 -42.91 -29.55 -39.09
CA LYS C 159 -41.91 -28.94 -39.97
C LYS C 159 -41.91 -27.42 -39.82
N LEU C 160 -40.73 -26.87 -39.56
CA LEU C 160 -40.54 -25.44 -39.33
C LEU C 160 -39.79 -24.90 -40.50
N THR C 161 -40.28 -23.82 -41.10
CA THR C 161 -39.60 -23.20 -42.23
C THR C 161 -39.53 -21.69 -42.05
N THR C 162 -38.34 -21.14 -42.26
CA THR C 162 -38.12 -19.70 -42.23
C THR C 162 -37.65 -19.26 -43.62
N THR C 163 -38.36 -18.30 -44.21
CA THR C 163 -37.99 -17.75 -45.52
C THR C 163 -37.74 -16.27 -45.44
N PHE C 164 -37.01 -15.77 -46.44
CA PHE C 164 -36.74 -14.35 -46.57
C PHE C 164 -36.91 -13.96 -48.01
N THR C 165 -37.57 -12.82 -48.22
CA THR C 165 -37.70 -12.21 -49.54
C THR C 165 -37.04 -10.83 -49.50
N PRO C 166 -35.83 -10.69 -50.05
CA PRO C 166 -35.24 -9.35 -50.03
C PRO C 166 -35.97 -8.38 -50.97
N SER C 167 -36.00 -7.12 -50.58
CA SER C 167 -36.64 -6.06 -51.37
C SER C 167 -35.65 -5.29 -52.23
N GLU C 168 -34.35 -5.53 -52.06
CA GLU C 168 -33.31 -4.81 -52.79
C GLU C 168 -32.27 -5.77 -53.32
N GLY C 169 -31.41 -5.27 -54.20
CA GLY C 169 -30.33 -6.08 -54.78
C GLY C 169 -30.78 -6.90 -55.99
N PRO C 170 -29.83 -7.63 -56.61
CA PRO C 170 -30.11 -8.34 -57.88
C PRO C 170 -31.13 -9.48 -57.76
N ASP C 171 -31.33 -10.02 -56.55
CA ASP C 171 -32.30 -11.08 -56.33
C ASP C 171 -33.53 -10.60 -55.59
N ALA C 172 -33.81 -9.29 -55.67
CA ALA C 172 -35.00 -8.70 -55.05
C ALA C 172 -36.29 -9.41 -55.47
N GLY C 173 -37.20 -9.55 -54.53
CA GLY C 173 -38.51 -10.14 -54.77
C GLY C 173 -38.55 -11.65 -54.86
N LYS C 174 -37.42 -12.34 -54.78
CA LYS C 174 -37.41 -13.80 -54.85
C LYS C 174 -37.25 -14.41 -53.45
N THR C 175 -38.14 -15.30 -53.08
CA THR C 175 -38.12 -15.94 -51.74
C THR C 175 -37.00 -16.99 -51.63
N VAL C 176 -36.19 -16.90 -50.57
CA VAL C 176 -35.16 -17.90 -50.27
C VAL C 176 -35.39 -18.49 -48.89
N VAL C 177 -34.81 -19.66 -48.66
CA VAL C 177 -34.92 -20.37 -47.38
C VAL C 177 -33.77 -19.94 -46.47
N VAL C 178 -34.13 -19.42 -45.30
CA VAL C 178 -33.18 -19.12 -44.22
C VAL C 178 -32.90 -20.38 -43.41
N ASP C 179 -33.96 -21.11 -43.05
CA ASP C 179 -33.84 -22.34 -42.28
C ASP C 179 -34.99 -23.30 -42.56
N GLU C 180 -34.70 -24.59 -42.46
CA GLU C 180 -35.69 -25.64 -42.62
C GLU C 180 -35.32 -26.73 -41.62
N ARG C 181 -36.25 -27.12 -40.72
CA ARG C 181 -35.99 -28.22 -39.76
C ARG C 181 -37.26 -28.99 -39.37
N GLU C 182 -37.08 -30.28 -39.07
CA GLU C 182 -38.13 -31.13 -38.55
C GLU C 182 -38.03 -31.13 -37.05
N ILE C 183 -39.13 -30.84 -36.38
CA ILE C 183 -39.24 -30.92 -34.93
C ILE C 183 -39.68 -32.33 -34.60
N VAL C 184 -38.85 -33.05 -33.83
CA VAL C 184 -39.10 -34.46 -33.46
C VAL C 184 -39.54 -34.67 -32.01
N ASP C 185 -39.70 -33.60 -31.25
CA ASP C 185 -40.16 -33.66 -29.86
C ASP C 185 -41.63 -33.38 -29.72
N GLU C 186 -42.26 -34.00 -28.74
CA GLU C 186 -43.63 -33.70 -28.36
C GLU C 186 -43.76 -32.31 -27.76
N GLU C 187 -42.69 -31.81 -27.13
CA GLU C 187 -42.66 -30.49 -26.55
C GLU C 187 -41.40 -29.77 -27.02
N ALA C 188 -41.60 -28.67 -27.72
CA ALA C 188 -40.48 -27.86 -28.22
C ALA C 188 -40.83 -26.40 -28.33
N ALA C 189 -39.83 -25.54 -28.24
CA ALA C 189 -39.95 -24.11 -28.54
C ALA C 189 -39.40 -23.89 -29.94
N VAL C 190 -40.08 -23.09 -30.75
CA VAL C 190 -39.54 -22.65 -32.04
C VAL C 190 -39.51 -21.12 -31.99
N VAL C 191 -38.39 -20.53 -32.43
CA VAL C 191 -38.07 -19.12 -32.12
C VAL C 191 -37.43 -18.48 -33.33
N THR C 192 -37.87 -17.27 -33.67
CA THR C 192 -37.25 -16.47 -34.72
C THR C 192 -37.03 -15.08 -34.18
N TYR C 193 -35.86 -14.53 -34.46
CA TYR C 193 -35.57 -13.15 -34.10
C TYR C 193 -34.65 -12.52 -35.11
N HIS C 194 -34.47 -11.21 -35.01
CA HIS C 194 -33.52 -10.50 -35.85
C HIS C 194 -32.65 -9.55 -35.02
N ASN C 195 -31.44 -9.30 -35.50
CA ASN C 195 -30.56 -8.26 -34.96
C ASN C 195 -30.42 -7.17 -36.01
N PRO C 196 -31.02 -5.98 -35.79
CA PRO C 196 -30.73 -4.84 -36.66
C PRO C 196 -29.33 -4.32 -36.35
N TYR C 197 -28.49 -4.19 -37.37
CA TYR C 197 -27.11 -3.82 -37.13
C TYR C 197 -26.70 -2.45 -37.69
N ASP C 198 -27.58 -1.75 -38.39
CA ASP C 198 -27.24 -0.44 -38.94
C ASP C 198 -26.77 0.52 -37.84
N ASN C 199 -27.43 0.47 -36.68
CA ASN C 199 -27.06 1.38 -35.61
C ASN C 199 -25.81 1.00 -34.80
N VAL C 200 -25.18 -0.13 -35.14
CA VAL C 200 -23.89 -0.49 -34.54
C VAL C 200 -22.79 0.49 -34.98
N HIS C 201 -22.94 1.09 -36.16
CA HIS C 201 -22.02 2.14 -36.59
C HIS C 201 -22.02 3.29 -35.56
N ASP C 202 -23.21 3.76 -35.22
CA ASP C 202 -23.38 4.79 -34.20
C ASP C 202 -22.98 4.29 -32.80
N LEU C 203 -23.35 3.06 -32.43
CA LEU C 203 -22.90 2.47 -31.17
C LEU C 203 -21.37 2.46 -31.03
N ALA C 204 -20.70 2.01 -32.09
CA ALA C 204 -19.24 1.96 -32.09
C ALA C 204 -18.62 3.33 -31.87
N ARG C 205 -19.08 4.34 -32.61
CA ARG C 205 -18.54 5.71 -32.46
C ARG C 205 -18.72 6.22 -31.04
N PHE C 206 -19.90 5.92 -30.47
CA PHE C 206 -20.20 6.36 -29.13
C PHE C 206 -19.33 5.66 -28.10
N PHE C 207 -19.27 4.32 -28.20
CA PHE C 207 -18.46 3.47 -27.32
C PHE C 207 -16.98 3.87 -27.35
N PHE C 208 -16.39 3.93 -28.53
CA PHE C 208 -14.96 4.24 -28.61
C PHE C 208 -14.64 5.67 -28.18
N GLY C 209 -15.52 6.61 -28.50
CA GLY C 209 -15.43 7.96 -27.99
C GLY C 209 -15.37 8.02 -26.47
N ARG C 210 -16.29 7.31 -25.83
CA ARG C 210 -16.33 7.25 -24.37
C ARG C 210 -15.10 6.58 -23.77
N CYS C 211 -14.67 5.48 -24.39
CA CYS C 211 -13.47 4.77 -23.91
C CYS C 211 -12.19 5.62 -24.06
N LEU C 212 -12.09 6.38 -25.15
CA LEU C 212 -10.93 7.28 -25.36
C LEU C 212 -10.89 8.33 -24.27
N GLU C 213 -12.04 8.98 -24.03
CA GLU C 213 -12.15 10.03 -23.00
C GLU C 213 -11.82 9.48 -21.62
N ALA C 214 -12.35 8.29 -21.30
CA ALA C 214 -12.09 7.62 -20.04
C ALA C 214 -10.69 7.01 -19.95
N LYS C 215 -9.98 6.93 -21.08
CA LYS C 215 -8.68 6.28 -21.20
C LYS C 215 -8.72 4.82 -20.73
N VAL C 216 -9.71 4.09 -21.23
CA VAL C 216 -9.82 2.64 -20.94
C VAL C 216 -9.69 1.83 -22.24
N THR C 217 -9.18 0.61 -22.10
CA THR C 217 -9.04 -0.29 -23.24
C THR C 217 -10.42 -0.85 -23.63
N PRO C 218 -10.84 -0.71 -24.90
CA PRO C 218 -12.12 -1.26 -25.33
C PRO C 218 -12.03 -2.72 -25.76
N TYR C 219 -13.13 -3.45 -25.52
CA TYR C 219 -13.29 -4.84 -25.96
C TYR C 219 -14.69 -5.01 -26.55
N VAL C 220 -14.79 -5.84 -27.58
CA VAL C 220 -16.06 -6.20 -28.19
C VAL C 220 -16.34 -7.66 -27.80
N VAL C 221 -17.55 -7.93 -27.34
CA VAL C 221 -17.92 -9.19 -26.74
C VAL C 221 -19.08 -9.80 -27.52
N THR C 222 -18.86 -10.99 -28.09
CA THR C 222 -19.92 -11.71 -28.82
C THR C 222 -19.66 -13.22 -28.69
N LYS C 223 -20.56 -14.02 -29.26
CA LYS C 223 -20.34 -15.46 -29.37
C LYS C 223 -20.22 -15.83 -30.86
N LYS C 224 -19.60 -14.94 -31.63
CA LYS C 224 -19.64 -15.05 -33.10
C LYS C 224 -18.94 -16.30 -33.67
N THR C 225 -18.05 -16.92 -32.92
CA THR C 225 -17.41 -18.15 -33.39
C THR C 225 -18.43 -19.25 -33.69
N VAL C 226 -19.47 -19.34 -32.86
CA VAL C 226 -20.55 -20.30 -32.98
C VAL C 226 -21.82 -19.66 -33.56
N PHE C 227 -22.17 -18.47 -33.05
CA PHE C 227 -23.36 -17.72 -33.45
C PHE C 227 -22.91 -16.79 -34.58
N LYS C 228 -22.64 -17.39 -35.74
CA LYS C 228 -21.89 -16.72 -36.80
C LYS C 228 -22.60 -15.49 -37.39
N TRP C 229 -23.91 -15.45 -37.26
CA TRP C 229 -24.71 -14.28 -37.64
C TRP C 229 -24.32 -12.99 -36.91
N GLN C 230 -23.64 -13.12 -35.76
CA GLN C 230 -23.15 -11.96 -34.98
C GLN C 230 -21.89 -11.29 -35.53
N GLU C 231 -21.27 -11.90 -36.54
CA GLU C 231 -20.01 -11.42 -37.10
C GLU C 231 -20.04 -9.91 -37.46
N PRO C 232 -21.11 -9.40 -38.07
CA PRO C 232 -21.16 -7.96 -38.35
C PRO C 232 -21.05 -7.05 -37.13
N PHE C 233 -21.52 -7.49 -35.97
CA PHE C 233 -21.35 -6.67 -34.75
C PHE C 233 -19.86 -6.40 -34.54
N TRP C 234 -19.06 -7.44 -34.68
CA TRP C 234 -17.60 -7.34 -34.61
C TRP C 234 -17.02 -6.56 -35.80
N GLN C 235 -17.44 -6.89 -37.01
CA GLN C 235 -16.88 -6.23 -38.22
C GLN C 235 -17.12 -4.71 -38.23
N ILE C 236 -18.33 -4.30 -37.89
CA ILE C 236 -18.68 -2.89 -37.85
C ILE C 236 -17.87 -2.19 -36.76
N MET C 237 -17.84 -2.78 -35.55
CA MET C 237 -17.04 -2.24 -34.46
C MET C 237 -15.56 -2.07 -34.84
N ARG C 238 -14.96 -3.15 -35.38
CA ARG C 238 -13.54 -3.13 -35.72
C ARG C 238 -13.25 -2.12 -36.84
N THR C 239 -14.13 -2.04 -37.83
CA THR C 239 -13.96 -1.11 -38.95
C THR C 239 -14.02 0.35 -38.48
N VAL C 240 -14.99 0.66 -37.61
CA VAL C 240 -15.11 2.00 -37.04
C VAL C 240 -13.88 2.31 -36.19
N PHE C 241 -13.46 1.37 -35.33
CA PHE C 241 -12.24 1.54 -34.55
C PHE C 241 -11.02 1.87 -35.44
N ASP C 242 -10.75 0.96 -36.38
CA ASP C 242 -9.58 1.13 -37.27
C ASP C 242 -9.60 2.44 -38.05
N GLU C 243 -10.76 2.79 -38.62
CA GLU C 243 -10.85 3.98 -39.46
C GLU C 243 -10.89 5.30 -38.67
N GLU C 244 -11.53 5.30 -37.50
CA GLU C 244 -11.84 6.56 -36.82
C GLU C 244 -11.23 6.79 -35.43
N PHE C 245 -10.69 5.74 -34.79
CA PHE C 245 -10.23 5.81 -33.40
C PHE C 245 -8.85 5.30 -33.09
N LYS C 246 -8.37 4.29 -33.81
CA LYS C 246 -7.14 3.60 -33.39
C LYS C 246 -5.96 4.56 -33.25
N ALA C 247 -5.75 5.40 -34.25
CA ALA C 247 -4.68 6.42 -34.19
C ALA C 247 -4.84 7.31 -32.94
N GLN C 248 -6.08 7.67 -32.59
CA GLN C 248 -6.30 8.51 -31.39
C GLN C 248 -6.01 7.78 -30.08
N PHE C 249 -6.34 6.49 -30.01
CA PHE C 249 -5.98 5.67 -28.85
C PHE C 249 -4.46 5.56 -28.68
N VAL C 250 -3.74 5.44 -29.79
CA VAL C 250 -2.27 5.47 -29.77
C VAL C 250 -1.73 6.83 -29.30
N ALA C 251 -2.24 7.91 -29.88
CA ALA C 251 -1.81 9.28 -29.55
C ALA C 251 -2.02 9.60 -28.08
N ALA C 252 -3.13 9.11 -27.50
CA ALA C 252 -3.43 9.33 -26.09
C ALA C 252 -2.75 8.34 -25.15
N GLY C 253 -2.01 7.37 -25.69
CA GLY C 253 -1.26 6.42 -24.87
C GLY C 253 -2.09 5.32 -24.23
N VAL C 254 -3.33 5.15 -24.69
CA VAL C 254 -4.23 4.13 -24.14
C VAL C 254 -3.85 2.76 -24.72
N MET C 255 -3.49 2.73 -26.00
CA MET C 255 -3.02 1.53 -26.68
C MET C 255 -1.69 1.83 -27.38
N LYS C 256 -0.90 0.79 -27.62
CA LYS C 256 0.40 0.92 -28.32
C LYS C 256 0.21 0.85 -29.83
N GLU C 257 1.14 1.46 -30.57
CA GLU C 257 1.19 1.29 -32.04
C GLU C 257 1.20 -0.20 -32.34
N GLY C 258 0.36 -0.61 -33.26
CA GLY C 258 0.25 -2.03 -33.62
C GLY C 258 -0.64 -2.89 -32.75
N GLU C 259 -1.11 -2.38 -31.60
CA GLU C 259 -2.08 -3.09 -30.75
C GLU C 259 -3.46 -3.05 -31.43
N GLU C 260 -4.05 -4.21 -31.67
CA GLU C 260 -5.32 -4.30 -32.38
C GLU C 260 -6.47 -4.39 -31.38
N LEU C 261 -7.64 -3.92 -31.79
CA LEU C 261 -8.90 -4.10 -31.00
C LEU C 261 -9.08 -5.58 -30.71
N VAL C 262 -9.42 -5.90 -29.45
CA VAL C 262 -9.57 -7.30 -29.06
C VAL C 262 -11.04 -7.70 -29.02
N HIS C 263 -11.34 -8.90 -29.52
CA HIS C 263 -12.65 -9.53 -29.38
C HIS C 263 -12.61 -10.55 -28.26
N LEU C 264 -13.60 -10.52 -27.37
CA LEU C 264 -13.75 -11.52 -26.32
C LEU C 264 -14.99 -12.31 -26.58
N LEU C 265 -14.91 -13.63 -26.49
CA LEU C 265 -16.12 -14.43 -26.48
C LEU C 265 -16.91 -14.13 -25.20
N SER C 266 -18.23 -14.19 -25.30
CA SER C 266 -19.11 -13.87 -24.15
C SER C 266 -18.83 -14.76 -22.94
N ASP C 267 -18.52 -16.03 -23.19
CA ASP C 267 -18.14 -16.93 -22.08
C ASP C 267 -16.71 -16.71 -21.56
N ALA C 268 -15.88 -16.03 -22.31
CA ALA C 268 -14.59 -15.54 -21.80
C ALA C 268 -14.79 -14.26 -21.00
N ALA C 269 -15.67 -13.37 -21.50
CA ALA C 269 -15.91 -12.07 -20.83
C ALA C 269 -16.44 -12.25 -19.42
N THR C 270 -17.28 -13.27 -19.21
CA THR C 270 -17.78 -13.56 -17.86
C THR C 270 -16.63 -13.90 -16.88
N MET C 271 -15.57 -14.49 -17.42
CA MET C 271 -14.38 -14.78 -16.61
C MET C 271 -13.56 -13.52 -16.39
N LYS C 272 -13.43 -12.70 -17.44
CA LYS C 272 -12.67 -11.46 -17.33
C LYS C 272 -13.28 -10.50 -16.31
N LEU C 273 -14.60 -10.48 -16.18
CA LEU C 273 -15.22 -9.54 -15.23
C LEU C 273 -14.86 -9.87 -13.78
N VAL C 274 -14.68 -11.16 -13.48
CA VAL C 274 -14.22 -11.61 -12.16
C VAL C 274 -12.71 -11.37 -12.03
N GLN C 275 -11.95 -11.59 -13.10
CA GLN C 275 -10.49 -11.49 -13.04
C GLN C 275 -9.98 -10.06 -12.93
N TRP C 276 -10.56 -9.16 -13.71
CA TRP C 276 -9.99 -7.84 -13.95
C TRP C 276 -10.43 -6.81 -12.91
N ARG C 277 -10.10 -7.12 -11.66
CA ARG C 277 -10.45 -6.29 -10.50
C ARG C 277 -9.79 -4.93 -10.48
N GLN C 278 -8.76 -4.75 -11.31
CA GLN C 278 -8.17 -3.43 -11.48
C GLN C 278 -9.07 -2.46 -12.27
N GLY C 279 -10.08 -2.99 -12.99
CA GLY C 279 -10.95 -2.17 -13.84
C GLY C 279 -10.17 -1.54 -14.98
N GLY C 280 -10.64 -0.39 -15.45
CA GLY C 280 -9.95 0.32 -16.52
C GLY C 280 -10.12 -0.27 -17.91
N PHE C 281 -11.31 -0.79 -18.19
CA PHE C 281 -11.66 -1.34 -19.47
C PHE C 281 -13.09 -1.00 -19.84
N GLY C 282 -13.40 -1.19 -21.11
CA GLY C 282 -14.74 -1.03 -21.64
C GLY C 282 -15.14 -2.29 -22.39
N MET C 283 -16.42 -2.64 -22.32
CA MET C 283 -16.98 -3.75 -23.12
C MET C 283 -18.25 -3.30 -23.83
N ALA C 284 -18.44 -3.77 -25.07
CA ALA C 284 -19.68 -3.60 -25.82
C ALA C 284 -20.21 -4.96 -26.26
N ALA C 285 -21.50 -5.17 -26.06
CA ALA C 285 -22.13 -6.47 -26.33
C ALA C 285 -23.54 -6.33 -26.88
N HIS C 286 -24.06 -7.44 -27.40
CA HIS C 286 -25.45 -7.53 -27.81
C HIS C 286 -26.38 -7.39 -26.59
N ASN C 287 -27.66 -7.26 -26.89
CA ASN C 287 -28.69 -7.00 -25.91
C ASN C 287 -28.70 -8.00 -24.73
N TYR C 288 -28.87 -9.29 -25.00
CA TYR C 288 -28.94 -10.27 -23.93
C TYR C 288 -27.62 -10.42 -23.18
N ASP C 289 -26.51 -10.55 -23.90
CA ASP C 289 -25.18 -10.66 -23.28
C ASP C 289 -24.93 -9.46 -22.35
N GLY C 290 -25.31 -8.27 -22.79
CA GLY C 290 -25.19 -7.06 -21.96
C GLY C 290 -26.05 -7.12 -20.72
N ASP C 291 -27.25 -7.64 -20.85
CA ASP C 291 -28.18 -7.80 -19.72
C ASP C 291 -27.50 -8.64 -18.61
N VAL C 292 -27.03 -9.82 -18.99
CA VAL C 292 -26.41 -10.74 -18.04
C VAL C 292 -25.06 -10.20 -17.53
N LEU C 293 -24.18 -9.80 -18.45
CA LEU C 293 -22.83 -9.40 -18.05
C LEU C 293 -22.84 -8.17 -17.15
N THR C 294 -23.77 -7.24 -17.34
CA THR C 294 -23.75 -6.03 -16.51
C THR C 294 -24.27 -6.27 -15.11
N ASP C 295 -25.13 -7.29 -14.92
CA ASP C 295 -25.49 -7.70 -13.56
C ASP C 295 -24.33 -8.39 -12.87
N GLU C 296 -23.58 -9.21 -13.60
CA GLU C 296 -22.32 -9.74 -13.06
C GLU C 296 -21.38 -8.61 -12.62
N LEU C 297 -21.21 -7.62 -13.49
CA LEU C 297 -20.41 -6.42 -13.21
C LEU C 297 -20.86 -5.77 -11.89
N ALA C 298 -22.17 -5.61 -11.73
CA ALA C 298 -22.74 -5.06 -10.48
C ALA C 298 -22.31 -5.84 -9.24
N GLN C 299 -22.40 -7.17 -9.32
CA GLN C 299 -22.07 -8.01 -8.16
C GLN C 299 -20.58 -7.93 -7.85
N VAL C 300 -19.73 -7.95 -8.87
CA VAL C 300 -18.28 -7.83 -8.64
C VAL C 300 -17.95 -6.47 -8.02
N HIS C 301 -18.53 -5.41 -8.57
CA HIS C 301 -18.25 -4.07 -8.09
C HIS C 301 -18.75 -3.81 -6.66
N LYS C 302 -20.04 -4.05 -6.43
CA LYS C 302 -20.64 -3.97 -5.09
C LYS C 302 -22.07 -4.47 -5.12
N SER C 303 -22.93 -3.75 -5.85
CA SER C 303 -24.33 -4.10 -5.98
C SER C 303 -24.91 -3.24 -7.11
N PRO C 304 -26.14 -3.55 -7.59
CA PRO C 304 -26.72 -2.81 -8.75
C PRO C 304 -26.74 -1.32 -8.57
N GLY C 305 -26.98 -0.85 -7.35
CA GLY C 305 -26.88 0.57 -7.04
C GLY C 305 -25.60 1.30 -7.44
N PHE C 306 -24.49 0.57 -7.57
CA PHE C 306 -23.23 1.19 -7.94
C PHE C 306 -22.89 1.03 -9.40
N ILE C 307 -23.89 0.73 -10.22
CA ILE C 307 -23.72 0.68 -11.68
C ILE C 307 -24.79 1.61 -12.29
N THR C 308 -24.44 2.39 -13.31
CA THR C 308 -25.41 3.24 -13.98
C THR C 308 -26.38 2.43 -14.87
N SER C 309 -27.44 3.08 -15.31
CA SER C 309 -28.28 2.51 -16.36
C SER C 309 -28.78 3.65 -17.23
N ASN C 310 -27.98 4.04 -18.23
CA ASN C 310 -28.21 5.24 -19.02
C ASN C 310 -28.50 4.94 -20.48
N LEU C 311 -29.69 5.30 -20.93
CA LEU C 311 -30.09 5.06 -22.30
C LEU C 311 -29.53 6.16 -23.18
N VAL C 312 -28.98 5.77 -24.33
CA VAL C 312 -28.46 6.75 -25.27
C VAL C 312 -29.06 6.44 -26.64
N GLY C 313 -29.63 7.47 -27.26
CA GLY C 313 -30.26 7.38 -28.56
C GLY C 313 -29.76 8.46 -29.49
N VAL C 314 -30.08 8.31 -30.77
CA VAL C 314 -29.63 9.25 -31.79
C VAL C 314 -30.80 10.07 -32.30
N HIS C 315 -30.74 11.37 -32.09
CA HIS C 315 -31.77 12.27 -32.58
C HIS C 315 -31.65 12.37 -34.09
N GLU C 316 -32.76 12.68 -34.74
CA GLU C 316 -32.79 12.91 -36.19
C GLU C 316 -31.84 14.02 -36.66
N ASP C 317 -31.58 15.02 -35.81
CA ASP C 317 -30.65 16.11 -36.09
C ASP C 317 -29.17 15.79 -35.89
N GLY C 318 -28.87 14.58 -35.43
CA GLY C 318 -27.50 14.10 -35.34
C GLY C 318 -26.92 14.12 -33.93
N THR C 319 -27.56 14.87 -33.02
CA THR C 319 -27.12 14.94 -31.65
C THR C 319 -27.67 13.74 -30.88
N LEU C 320 -27.21 13.59 -29.65
CA LEU C 320 -27.60 12.42 -28.84
C LEU C 320 -28.65 12.78 -27.82
N ILE C 321 -29.63 11.89 -27.69
CA ILE C 321 -30.59 11.89 -26.59
C ILE C 321 -30.02 11.01 -25.49
N LYS C 322 -29.86 11.56 -24.28
CA LYS C 322 -29.35 10.76 -23.15
C LYS C 322 -30.29 10.85 -21.96
N GLU C 323 -30.66 9.67 -21.47
CA GLU C 323 -31.48 9.54 -20.30
C GLU C 323 -30.66 8.79 -19.27
N PHE C 324 -30.78 9.22 -18.02
CA PHE C 324 -29.94 8.71 -16.92
C PHE C 324 -30.80 8.15 -15.80
N GLU C 325 -30.45 6.97 -15.31
CA GLU C 325 -31.12 6.36 -14.16
C GLU C 325 -30.08 5.70 -13.25
N ALA C 326 -30.50 5.54 -11.99
CA ALA C 326 -29.82 4.64 -11.08
C ALA C 326 -30.34 3.23 -11.34
N SER C 327 -29.63 2.22 -10.85
CA SER C 327 -30.04 0.83 -11.14
C SER C 327 -30.74 0.12 -9.97
N HIS C 328 -31.22 0.87 -8.99
CA HIS C 328 -32.02 0.32 -7.89
C HIS C 328 -33.46 0.79 -8.02
N GLY C 329 -34.32 0.25 -7.16
CA GLY C 329 -35.74 0.58 -7.15
C GLY C 329 -36.02 1.72 -6.19
N THR C 330 -37.28 1.85 -5.82
CA THR C 330 -37.75 2.95 -4.99
C THR C 330 -37.57 2.71 -3.47
N VAL C 331 -37.07 1.53 -3.09
CA VAL C 331 -36.72 1.17 -1.71
C VAL C 331 -37.92 1.32 -0.77
N ALA C 332 -38.99 0.63 -1.17
CA ALA C 332 -40.27 0.65 -0.43
C ALA C 332 -40.10 0.27 1.03
N ASP C 333 -39.30 -0.75 1.31
CA ASP C 333 -39.05 -1.19 2.69
C ASP C 333 -38.55 -0.01 3.54
N MET C 334 -37.68 0.82 2.98
CA MET C 334 -37.13 1.96 3.71
C MET C 334 -38.14 3.10 3.85
N ASP C 335 -38.98 3.31 2.85
CA ASP C 335 -40.05 4.30 2.89
C ASP C 335 -41.03 3.96 4.04
N GLU C 336 -41.39 2.69 4.15
CA GLU C 336 -42.28 2.21 5.23
C GLU C 336 -41.65 2.46 6.61
N ALA C 337 -40.35 2.17 6.75
CA ALA C 337 -39.61 2.52 7.97
C ALA C 337 -39.70 4.02 8.25
N ARG C 338 -39.43 4.83 7.22
CA ARG C 338 -39.51 6.28 7.34
C ARG C 338 -40.87 6.73 7.87
N LEU C 339 -41.93 6.15 7.32
CA LEU C 339 -43.30 6.55 7.69
C LEU C 339 -43.71 6.06 9.09
N ARG C 340 -43.05 5.02 9.59
CA ARG C 340 -43.18 4.60 11.02
C ARG C 340 -42.31 5.43 11.97
N GLY C 341 -41.54 6.38 11.45
CA GLY C 341 -40.66 7.25 12.26
C GLY C 341 -39.31 6.64 12.64
N GLU C 342 -38.89 5.57 11.96
CA GLU C 342 -37.59 4.93 12.22
C GLU C 342 -36.53 5.58 11.35
N GLU C 343 -35.30 5.61 11.85
CA GLU C 343 -34.17 6.15 11.08
C GLU C 343 -33.93 5.35 9.80
N THR C 344 -33.48 6.04 8.76
CA THR C 344 -33.11 5.43 7.49
C THR C 344 -31.76 5.97 7.04
N SER C 345 -31.14 5.27 6.10
CA SER C 345 -29.89 5.76 5.54
C SER C 345 -29.78 5.31 4.08
N LEU C 346 -30.45 6.05 3.20
CA LEU C 346 -30.39 5.77 1.76
C LEU C 346 -29.19 6.49 1.15
N ASN C 347 -28.35 5.75 0.45
CA ASN C 347 -27.20 6.31 -0.24
C ASN C 347 -27.70 6.88 -1.56
N PRO C 348 -27.64 8.22 -1.72
CA PRO C 348 -28.20 8.83 -2.93
C PRO C 348 -27.22 8.85 -4.10
N LEU C 349 -26.03 8.25 -3.96
CA LEU C 349 -25.03 8.40 -5.01
C LEU C 349 -25.44 7.91 -6.39
N GLY C 350 -26.12 6.77 -6.48
CA GLY C 350 -26.55 6.25 -7.80
C GLY C 350 -27.45 7.26 -8.51
N MET C 351 -28.45 7.78 -7.78
CA MET C 351 -29.35 8.78 -8.33
C MET C 351 -28.63 10.12 -8.64
N VAL C 352 -27.75 10.52 -7.73
CA VAL C 352 -26.98 11.74 -7.93
C VAL C 352 -26.09 11.64 -9.18
N GLU C 353 -25.46 10.49 -9.41
CA GLU C 353 -24.68 10.32 -10.63
C GLU C 353 -25.53 10.44 -11.86
N GLY C 354 -26.75 9.90 -11.82
CA GLY C 354 -27.69 10.09 -12.93
C GLY C 354 -28.08 11.55 -13.15
N LEU C 355 -28.39 12.26 -12.07
CA LEU C 355 -28.77 13.66 -12.21
C LEU C 355 -27.61 14.49 -12.74
N ILE C 356 -26.42 14.26 -12.22
CA ILE C 356 -25.19 14.90 -12.73
C ILE C 356 -25.03 14.63 -14.23
N GLY C 357 -25.18 13.36 -14.63
CA GLY C 357 -25.06 13.03 -16.04
C GLY C 357 -26.05 13.81 -16.90
N ALA C 358 -27.30 13.83 -16.45
CA ALA C 358 -28.35 14.57 -17.15
C ALA C 358 -28.12 16.08 -17.21
N MET C 359 -27.70 16.68 -16.10
CA MET C 359 -27.45 18.13 -16.09
C MET C 359 -26.24 18.50 -16.96
N ASN C 360 -25.18 17.69 -16.89
CA ASN C 360 -24.03 17.89 -17.78
C ASN C 360 -24.40 17.74 -19.25
N HIS C 361 -25.14 16.68 -19.58
CA HIS C 361 -25.54 16.49 -20.98
C HIS C 361 -26.46 17.65 -21.45
N ALA C 362 -27.38 18.06 -20.58
CA ALA C 362 -28.26 19.19 -20.93
C ALA C 362 -27.43 20.45 -21.26
N ALA C 363 -26.48 20.77 -20.37
CA ALA C 363 -25.57 21.92 -20.57
C ALA C 363 -24.77 21.79 -21.87
N ASP C 364 -24.26 20.59 -22.14
CA ASP C 364 -23.43 20.37 -23.33
C ASP C 364 -24.22 20.37 -24.62
N VAL C 365 -25.33 19.65 -24.66
CA VAL C 365 -26.11 19.52 -25.90
C VAL C 365 -26.80 20.84 -26.30
N HIS C 366 -27.11 21.69 -25.31
CA HIS C 366 -27.72 23.00 -25.56
C HIS C 366 -26.74 24.18 -25.49
N ASN C 367 -25.49 23.92 -25.12
CA ASN C 367 -24.42 24.92 -24.94
C ASN C 367 -24.86 26.08 -24.02
N ILE C 368 -25.33 25.72 -22.83
CA ILE C 368 -25.79 26.66 -21.82
C ILE C 368 -25.03 26.44 -20.51
N ASP C 369 -24.34 27.49 -20.08
CA ASP C 369 -23.62 27.55 -18.81
C ASP C 369 -22.78 26.29 -18.55
N ARG C 370 -22.02 25.86 -19.55
CA ARG C 370 -21.23 24.61 -19.47
C ARG C 370 -20.21 24.56 -18.34
N ASP C 371 -19.37 25.59 -18.27
CA ASP C 371 -18.30 25.57 -17.29
C ASP C 371 -18.86 25.57 -15.88
N ARG C 372 -19.84 26.44 -15.63
CA ARG C 372 -20.42 26.52 -14.28
C ARG C 372 -21.20 25.27 -13.91
N THR C 373 -21.93 24.69 -14.86
CA THR C 373 -22.62 23.43 -14.60
C THR C 373 -21.67 22.28 -14.28
N HIS C 374 -20.65 22.11 -15.12
CA HIS C 374 -19.65 21.06 -14.90
C HIS C 374 -18.90 21.24 -13.58
N ALA C 375 -18.58 22.49 -13.21
CA ALA C 375 -17.90 22.74 -11.95
C ALA C 375 -18.83 22.40 -10.78
N PHE C 376 -20.11 22.73 -10.92
CA PHE C 376 -21.08 22.45 -9.84
C PHE C 376 -21.34 20.97 -9.64
N THR C 377 -21.55 20.24 -10.73
CA THR C 377 -21.75 18.80 -10.60
C THR C 377 -20.49 18.09 -10.08
N THR C 378 -19.32 18.50 -10.55
CA THR C 378 -18.04 18.02 -9.97
C THR C 378 -17.96 18.32 -8.47
N LYS C 379 -18.36 19.52 -8.07
CA LYS C 379 -18.35 19.90 -6.66
C LYS C 379 -19.26 18.99 -5.81
N MET C 380 -20.46 18.65 -6.32
CA MET C 380 -21.34 17.77 -5.57
C MET C 380 -20.63 16.43 -5.34
N ARG C 381 -20.05 15.89 -6.40
CA ARG C 381 -19.34 14.62 -6.28
C ARG C 381 -18.17 14.72 -5.27
N THR C 382 -17.38 15.78 -5.39
CA THR C 382 -16.20 15.97 -4.55
C THR C 382 -16.61 16.08 -3.08
N VAL C 383 -17.67 16.84 -2.81
CA VAL C 383 -18.19 16.99 -1.44
C VAL C 383 -18.69 15.64 -0.89
N ILE C 384 -19.46 14.92 -1.70
CA ILE C 384 -19.97 13.61 -1.30
C ILE C 384 -18.81 12.65 -0.93
N HIS C 385 -17.81 12.56 -1.81
CA HIS C 385 -16.72 11.61 -1.59
C HIS C 385 -15.93 11.93 -0.31
N GLN C 386 -15.64 13.21 -0.09
CA GLN C 386 -14.94 13.64 1.13
C GLN C 386 -15.73 13.24 2.39
N LEU C 387 -17.06 13.43 2.36
CA LEU C 387 -17.87 13.00 3.50
C LEU C 387 -17.75 11.51 3.77
N PHE C 388 -17.79 10.68 2.72
CA PHE C 388 -17.58 9.25 2.89
C PHE C 388 -16.21 8.93 3.52
N ARG C 389 -15.17 9.65 3.10
CA ARG C 389 -13.81 9.42 3.60
C ARG C 389 -13.68 9.76 5.08
N GLU C 390 -14.44 10.77 5.51
CA GLU C 390 -14.53 11.13 6.94
C GLU C 390 -15.38 10.18 7.79
N GLY C 391 -16.07 9.22 7.19
CA GLY C 391 -17.01 8.37 7.90
C GLY C 391 -18.38 9.02 8.10
N LYS C 392 -18.65 10.05 7.31
CA LYS C 392 -19.89 10.81 7.38
C LYS C 392 -20.75 10.55 6.13
N GLY C 393 -20.49 9.46 5.42
CA GLY C 393 -21.42 8.94 4.43
C GLY C 393 -22.54 8.15 5.08
N THR C 394 -23.32 7.52 4.22
CA THR C 394 -24.44 6.71 4.65
C THR C 394 -23.97 5.36 5.21
N ARG C 395 -24.89 4.67 5.88
CA ARG C 395 -24.52 3.54 6.73
C ARG C 395 -24.23 2.27 5.94
N ASP C 396 -24.62 2.23 4.66
CA ASP C 396 -24.24 1.13 3.78
C ASP C 396 -22.72 0.96 3.72
N LEU C 397 -21.98 2.07 3.59
CA LEU C 397 -20.52 2.04 3.48
C LEU C 397 -19.76 2.49 4.72
N CYS C 398 -20.39 3.30 5.57
CA CYS C 398 -19.72 3.88 6.73
C CYS C 398 -20.11 3.19 8.04
N GLY C 399 -20.92 2.13 7.97
CA GLY C 399 -21.37 1.41 9.15
C GLY C 399 -22.38 2.17 9.99
N PRO C 400 -22.76 1.62 11.16
CA PRO C 400 -23.76 2.22 12.03
C PRO C 400 -23.49 3.67 12.46
N SER C 401 -22.24 4.09 12.54
CA SER C 401 -21.91 5.49 12.85
C SER C 401 -22.07 6.46 11.68
N GLY C 402 -22.34 5.93 10.48
CA GLY C 402 -22.68 6.78 9.34
C GLY C 402 -23.95 7.58 9.53
N LEU C 403 -24.14 8.59 8.68
CA LEU C 403 -25.25 9.51 8.78
C LEU C 403 -26.58 8.92 8.28
N THR C 404 -27.67 9.44 8.81
CA THR C 404 -29.00 9.10 8.34
C THR C 404 -29.20 9.78 6.97
N THR C 405 -30.25 9.36 6.27
CA THR C 405 -30.67 9.98 5.00
C THR C 405 -30.64 11.51 5.04
N GLU C 406 -31.33 12.07 6.03
CA GLU C 406 -31.51 13.51 6.16
C GLU C 406 -30.23 14.23 6.62
N GLN C 407 -29.53 13.66 7.62
CA GLN C 407 -28.23 14.20 8.05
C GLN C 407 -27.26 14.26 6.88
N PHE C 408 -27.23 13.21 6.07
CA PHE C 408 -26.28 13.19 4.94
C PHE C 408 -26.59 14.31 3.95
N ILE C 409 -27.87 14.44 3.62
CA ILE C 409 -28.32 15.49 2.71
C ILE C 409 -27.96 16.89 3.22
N ASP C 410 -28.18 17.12 4.52
CA ASP C 410 -27.80 18.39 5.14
C ASP C 410 -26.30 18.62 5.23
N ALA C 411 -25.54 17.54 5.50
CA ALA C 411 -24.09 17.59 5.50
C ALA C 411 -23.53 18.04 4.14
N VAL C 412 -24.09 17.50 3.06
CA VAL C 412 -23.64 17.91 1.73
C VAL C 412 -23.98 19.38 1.47
N ALA C 413 -25.22 19.75 1.79
CA ALA C 413 -25.70 21.10 1.50
C ALA C 413 -24.84 22.19 2.12
N GLU C 414 -24.50 22.00 3.38
CA GLU C 414 -23.68 23.00 4.08
C GLU C 414 -22.23 23.09 3.59
N ARG C 415 -21.77 22.10 2.82
CA ARG C 415 -20.43 22.15 2.20
C ARG C 415 -20.35 22.56 0.74
N LEU C 416 -21.50 22.72 0.06
CA LEU C 416 -21.51 23.10 -1.35
C LEU C 416 -21.08 24.56 -1.59
N ASP C 417 -21.48 25.45 -0.67
CA ASP C 417 -21.33 26.95 -0.69
C ASP C 417 -22.65 27.65 -1.04
N SER D 13 -3.16 -60.40 -9.53
CA SER D 13 -3.36 -60.17 -10.99
C SER D 13 -3.73 -58.72 -11.26
N LYS D 14 -3.57 -58.28 -12.48
CA LYS D 14 -4.02 -56.93 -12.86
C LYS D 14 -5.53 -56.86 -12.88
N ILE D 15 -6.06 -55.68 -12.61
CA ILE D 15 -7.50 -55.42 -12.76
C ILE D 15 -7.86 -55.54 -14.24
N THR D 16 -8.94 -56.26 -14.54
CA THR D 16 -9.48 -56.32 -15.89
C THR D 16 -10.34 -55.08 -16.15
N ALA D 17 -9.84 -54.20 -17.01
CA ALA D 17 -10.61 -53.00 -17.38
C ALA D 17 -11.85 -53.39 -18.16
N ALA D 18 -12.99 -52.82 -17.77
CA ALA D 18 -14.19 -52.96 -18.57
C ALA D 18 -13.99 -52.29 -19.92
N PRO D 19 -14.79 -52.67 -20.93
CA PRO D 19 -14.74 -51.92 -22.20
C PRO D 19 -14.98 -50.43 -21.97
N MET D 20 -14.17 -49.61 -22.65
CA MET D 20 -14.20 -48.15 -22.50
C MET D 20 -13.62 -47.52 -23.77
N VAL D 21 -14.23 -46.44 -24.23
CA VAL D 21 -13.66 -45.64 -25.34
C VAL D 21 -12.62 -44.66 -24.77
N TYR D 22 -11.43 -44.62 -25.39
CA TYR D 22 -10.39 -43.68 -25.03
C TYR D 22 -10.16 -42.83 -26.27
N VAL D 23 -10.37 -41.51 -26.16
CA VAL D 23 -10.13 -40.57 -27.27
C VAL D 23 -8.90 -39.75 -26.94
N ARG D 24 -7.82 -39.97 -27.72
CA ARG D 24 -6.53 -39.30 -27.52
C ARG D 24 -6.47 -38.02 -28.37
N GLY D 25 -5.79 -37.01 -27.86
CA GLY D 25 -5.61 -35.72 -28.54
C GLY D 25 -4.16 -35.55 -28.97
N GLU D 26 -3.50 -34.49 -28.50
CA GLU D 26 -2.13 -34.15 -28.92
C GLU D 26 -1.51 -33.14 -27.98
N GLU D 27 -0.26 -32.75 -28.26
CA GLU D 27 0.48 -31.72 -27.52
C GLU D 27 0.69 -32.06 -26.01
N MET D 28 0.57 -31.10 -25.10
CA MET D 28 1.04 -31.29 -23.73
C MET D 28 0.20 -32.33 -22.98
N THR D 29 -1.11 -32.29 -23.21
CA THR D 29 -2.06 -33.15 -22.49
C THR D 29 -1.96 -34.62 -22.94
N ALA D 30 -1.74 -34.87 -24.23
CA ALA D 30 -1.47 -36.24 -24.71
C ALA D 30 -0.14 -36.81 -24.18
N TYR D 31 0.89 -35.98 -24.13
CA TYR D 31 2.15 -36.33 -23.48
C TYR D 31 1.94 -36.75 -22.03
N VAL D 32 1.20 -35.93 -21.28
CA VAL D 32 0.91 -36.22 -19.86
C VAL D 32 0.14 -37.51 -19.70
N MET D 33 -0.92 -37.71 -20.48
CA MET D 33 -1.74 -38.93 -20.39
C MET D 33 -1.03 -40.18 -20.91
N ASP D 34 -0.08 -40.02 -21.84
CA ASP D 34 0.81 -41.14 -22.19
C ASP D 34 1.56 -41.62 -20.96
N LEU D 35 2.12 -40.67 -20.20
CA LEU D 35 2.87 -40.98 -18.99
C LEU D 35 1.98 -41.57 -17.91
N ILE D 36 0.81 -40.96 -17.68
CA ILE D 36 -0.15 -41.52 -16.71
C ILE D 36 -0.59 -42.96 -17.05
N ARG D 37 -0.97 -43.21 -18.29
CA ARG D 37 -1.32 -44.57 -18.70
C ARG D 37 -0.15 -45.56 -18.51
N SER D 38 1.06 -45.10 -18.83
CA SER D 38 2.25 -45.93 -18.75
C SER D 38 2.62 -46.26 -17.30
N ARG D 39 2.59 -45.24 -16.44
CA ARG D 39 3.16 -45.36 -15.11
C ARG D 39 2.16 -45.61 -13.99
N TRP D 40 0.91 -45.18 -14.17
CA TRP D 40 -0.15 -45.39 -13.14
C TRP D 40 -1.07 -46.56 -13.49
N ILE D 41 -1.55 -46.59 -14.73
CA ILE D 41 -2.67 -47.47 -15.12
C ILE D 41 -2.16 -48.86 -15.50
N GLU D 42 -1.34 -48.90 -16.54
CA GLU D 42 -0.92 -50.18 -17.13
C GLU D 42 -0.24 -51.18 -16.18
N PRO D 43 0.60 -50.70 -15.23
CA PRO D 43 1.21 -51.63 -14.26
C PRO D 43 0.21 -52.35 -13.35
N ARG D 44 -0.97 -51.77 -13.17
CA ARG D 44 -2.02 -52.29 -12.29
C ARG D 44 -3.28 -52.77 -13.01
N VAL D 45 -3.44 -52.41 -14.29
CA VAL D 45 -4.67 -52.67 -15.03
C VAL D 45 -4.37 -53.21 -16.42
N ASP D 46 -5.08 -54.28 -16.78
CA ASP D 46 -5.11 -54.81 -18.14
C ASP D 46 -6.10 -53.96 -18.93
N VAL D 47 -5.60 -53.23 -19.92
CA VAL D 47 -6.43 -52.30 -20.71
C VAL D 47 -6.85 -52.85 -22.07
N GLY D 48 -6.81 -54.17 -22.21
CA GLY D 48 -7.24 -54.82 -23.46
C GLY D 48 -8.62 -54.40 -23.94
N GLY D 49 -9.53 -54.12 -23.00
CA GLY D 49 -10.87 -53.72 -23.34
C GLY D 49 -11.05 -52.29 -23.80
N TRP D 50 -10.03 -51.45 -23.62
CA TRP D 50 -10.08 -50.06 -24.08
C TRP D 50 -9.97 -50.02 -25.60
N GLU D 51 -10.86 -49.26 -26.23
CA GLU D 51 -10.79 -48.98 -27.67
C GLU D 51 -10.33 -47.56 -27.83
N THR D 52 -9.09 -47.39 -28.31
CA THR D 52 -8.43 -46.10 -28.41
C THR D 52 -8.57 -45.51 -29.82
N PHE D 53 -8.78 -44.20 -29.87
CA PHE D 53 -8.94 -43.46 -31.14
C PHE D 53 -8.03 -42.24 -31.16
N ASP D 54 -7.43 -41.99 -32.32
CA ASP D 54 -6.47 -40.90 -32.53
C ASP D 54 -7.32 -39.73 -33.05
N LEU D 55 -7.54 -38.72 -32.21
CA LEU D 55 -8.31 -37.54 -32.62
C LEU D 55 -7.42 -36.31 -32.67
N ARG D 56 -6.16 -36.47 -33.08
CA ARG D 56 -5.38 -35.28 -33.43
C ARG D 56 -6.08 -34.61 -34.62
N ALA D 57 -5.91 -33.29 -34.73
CA ALA D 57 -6.52 -32.54 -35.82
C ALA D 57 -6.07 -33.14 -37.15
N LYS D 58 -4.76 -33.38 -37.26
CA LYS D 58 -4.13 -34.02 -38.44
C LYS D 58 -4.72 -35.37 -38.75
N ASN D 59 -5.04 -36.17 -37.72
CA ASN D 59 -5.68 -37.46 -37.95
C ASN D 59 -7.14 -37.32 -38.32
N ARG D 60 -7.86 -36.33 -37.78
CA ARG D 60 -9.25 -36.06 -38.23
C ARG D 60 -9.28 -35.66 -39.70
N ASP D 61 -8.29 -34.86 -40.12
CA ASP D 61 -8.16 -34.47 -41.53
C ASP D 61 -7.70 -35.66 -42.38
N ASP D 62 -6.57 -36.30 -42.02
CA ASP D 62 -6.03 -37.47 -42.78
C ASP D 62 -7.08 -38.56 -43.00
N THR D 63 -7.98 -38.74 -42.02
CA THR D 63 -9.06 -39.75 -42.09
C THR D 63 -10.39 -39.20 -42.62
N GLU D 64 -10.47 -37.91 -42.94
CA GLU D 64 -11.75 -37.24 -43.33
C GLU D 64 -12.88 -37.42 -42.29
N ASP D 65 -12.53 -37.31 -41.01
CA ASP D 65 -13.49 -37.43 -39.90
C ASP D 65 -14.16 -38.83 -39.79
N ARG D 66 -13.50 -39.84 -40.36
CA ARG D 66 -13.93 -41.23 -40.21
C ARG D 66 -13.74 -41.63 -38.75
N VAL D 67 -12.62 -41.20 -38.18
CA VAL D 67 -12.29 -41.50 -36.79
C VAL D 67 -13.35 -40.96 -35.82
N LEU D 68 -13.86 -39.75 -36.07
CA LEU D 68 -14.93 -39.18 -35.21
C LEU D 68 -16.20 -40.01 -35.33
N ARG D 69 -16.52 -40.48 -36.53
CA ARG D 69 -17.63 -41.40 -36.75
C ARG D 69 -17.44 -42.73 -35.99
N ASP D 70 -16.22 -43.24 -35.98
CA ASP D 70 -15.91 -44.47 -35.23
C ASP D 70 -16.02 -44.24 -33.71
N VAL D 71 -15.62 -43.06 -33.25
CA VAL D 71 -15.77 -42.70 -31.82
C VAL D 71 -17.24 -42.75 -31.40
N ILE D 72 -18.12 -42.15 -32.21
CA ILE D 72 -19.55 -42.12 -31.93
C ILE D 72 -20.14 -43.52 -31.85
N GLU D 73 -19.74 -44.40 -32.78
CA GLU D 73 -20.23 -45.78 -32.80
C GLU D 73 -19.74 -46.54 -31.59
N ALA D 74 -18.44 -46.48 -31.31
CA ALA D 74 -17.87 -47.13 -30.13
C ALA D 74 -18.57 -46.65 -28.85
N GLY D 75 -18.81 -45.33 -28.76
CA GLY D 75 -19.52 -44.76 -27.60
C GLY D 75 -20.92 -45.28 -27.36
N LYS D 76 -21.69 -45.44 -28.44
CA LYS D 76 -23.02 -46.04 -28.36
C LYS D 76 -22.94 -47.48 -27.86
N ARG D 77 -22.00 -48.24 -28.41
CA ARG D 77 -21.84 -49.64 -28.05
C ARG D 77 -21.36 -49.82 -26.61
N ILE D 78 -20.31 -49.08 -26.23
CA ILE D 78 -19.61 -49.29 -24.95
C ILE D 78 -20.18 -48.46 -23.78
N LYS D 79 -20.77 -47.30 -24.10
CA LYS D 79 -21.50 -46.43 -23.15
C LYS D 79 -20.67 -45.57 -22.20
N ALA D 80 -19.36 -45.72 -22.26
CA ALA D 80 -18.42 -45.05 -21.36
C ALA D 80 -17.24 -44.55 -22.19
N ILE D 81 -17.00 -43.24 -22.13
CA ILE D 81 -15.99 -42.59 -22.96
C ILE D 81 -15.16 -41.64 -22.13
N PHE D 82 -13.84 -41.82 -22.15
CA PHE D 82 -12.90 -40.79 -21.74
C PHE D 82 -12.32 -40.11 -22.98
N LYS D 83 -12.34 -38.78 -22.97
CA LYS D 83 -11.78 -37.99 -24.06
C LYS D 83 -10.79 -36.98 -23.52
N GLU D 84 -9.57 -36.96 -24.09
CA GLU D 84 -8.55 -35.97 -23.75
C GLU D 84 -8.92 -34.64 -24.41
N PRO D 85 -8.32 -33.54 -23.95
CA PRO D 85 -8.46 -32.30 -24.74
C PRO D 85 -7.97 -32.49 -26.17
N THR D 86 -8.63 -31.87 -27.13
CA THR D 86 -8.25 -32.01 -28.54
C THR D 86 -8.14 -30.64 -29.19
N VAL D 87 -7.48 -30.62 -30.34
CA VAL D 87 -7.30 -29.40 -31.14
C VAL D 87 -8.38 -29.41 -32.20
N THR D 88 -9.34 -28.49 -32.08
CA THR D 88 -10.37 -28.35 -33.08
C THR D 88 -9.71 -27.82 -34.35
N PRO D 89 -9.93 -28.47 -35.51
CA PRO D 89 -9.28 -28.01 -36.75
C PRO D 89 -9.94 -26.76 -37.34
N THR D 90 -9.74 -25.63 -36.65
CA THR D 90 -10.28 -24.34 -37.08
C THR D 90 -9.47 -23.85 -38.28
N ALA D 91 -9.97 -22.82 -38.95
CA ALA D 91 -9.25 -22.20 -40.09
C ALA D 91 -7.79 -21.90 -39.75
N ASP D 92 -7.56 -21.38 -38.54
CA ASP D 92 -6.22 -21.02 -38.06
C ASP D 92 -5.31 -22.25 -37.92
N GLN D 93 -5.89 -23.37 -37.49
CA GLN D 93 -5.16 -24.62 -37.36
C GLN D 93 -4.85 -25.28 -38.71
N VAL D 94 -5.79 -25.13 -39.65
CA VAL D 94 -5.61 -25.62 -41.03
C VAL D 94 -4.31 -25.07 -41.61
N LYS D 95 -4.15 -23.74 -41.48
CA LYS D 95 -2.91 -23.06 -41.87
C LYS D 95 -1.70 -23.66 -41.16
N ARG D 96 -1.75 -23.71 -39.82
CA ARG D 96 -0.61 -24.10 -38.97
C ARG D 96 -0.13 -25.55 -39.11
N LEU D 97 -1.05 -26.49 -39.37
CA LEU D 97 -0.72 -27.93 -39.44
C LEU D 97 -0.80 -28.51 -40.86
N GLY D 98 -0.98 -27.66 -41.88
CA GLY D 98 -1.03 -28.11 -43.27
C GLY D 98 -2.20 -29.01 -43.58
N LEU D 99 -3.38 -28.64 -43.09
CA LEU D 99 -4.59 -29.45 -43.29
C LEU D 99 -5.25 -29.10 -44.62
N ARG D 100 -6.03 -30.04 -45.13
CA ARG D 100 -6.71 -29.90 -46.42
C ARG D 100 -7.99 -29.07 -46.28
N LYS D 101 -8.84 -29.45 -45.33
CA LYS D 101 -10.08 -28.71 -45.01
C LYS D 101 -10.13 -28.38 -43.51
N SER D 102 -11.00 -27.43 -43.16
CA SER D 102 -11.32 -27.14 -41.76
C SER D 102 -12.46 -28.05 -41.30
N TRP D 103 -12.50 -28.33 -40.01
CA TRP D 103 -13.52 -29.21 -39.41
C TRP D 103 -13.99 -28.55 -38.13
N GLY D 104 -15.30 -28.57 -37.90
CA GLY D 104 -15.87 -27.96 -36.71
C GLY D 104 -15.57 -28.76 -35.44
N SER D 105 -16.06 -28.25 -34.31
CA SER D 105 -15.94 -28.92 -33.02
C SER D 105 -16.57 -30.31 -33.10
N PRO D 106 -15.96 -31.31 -32.42
CA PRO D 106 -16.58 -32.63 -32.38
C PRO D 106 -17.81 -32.71 -31.46
N ASN D 107 -18.02 -31.68 -30.63
CA ASN D 107 -19.11 -31.69 -29.65
C ASN D 107 -20.51 -31.88 -30.21
N GLY D 108 -20.78 -31.25 -31.35
CA GLY D 108 -22.08 -31.39 -32.02
C GLY D 108 -22.41 -32.83 -32.37
N ALA D 109 -21.45 -33.51 -32.99
CA ALA D 109 -21.56 -34.93 -33.36
C ALA D 109 -21.82 -35.85 -32.15
N MET D 110 -21.08 -35.63 -31.08
CA MET D 110 -21.23 -36.42 -29.85
C MET D 110 -22.57 -36.17 -29.17
N ARG D 111 -22.94 -34.91 -29.03
CA ARG D 111 -24.21 -34.57 -28.38
C ARG D 111 -25.43 -35.11 -29.14
N ARG D 112 -25.41 -35.05 -30.46
CA ARG D 112 -26.49 -35.64 -31.26
C ARG D 112 -26.38 -37.16 -31.36
N GLY D 113 -25.16 -37.66 -31.52
CA GLY D 113 -24.91 -39.09 -31.66
C GLY D 113 -25.29 -39.90 -30.42
N TRP D 114 -25.08 -39.32 -29.24
CA TRP D 114 -25.38 -40.01 -27.99
C TRP D 114 -26.65 -39.50 -27.28
N ASN D 115 -27.53 -38.80 -28.01
CA ASN D 115 -28.81 -38.29 -27.47
C ASN D 115 -28.57 -37.52 -26.17
N GLY D 116 -27.67 -36.56 -26.28
CA GLY D 116 -27.21 -35.78 -25.14
C GLY D 116 -28.34 -35.14 -24.37
N ILE D 117 -28.24 -35.24 -23.04
CA ILE D 117 -29.17 -34.65 -22.10
C ILE D 117 -28.55 -33.43 -21.45
N THR D 118 -27.38 -33.62 -20.85
CA THR D 118 -26.69 -32.56 -20.12
C THR D 118 -25.21 -32.67 -20.28
N ILE D 119 -24.56 -31.52 -20.18
CA ILE D 119 -23.14 -31.46 -19.91
C ILE D 119 -23.04 -31.06 -18.45
N SER D 120 -22.60 -32.00 -17.61
CA SER D 120 -22.45 -31.74 -16.18
C SER D 120 -21.11 -31.01 -15.95
N ARG D 121 -21.18 -29.83 -15.35
CA ARG D 121 -20.05 -28.93 -15.14
C ARG D 121 -19.98 -28.64 -13.66
N ASP D 122 -19.29 -29.51 -12.95
CA ASP D 122 -19.24 -29.50 -11.49
C ASP D 122 -17.90 -29.03 -11.02
N THR D 123 -17.86 -28.38 -9.86
CA THR D 123 -16.60 -27.97 -9.30
C THR D 123 -15.83 -29.19 -8.81
N ILE D 124 -14.51 -29.15 -9.01
CA ILE D 124 -13.62 -30.20 -8.60
C ILE D 124 -12.94 -29.77 -7.31
N HIS D 125 -12.94 -30.66 -6.32
CA HIS D 125 -12.42 -30.39 -4.97
C HIS D 125 -11.28 -31.30 -4.56
N ILE D 126 -10.40 -30.75 -3.72
CA ILE D 126 -9.25 -31.47 -3.19
C ILE D 126 -9.36 -31.42 -1.68
N ASP D 127 -9.42 -32.61 -1.08
CA ASP D 127 -9.43 -32.77 0.36
C ASP D 127 -8.16 -32.12 0.94
N GLY D 128 -8.33 -31.04 1.70
CA GLY D 128 -7.24 -30.29 2.34
C GLY D 128 -6.75 -29.01 1.66
N VAL D 129 -7.24 -28.71 0.46
CA VAL D 129 -6.88 -27.49 -0.26
C VAL D 129 -8.14 -26.68 -0.50
N GLU D 130 -8.13 -25.41 -0.09
CA GLU D 130 -9.24 -24.48 -0.33
C GLU D 130 -9.20 -23.89 -1.73
N LEU D 131 -10.29 -24.04 -2.48
CA LEU D 131 -10.45 -23.37 -3.78
C LEU D 131 -11.61 -22.37 -3.62
N GLY D 132 -12.11 -21.80 -4.72
CA GLY D 132 -13.05 -20.68 -4.62
C GLY D 132 -14.37 -20.98 -3.94
N TYR D 133 -14.97 -22.10 -4.29
CA TYR D 133 -16.18 -22.59 -3.63
C TYR D 133 -15.79 -23.54 -2.51
N LYS D 134 -16.30 -23.29 -1.32
CA LYS D 134 -15.95 -24.10 -0.16
C LYS D 134 -16.49 -25.52 -0.27
N LYS D 135 -17.74 -25.66 -0.73
CA LYS D 135 -18.39 -26.96 -0.87
C LYS D 135 -18.81 -27.17 -2.31
N PRO D 136 -18.98 -28.44 -2.73
CA PRO D 136 -19.34 -28.75 -4.10
C PRO D 136 -20.51 -27.96 -4.68
N VAL D 137 -20.35 -27.56 -5.94
CA VAL D 137 -21.39 -26.97 -6.76
C VAL D 137 -21.58 -27.89 -7.96
N LEU D 138 -22.85 -28.15 -8.30
CA LEU D 138 -23.23 -28.93 -9.48
C LEU D 138 -23.91 -28.04 -10.51
N PHE D 139 -23.61 -28.25 -11.78
CA PHE D 139 -24.25 -27.47 -12.83
C PHE D 139 -24.62 -28.39 -13.99
N GLU D 140 -25.87 -28.26 -14.46
CA GLU D 140 -26.34 -28.94 -15.68
C GLU D 140 -26.54 -27.96 -16.80
N ARG D 141 -25.80 -28.16 -17.89
CA ARG D 141 -25.97 -27.37 -19.08
C ARG D 141 -26.76 -28.23 -20.05
N HIS D 142 -28.00 -27.88 -20.34
CA HIS D 142 -28.82 -28.66 -21.30
C HIS D 142 -28.01 -28.85 -22.59
N ALA D 143 -27.85 -30.10 -23.02
CA ALA D 143 -26.82 -30.42 -24.00
C ALA D 143 -27.17 -30.09 -25.46
N VAL D 144 -28.41 -29.71 -25.70
CA VAL D 144 -28.92 -29.56 -27.05
C VAL D 144 -29.81 -28.34 -27.14
N GLY D 145 -30.16 -27.97 -28.37
CA GLY D 145 -31.09 -26.89 -28.60
C GLY D 145 -30.44 -25.52 -28.55
N GLY D 146 -31.25 -24.53 -28.87
CA GLY D 146 -30.84 -23.15 -28.74
C GLY D 146 -30.05 -22.68 -29.92
N GLU D 147 -29.34 -21.59 -29.74
CA GLU D 147 -28.63 -20.94 -30.85
C GLU D 147 -27.47 -21.73 -31.44
N TYR D 148 -26.97 -22.73 -30.71
CA TYR D 148 -25.92 -23.63 -31.21
C TYR D 148 -26.32 -24.39 -32.46
N SER D 149 -27.62 -24.61 -32.64
CA SER D 149 -28.17 -25.32 -33.81
C SER D 149 -29.08 -24.40 -34.63
N ALA D 150 -28.87 -23.09 -34.52
CA ALA D 150 -29.68 -22.14 -35.27
C ALA D 150 -29.41 -22.17 -36.77
N GLY D 151 -30.44 -21.85 -37.55
CA GLY D 151 -30.32 -21.47 -38.95
C GLY D 151 -30.35 -19.96 -39.03
N TYR D 152 -29.63 -19.37 -39.99
CA TYR D 152 -29.50 -17.92 -40.02
C TYR D 152 -29.09 -17.42 -41.38
N LYS D 153 -29.30 -16.13 -41.59
CA LYS D 153 -28.75 -15.43 -42.72
C LYS D 153 -28.41 -14.02 -42.30
N ASN D 154 -27.46 -13.41 -42.99
CA ASN D 154 -27.22 -11.99 -42.85
C ASN D 154 -27.76 -11.32 -44.11
N VAL D 155 -28.71 -10.42 -43.91
CA VAL D 155 -29.54 -9.85 -44.97
C VAL D 155 -29.67 -8.34 -44.83
N GLY D 156 -30.27 -7.74 -45.86
CA GLY D 156 -30.74 -6.38 -45.81
C GLY D 156 -32.24 -6.35 -45.70
N LYS D 157 -32.84 -5.36 -46.36
CA LYS D 157 -34.25 -5.09 -46.20
C LYS D 157 -35.11 -6.15 -46.88
N GLY D 158 -36.23 -6.47 -46.27
CA GLY D 158 -37.13 -7.49 -46.82
C GLY D 158 -38.03 -8.14 -45.80
N LYS D 159 -38.70 -9.21 -46.24
CA LYS D 159 -39.76 -9.84 -45.47
C LYS D 159 -39.32 -11.21 -44.96
N LEU D 160 -39.28 -11.35 -43.64
CA LEU D 160 -38.96 -12.60 -42.96
C LEU D 160 -40.23 -13.26 -42.42
N THR D 161 -40.42 -14.55 -42.72
CA THR D 161 -41.61 -15.29 -42.30
C THR D 161 -41.19 -16.67 -41.81
N THR D 162 -41.80 -17.10 -40.70
CA THR D 162 -41.57 -18.42 -40.15
C THR D 162 -42.91 -19.12 -40.06
N THR D 163 -42.99 -20.32 -40.66
CA THR D 163 -44.21 -21.12 -40.62
C THR D 163 -43.94 -22.46 -39.95
N PHE D 164 -44.99 -23.01 -39.36
CA PHE D 164 -44.92 -24.34 -38.76
C PHE D 164 -46.11 -25.19 -39.20
N THR D 165 -45.85 -26.44 -39.54
CA THR D 165 -46.88 -27.42 -39.93
C THR D 165 -46.77 -28.63 -39.01
N PRO D 166 -47.69 -28.77 -38.05
CA PRO D 166 -47.61 -29.97 -37.19
C PRO D 166 -47.92 -31.25 -37.95
N SER D 167 -47.26 -32.35 -37.55
CA SER D 167 -47.39 -33.64 -38.25
C SER D 167 -48.35 -34.61 -37.55
N GLU D 168 -48.98 -34.17 -36.46
CA GLU D 168 -49.90 -35.01 -35.70
C GLU D 168 -50.77 -34.13 -34.80
N GLY D 169 -51.68 -34.75 -34.06
CA GLY D 169 -52.65 -34.01 -33.26
C GLY D 169 -53.82 -33.53 -34.12
N PRO D 170 -54.75 -32.77 -33.53
CA PRO D 170 -55.95 -32.32 -34.24
C PRO D 170 -55.68 -31.39 -35.45
N ASP D 171 -54.64 -30.57 -35.38
CA ASP D 171 -54.31 -29.64 -36.46
C ASP D 171 -53.20 -30.15 -37.39
N ALA D 172 -53.04 -31.47 -37.50
CA ALA D 172 -52.02 -32.06 -38.36
C ALA D 172 -52.19 -31.60 -39.81
N GLY D 173 -51.09 -31.21 -40.44
CA GLY D 173 -51.10 -30.74 -41.84
C GLY D 173 -51.51 -29.30 -42.12
N LYS D 174 -52.00 -28.59 -41.10
CA LYS D 174 -52.38 -27.18 -41.22
C LYS D 174 -51.19 -26.27 -40.90
N THR D 175 -50.66 -25.58 -41.92
CA THR D 175 -49.55 -24.66 -41.75
C THR D 175 -50.02 -23.39 -41.04
N VAL D 176 -49.31 -22.96 -40.01
CA VAL D 176 -49.57 -21.68 -39.33
C VAL D 176 -48.34 -20.77 -39.34
N VAL D 177 -48.56 -19.48 -39.14
CA VAL D 177 -47.48 -18.50 -39.12
C VAL D 177 -47.01 -18.34 -37.68
N VAL D 178 -45.74 -18.65 -37.44
CA VAL D 178 -45.11 -18.47 -36.13
C VAL D 178 -44.72 -17.00 -35.98
N ASP D 179 -44.13 -16.43 -37.02
CA ASP D 179 -43.65 -15.06 -36.97
C ASP D 179 -43.63 -14.47 -38.39
N GLU D 180 -43.84 -13.16 -38.46
CA GLU D 180 -43.70 -12.41 -39.70
C GLU D 180 -43.17 -11.04 -39.32
N ARG D 181 -42.10 -10.59 -39.97
CA ARG D 181 -41.56 -9.27 -39.70
C ARG D 181 -40.86 -8.68 -40.91
N GLU D 182 -40.86 -7.36 -40.95
CA GLU D 182 -40.20 -6.60 -41.99
C GLU D 182 -38.83 -6.19 -41.49
N ILE D 183 -37.77 -6.55 -42.21
CA ILE D 183 -36.44 -6.07 -41.88
C ILE D 183 -36.27 -4.72 -42.59
N VAL D 184 -35.91 -3.70 -41.81
CA VAL D 184 -35.75 -2.33 -42.32
C VAL D 184 -34.28 -1.84 -42.30
N ASP D 185 -33.35 -2.72 -41.94
CA ASP D 185 -31.92 -2.40 -41.90
C ASP D 185 -31.23 -2.90 -43.17
N GLU D 186 -30.22 -2.17 -43.61
CA GLU D 186 -29.35 -2.64 -44.68
C GLU D 186 -28.50 -3.82 -44.23
N GLU D 187 -28.23 -3.92 -42.94
CA GLU D 187 -27.48 -5.04 -42.36
C GLU D 187 -28.23 -5.59 -41.15
N ALA D 188 -28.67 -6.83 -41.25
CA ALA D 188 -29.36 -7.49 -40.13
C ALA D 188 -29.07 -8.98 -40.12
N ALA D 189 -29.08 -9.57 -38.93
CA ALA D 189 -29.09 -11.02 -38.79
C ALA D 189 -30.53 -11.44 -38.67
N VAL D 190 -30.89 -12.54 -39.32
CA VAL D 190 -32.16 -13.20 -39.11
C VAL D 190 -31.87 -14.63 -38.64
N VAL D 191 -32.54 -15.09 -37.59
CA VAL D 191 -32.14 -16.31 -36.88
C VAL D 191 -33.37 -17.09 -36.48
N THR D 192 -33.29 -18.40 -36.67
CA THR D 192 -34.32 -19.33 -36.21
C THR D 192 -33.66 -20.50 -35.48
N TYR D 193 -34.26 -20.91 -34.37
CA TYR D 193 -33.75 -22.07 -33.63
C TYR D 193 -34.90 -22.78 -32.94
N HIS D 194 -34.63 -23.98 -32.42
CA HIS D 194 -35.60 -24.65 -31.57
C HIS D 194 -34.96 -25.19 -30.28
N ASN D 195 -35.77 -25.27 -29.23
CA ASN D 195 -35.40 -26.00 -28.01
C ASN D 195 -36.22 -27.30 -27.92
N PRO D 196 -35.56 -28.46 -28.05
CA PRO D 196 -36.30 -29.71 -27.82
C PRO D 196 -36.38 -29.98 -26.33
N TYR D 197 -37.59 -30.08 -25.79
CA TYR D 197 -37.78 -30.15 -24.35
C TYR D 197 -38.17 -31.53 -23.81
N ASP D 198 -38.38 -32.53 -24.66
CA ASP D 198 -38.77 -33.87 -24.13
C ASP D 198 -37.74 -34.43 -23.14
N ASN D 199 -36.46 -34.23 -23.41
CA ASN D 199 -35.41 -34.74 -22.52
C ASN D 199 -35.15 -33.90 -21.26
N VAL D 200 -35.89 -32.82 -21.09
CA VAL D 200 -35.84 -32.04 -19.85
C VAL D 200 -36.45 -32.87 -18.73
N HIS D 201 -37.35 -33.79 -19.07
CA HIS D 201 -37.86 -34.76 -18.07
C HIS D 201 -36.72 -35.60 -17.53
N ASP D 202 -35.90 -36.13 -18.43
CA ASP D 202 -34.69 -36.90 -18.07
CA ASP D 202 -34.71 -36.91 -18.05
C ASP D 202 -33.69 -36.03 -17.32
N LEU D 203 -33.49 -34.81 -17.83
CA LEU D 203 -32.56 -33.87 -17.22
C LEU D 203 -32.92 -33.58 -15.77
N ALA D 204 -34.20 -33.33 -15.54
CA ALA D 204 -34.72 -33.05 -14.19
C ALA D 204 -34.47 -34.21 -13.24
N ARG D 205 -34.76 -35.43 -13.68
CA ARG D 205 -34.53 -36.60 -12.82
C ARG D 205 -33.05 -36.82 -12.52
N PHE D 206 -32.21 -36.61 -13.53
CA PHE D 206 -30.79 -36.76 -13.38
C PHE D 206 -30.21 -35.72 -12.40
N PHE D 207 -30.58 -34.46 -12.64
CA PHE D 207 -30.17 -33.30 -11.83
C PHE D 207 -30.62 -33.38 -10.38
N PHE D 208 -31.91 -33.58 -10.16
CA PHE D 208 -32.43 -33.65 -8.79
C PHE D 208 -31.89 -34.87 -8.04
N GLY D 209 -31.74 -35.98 -8.73
CA GLY D 209 -31.13 -37.16 -8.12
C GLY D 209 -29.73 -36.92 -7.59
N ARG D 210 -28.90 -36.31 -8.41
CA ARG D 210 -27.55 -36.07 -7.99
C ARG D 210 -27.43 -34.92 -7.00
N CYS D 211 -28.29 -33.91 -7.07
CA CYS D 211 -28.30 -32.86 -6.04
C CYS D 211 -28.72 -33.44 -4.69
N LEU D 212 -29.69 -34.35 -4.71
CA LEU D 212 -30.15 -35.01 -3.49
C LEU D 212 -28.98 -35.80 -2.86
N GLU D 213 -28.34 -36.63 -3.68
CA GLU D 213 -27.20 -37.44 -3.23
C GLU D 213 -26.06 -36.55 -2.70
N ALA D 214 -25.76 -35.44 -3.37
CA ALA D 214 -24.78 -34.46 -2.89
C ALA D 214 -25.27 -33.52 -1.76
N LYS D 215 -26.55 -33.57 -1.43
CA LYS D 215 -27.18 -32.68 -0.43
C LYS D 215 -26.96 -31.19 -0.70
N VAL D 216 -27.18 -30.80 -1.96
CA VAL D 216 -27.08 -29.41 -2.37
C VAL D 216 -28.46 -28.89 -2.78
N THR D 217 -28.69 -27.60 -2.58
CA THR D 217 -29.95 -26.95 -2.93
C THR D 217 -29.98 -26.72 -4.44
N PRO D 218 -31.01 -27.22 -5.14
CA PRO D 218 -31.13 -27.03 -6.58
C PRO D 218 -31.83 -25.73 -6.97
N TYR D 219 -31.40 -25.15 -8.09
CA TYR D 219 -32.01 -23.94 -8.66
C TYR D 219 -32.15 -24.17 -10.17
N VAL D 220 -33.24 -23.65 -10.75
CA VAL D 220 -33.44 -23.64 -12.19
C VAL D 220 -33.24 -22.21 -12.71
N VAL D 221 -32.48 -22.07 -13.80
CA VAL D 221 -32.03 -20.77 -14.29
C VAL D 221 -32.51 -20.58 -15.71
N THR D 222 -33.33 -19.57 -15.96
CA THR D 222 -33.77 -19.24 -17.33
C THR D 222 -34.01 -17.74 -17.43
N LYS D 223 -34.38 -17.30 -18.62
CA LYS D 223 -34.83 -15.94 -18.85
C LYS D 223 -36.33 -15.95 -19.23
N LYS D 224 -37.10 -16.85 -18.62
CA LYS D 224 -38.47 -17.13 -19.07
C LYS D 224 -39.45 -15.98 -18.89
N THR D 225 -39.16 -15.03 -18.01
CA THR D 225 -40.02 -13.86 -17.80
C THR D 225 -40.19 -13.06 -19.08
N VAL D 226 -39.12 -13.00 -19.87
CA VAL D 226 -39.07 -12.25 -21.13
C VAL D 226 -38.95 -13.17 -22.37
N PHE D 227 -38.23 -14.29 -22.25
CA PHE D 227 -38.11 -15.27 -23.33
C PHE D 227 -39.12 -16.37 -23.02
N LYS D 228 -40.39 -16.06 -23.24
CA LYS D 228 -41.50 -16.83 -22.65
C LYS D 228 -41.62 -18.26 -23.14
N TRP D 229 -41.08 -18.51 -24.32
CA TRP D 229 -40.92 -19.88 -24.85
C TRP D 229 -40.14 -20.84 -23.96
N GLN D 230 -39.35 -20.31 -23.03
CA GLN D 230 -38.60 -21.14 -22.08
C GLN D 230 -39.43 -21.65 -20.91
N GLU D 231 -40.68 -21.21 -20.78
CA GLU D 231 -41.51 -21.60 -19.63
C GLU D 231 -41.55 -23.12 -19.39
N PRO D 232 -41.69 -23.93 -20.46
CA PRO D 232 -41.67 -25.38 -20.24
C PRO D 232 -40.43 -25.94 -19.56
N PHE D 233 -39.26 -25.32 -19.78
CA PHE D 233 -38.04 -25.76 -19.09
C PHE D 233 -38.29 -25.74 -17.57
N TRP D 234 -38.79 -24.60 -17.08
CA TRP D 234 -39.18 -24.45 -15.69
C TRP D 234 -40.33 -25.39 -15.26
N GLN D 235 -41.42 -25.39 -16.01
CA GLN D 235 -42.61 -26.19 -15.64
C GLN D 235 -42.28 -27.68 -15.51
N ILE D 236 -41.55 -28.21 -16.50
CA ILE D 236 -41.13 -29.62 -16.48
C ILE D 236 -40.26 -29.89 -15.25
N MET D 237 -39.26 -29.04 -15.01
CA MET D 237 -38.38 -29.22 -13.84
C MET D 237 -39.16 -29.17 -12.53
N ARG D 238 -40.02 -28.16 -12.37
CA ARG D 238 -40.80 -27.99 -11.13
C ARG D 238 -41.79 -29.15 -10.87
N THR D 239 -42.41 -29.64 -11.95
CA THR D 239 -43.36 -30.74 -11.81
C THR D 239 -42.63 -32.00 -11.31
N VAL D 240 -41.53 -32.35 -11.97
CA VAL D 240 -40.70 -33.48 -11.51
C VAL D 240 -40.27 -33.25 -10.05
N PHE D 241 -39.76 -32.05 -9.75
CA PHE D 241 -39.32 -31.78 -8.39
C PHE D 241 -40.43 -32.00 -7.37
N ASP D 242 -41.57 -31.35 -7.56
CA ASP D 242 -42.69 -31.42 -6.61
C ASP D 242 -43.22 -32.85 -6.47
N GLU D 243 -43.32 -33.55 -7.59
CA GLU D 243 -43.91 -34.91 -7.57
C GLU D 243 -42.95 -35.98 -7.06
N GLU D 244 -41.68 -35.85 -7.39
CA GLU D 244 -40.74 -36.97 -7.20
C GLU D 244 -39.59 -36.73 -6.23
N PHE D 245 -39.34 -35.49 -5.84
CA PHE D 245 -38.14 -35.17 -5.04
C PHE D 245 -38.31 -34.26 -3.81
N LYS D 246 -39.29 -33.37 -3.82
CA LYS D 246 -39.39 -32.34 -2.80
C LYS D 246 -39.36 -32.93 -1.38
N ALA D 247 -40.22 -33.89 -1.10
CA ALA D 247 -40.25 -34.53 0.23
C ALA D 247 -38.90 -35.16 0.59
N GLN D 248 -38.23 -35.77 -0.39
CA GLN D 248 -36.91 -36.33 -0.14
C GLN D 248 -35.84 -35.28 0.18
N PHE D 249 -35.90 -34.12 -0.47
CA PHE D 249 -34.99 -33.01 -0.14
C PHE D 249 -35.22 -32.49 1.28
N VAL D 250 -36.49 -32.45 1.70
CA VAL D 250 -36.82 -32.10 3.10
C VAL D 250 -36.24 -33.14 4.05
N ALA D 251 -36.48 -34.41 3.78
CA ALA D 251 -35.99 -35.49 4.65
C ALA D 251 -34.45 -35.60 4.68
N ALA D 252 -33.79 -35.14 3.62
CA ALA D 252 -32.33 -35.10 3.55
C ALA D 252 -31.72 -33.91 4.28
N GLY D 253 -32.57 -32.97 4.71
CA GLY D 253 -32.16 -31.80 5.45
C GLY D 253 -31.71 -30.64 4.58
N VAL D 254 -31.99 -30.72 3.28
CA VAL D 254 -31.49 -29.75 2.32
C VAL D 254 -32.42 -28.56 2.25
N MET D 255 -33.73 -28.81 2.31
CA MET D 255 -34.74 -27.75 2.18
C MET D 255 -35.75 -27.88 3.31
N LYS D 256 -36.30 -26.75 3.74
CA LYS D 256 -37.35 -26.75 4.75
C LYS D 256 -38.68 -27.15 4.14
N GLU D 257 -39.56 -27.68 4.97
CA GLU D 257 -40.91 -28.02 4.54
C GLU D 257 -41.61 -26.71 4.16
N GLY D 258 -42.28 -26.70 3.01
CA GLY D 258 -42.87 -25.48 2.46
C GLY D 258 -41.94 -24.59 1.63
N GLU D 259 -40.64 -24.87 1.61
CA GLU D 259 -39.67 -24.16 0.76
C GLU D 259 -39.87 -24.68 -0.67
N GLU D 260 -40.20 -23.79 -1.60
CA GLU D 260 -40.46 -24.21 -2.97
C GLU D 260 -39.16 -24.16 -3.76
N LEU D 261 -39.09 -24.97 -4.81
CA LEU D 261 -37.96 -24.91 -5.76
C LEU D 261 -37.88 -23.48 -6.25
N VAL D 262 -36.65 -22.94 -6.28
CA VAL D 262 -36.42 -21.55 -6.66
C VAL D 262 -36.03 -21.48 -8.15
N HIS D 263 -36.66 -20.54 -8.86
CA HIS D 263 -36.27 -20.13 -10.18
C HIS D 263 -35.41 -18.88 -10.10
N LEU D 264 -34.29 -18.89 -10.81
CA LEU D 264 -33.41 -17.72 -10.90
C LEU D 264 -33.39 -17.25 -12.32
N LEU D 265 -33.56 -15.96 -12.52
CA LEU D 265 -33.25 -15.38 -13.83
C LEU D 265 -31.77 -15.55 -14.08
N SER D 266 -31.39 -15.73 -15.35
CA SER D 266 -30.01 -15.88 -15.69
C SER D 266 -29.19 -14.67 -15.23
N ASP D 267 -29.77 -13.47 -15.33
CA ASP D 267 -29.04 -12.28 -14.89
C ASP D 267 -28.94 -12.16 -13.36
N ALA D 268 -29.78 -12.86 -12.61
CA ALA D 268 -29.57 -13.01 -11.16
C ALA D 268 -28.52 -14.09 -10.84
N ALA D 269 -28.59 -15.21 -11.57
CA ALA D 269 -27.70 -16.35 -11.37
C ALA D 269 -26.25 -15.94 -11.54
N THR D 270 -25.98 -15.02 -12.47
CA THR D 270 -24.62 -14.54 -12.67
C THR D 270 -24.08 -13.83 -11.41
N MET D 271 -24.98 -13.19 -10.67
CA MET D 271 -24.63 -12.54 -9.41
C MET D 271 -24.46 -13.58 -8.31
N LYS D 272 -25.36 -14.57 -8.24
CA LYS D 272 -25.28 -15.59 -7.19
C LYS D 272 -23.99 -16.40 -7.26
N LEU D 273 -23.46 -16.62 -8.47
CA LEU D 273 -22.20 -17.36 -8.63
C LEU D 273 -21.01 -16.63 -7.97
N VAL D 274 -21.03 -15.31 -7.99
CA VAL D 274 -19.98 -14.52 -7.36
C VAL D 274 -20.23 -14.47 -5.86
N GLN D 275 -21.50 -14.34 -5.46
CA GLN D 275 -21.88 -14.24 -4.06
C GLN D 275 -21.68 -15.51 -3.23
N TRP D 276 -22.09 -16.65 -3.78
CA TRP D 276 -22.29 -17.88 -2.99
C TRP D 276 -20.99 -18.71 -2.89
N ARG D 277 -19.97 -18.08 -2.34
CA ARG D 277 -18.65 -18.71 -2.22
C ARG D 277 -18.61 -19.91 -1.27
N GLN D 278 -19.61 -20.04 -0.41
CA GLN D 278 -19.80 -21.26 0.38
C GLN D 278 -20.05 -22.53 -0.48
N GLY D 279 -20.51 -22.35 -1.73
CA GLY D 279 -20.91 -23.47 -2.57
C GLY D 279 -22.13 -24.19 -2.02
N GLY D 280 -22.25 -25.48 -2.31
CA GLY D 280 -23.35 -26.29 -1.79
C GLY D 280 -24.69 -26.05 -2.46
N PHE D 281 -24.66 -25.80 -3.78
CA PHE D 281 -25.87 -25.59 -4.57
C PHE D 281 -25.73 -26.23 -5.94
N GLY D 282 -26.86 -26.39 -6.63
CA GLY D 282 -26.90 -26.89 -7.99
C GLY D 282 -27.69 -25.96 -8.85
N MET D 283 -27.27 -25.80 -10.13
CA MET D 283 -28.04 -25.03 -11.11
C MET D 283 -28.23 -25.86 -12.38
N ALA D 284 -29.39 -25.68 -13.01
CA ALA D 284 -29.69 -26.27 -14.31
C ALA D 284 -30.16 -25.18 -15.24
N ALA D 285 -29.64 -25.17 -16.47
CA ALA D 285 -29.93 -24.11 -17.42
C ALA D 285 -29.95 -24.61 -18.85
N HIS D 286 -30.44 -23.77 -19.75
CA HIS D 286 -30.38 -24.02 -21.17
C HIS D 286 -28.93 -24.04 -21.66
N ASN D 287 -28.75 -24.51 -22.90
CA ASN D 287 -27.44 -24.65 -23.54
C ASN D 287 -26.55 -23.41 -23.41
N TYR D 288 -27.00 -22.27 -23.92
CA TYR D 288 -26.14 -21.11 -23.95
C TYR D 288 -25.93 -20.52 -22.54
N ASP D 289 -27.00 -20.37 -21.77
CA ASP D 289 -26.86 -19.89 -20.39
C ASP D 289 -25.86 -20.76 -19.62
N GLY D 290 -25.95 -22.08 -19.80
CA GLY D 290 -25.02 -23.01 -19.17
C GLY D 290 -23.58 -22.79 -19.60
N ASP D 291 -23.38 -22.56 -20.89
CA ASP D 291 -22.05 -22.28 -21.44
C ASP D 291 -21.43 -21.06 -20.76
N VAL D 292 -22.19 -19.98 -20.70
CA VAL D 292 -21.68 -18.74 -20.10
C VAL D 292 -21.47 -18.86 -18.58
N LEU D 293 -22.49 -19.33 -17.87
CA LEU D 293 -22.45 -19.37 -16.42
C LEU D 293 -21.41 -20.37 -15.90
N THR D 294 -21.18 -21.46 -16.62
CA THR D 294 -20.19 -22.42 -16.16
C THR D 294 -18.77 -21.95 -16.37
N ASP D 295 -18.54 -21.06 -17.34
CA ASP D 295 -17.22 -20.44 -17.42
C ASP D 295 -17.01 -19.44 -16.28
N GLU D 296 -18.06 -18.72 -15.92
CA GLU D 296 -18.02 -17.85 -14.74
C GLU D 296 -17.68 -18.69 -13.51
N LEU D 297 -18.41 -19.79 -13.37
CA LEU D 297 -18.17 -20.77 -12.29
C LEU D 297 -16.71 -21.21 -12.23
N ALA D 298 -16.13 -21.52 -13.38
CA ALA D 298 -14.71 -21.86 -13.45
C ALA D 298 -13.81 -20.77 -12.88
N GLN D 299 -14.06 -19.53 -13.29
CA GLN D 299 -13.22 -18.42 -12.84
C GLN D 299 -13.33 -18.20 -11.34
N VAL D 300 -14.54 -18.28 -10.80
CA VAL D 300 -14.76 -18.12 -9.38
C VAL D 300 -14.08 -19.24 -8.58
N HIS D 301 -14.21 -20.47 -9.06
CA HIS D 301 -13.62 -21.62 -8.37
C HIS D 301 -12.09 -21.60 -8.43
N LYS D 302 -11.54 -21.45 -9.63
CA LYS D 302 -10.08 -21.28 -9.83
C LYS D 302 -9.77 -21.02 -11.29
N SER D 303 -10.04 -22.01 -12.13
CA SER D 303 -9.79 -21.91 -13.56
C SER D 303 -10.53 -23.07 -14.26
N PRO D 304 -10.57 -23.08 -15.61
CA PRO D 304 -11.36 -24.06 -16.34
C PRO D 304 -11.09 -25.51 -15.97
N GLY D 305 -9.83 -25.84 -15.68
CA GLY D 305 -9.45 -27.19 -15.30
C GLY D 305 -10.04 -27.73 -14.02
N PHE D 306 -10.64 -26.87 -13.18
CA PHE D 306 -11.23 -27.29 -11.92
C PHE D 306 -12.76 -27.41 -11.99
N ILE D 307 -13.29 -27.43 -13.22
CA ILE D 307 -14.69 -27.74 -13.49
C ILE D 307 -14.73 -28.91 -14.45
N THR D 308 -15.66 -29.84 -14.22
CA THR D 308 -15.83 -30.99 -15.12
C THR D 308 -16.50 -30.57 -16.44
N SER D 309 -16.42 -31.42 -17.48
CA SER D 309 -17.25 -31.30 -18.69
C SER D 309 -17.68 -32.70 -19.05
N ASN D 310 -18.73 -33.17 -18.38
CA ASN D 310 -19.15 -34.56 -18.45
C ASN D 310 -20.48 -34.67 -19.19
N LEU D 311 -20.40 -35.11 -20.45
CA LEU D 311 -21.59 -35.28 -21.26
C LEU D 311 -22.31 -36.55 -20.88
N VAL D 312 -23.61 -36.42 -20.65
CA VAL D 312 -24.47 -37.52 -20.32
C VAL D 312 -25.58 -37.56 -21.36
N GLY D 313 -25.63 -38.69 -22.06
CA GLY D 313 -26.68 -38.97 -23.02
C GLY D 313 -27.35 -40.28 -22.67
N VAL D 314 -28.13 -40.81 -23.60
CA VAL D 314 -28.86 -42.04 -23.33
C VAL D 314 -28.99 -42.88 -24.61
N HIS D 315 -28.74 -44.18 -24.48
CA HIS D 315 -28.91 -45.12 -25.58
C HIS D 315 -30.40 -45.29 -25.81
N GLU D 316 -30.74 -45.80 -26.98
CA GLU D 316 -32.12 -46.16 -27.27
C GLU D 316 -32.66 -47.22 -26.27
N ASP D 317 -31.78 -48.05 -25.70
CA ASP D 317 -32.14 -49.12 -24.76
C ASP D 317 -32.35 -48.58 -23.33
N GLY D 318 -31.95 -47.32 -23.07
CA GLY D 318 -32.19 -46.69 -21.78
C GLY D 318 -30.96 -46.59 -20.90
N THR D 319 -29.84 -47.19 -21.33
CA THR D 319 -28.57 -47.08 -20.60
C THR D 319 -27.98 -45.70 -20.81
N LEU D 320 -27.50 -45.08 -19.74
CA LEU D 320 -26.83 -43.79 -19.87
C LEU D 320 -25.49 -43.93 -20.56
N ILE D 321 -25.27 -43.07 -21.54
CA ILE D 321 -23.99 -42.93 -22.21
C ILE D 321 -23.28 -41.78 -21.55
N LYS D 322 -22.11 -42.03 -20.98
CA LYS D 322 -21.38 -40.99 -20.25
C LYS D 322 -20.00 -40.77 -20.83
N GLU D 323 -19.75 -39.54 -21.26
CA GLU D 323 -18.46 -39.13 -21.76
C GLU D 323 -17.90 -38.12 -20.78
N PHE D 324 -16.59 -38.23 -20.52
CA PHE D 324 -15.92 -37.40 -19.53
C PHE D 324 -14.71 -36.72 -20.15
N GLU D 325 -14.59 -35.41 -19.94
CA GLU D 325 -13.47 -34.60 -20.39
C GLU D 325 -13.05 -33.61 -19.34
N ALA D 326 -11.77 -33.26 -19.36
CA ALA D 326 -11.29 -32.05 -18.72
C ALA D 326 -11.80 -30.82 -19.48
N SER D 327 -11.82 -29.67 -18.81
CA SER D 327 -12.33 -28.44 -19.43
C SER D 327 -11.24 -27.49 -19.92
N HIS D 328 -9.98 -27.79 -19.65
CA HIS D 328 -8.86 -27.05 -20.26
C HIS D 328 -8.55 -27.63 -21.65
N GLY D 329 -7.74 -26.91 -22.42
CA GLY D 329 -7.31 -27.40 -23.74
C GLY D 329 -6.05 -28.25 -23.67
N THR D 330 -5.38 -28.39 -24.81
CA THR D 330 -4.16 -29.21 -24.95
C THR D 330 -2.88 -28.53 -24.46
N VAL D 331 -2.96 -27.26 -24.06
CA VAL D 331 -1.86 -26.52 -23.42
C VAL D 331 -0.59 -26.44 -24.29
N ALA D 332 -0.75 -25.86 -25.47
CA ALA D 332 0.35 -25.69 -26.44
C ALA D 332 1.53 -24.86 -25.89
N ASP D 333 1.22 -23.78 -25.17
CA ASP D 333 2.24 -22.93 -24.50
C ASP D 333 3.22 -23.77 -23.70
N MET D 334 2.68 -24.72 -22.94
CA MET D 334 3.48 -25.59 -22.10
C MET D 334 4.21 -26.67 -22.91
N ASP D 335 3.54 -27.20 -23.94
CA ASP D 335 4.14 -28.20 -24.82
C ASP D 335 5.35 -27.66 -25.59
N GLU D 336 5.26 -26.40 -26.00
CA GLU D 336 6.37 -25.73 -26.67
C GLU D 336 7.53 -25.53 -25.68
N ALA D 337 7.21 -25.12 -24.45
CA ALA D 337 8.20 -24.99 -23.36
C ALA D 337 8.90 -26.32 -23.04
N ARG D 338 8.15 -27.42 -23.09
CA ARG D 338 8.68 -28.78 -22.88
C ARG D 338 9.74 -29.13 -23.93
N LEU D 339 9.40 -28.90 -25.19
CA LEU D 339 10.28 -29.20 -26.32
C LEU D 339 11.51 -28.27 -26.39
N ARG D 340 11.47 -27.14 -25.69
CA ARG D 340 12.67 -26.32 -25.45
C ARG D 340 13.49 -26.77 -24.23
N GLY D 341 13.11 -27.88 -23.58
CA GLY D 341 13.79 -28.38 -22.38
C GLY D 341 13.58 -27.54 -21.13
N GLU D 342 12.49 -26.76 -21.09
CA GLU D 342 12.18 -25.90 -19.93
C GLU D 342 11.26 -26.67 -18.98
N GLU D 343 11.31 -26.35 -17.69
CA GLU D 343 10.46 -27.00 -16.69
C GLU D 343 9.00 -26.65 -16.89
N THR D 344 8.12 -27.68 -16.89
CA THR D 344 6.66 -27.52 -16.93
C THR D 344 5.99 -28.05 -15.66
N SER D 345 4.74 -27.65 -15.41
CA SER D 345 3.96 -28.14 -14.27
C SER D 345 2.45 -28.16 -14.57
N LEU D 346 2.04 -29.15 -15.36
CA LEU D 346 0.64 -29.37 -15.70
C LEU D 346 -0.04 -30.20 -14.60
N ASN D 347 -1.09 -29.63 -14.02
CA ASN D 347 -1.93 -30.33 -13.05
C ASN D 347 -2.85 -31.27 -13.82
N PRO D 348 -2.67 -32.60 -13.67
CA PRO D 348 -3.50 -33.52 -14.47
C PRO D 348 -4.85 -33.85 -13.80
N LEU D 349 -5.19 -33.17 -12.70
CA LEU D 349 -6.37 -33.52 -11.91
C LEU D 349 -7.67 -33.52 -12.72
N GLY D 350 -7.91 -32.50 -13.54
CA GLY D 350 -9.12 -32.45 -14.38
C GLY D 350 -9.27 -33.67 -15.28
N MET D 351 -8.18 -34.03 -15.96
CA MET D 351 -8.15 -35.20 -16.82
C MET D 351 -8.35 -36.51 -16.04
N VAL D 352 -7.67 -36.63 -14.91
CA VAL D 352 -7.74 -37.83 -14.08
C VAL D 352 -9.16 -38.01 -13.54
N GLU D 353 -9.81 -36.92 -13.10
CA GLU D 353 -11.22 -37.02 -12.69
C GLU D 353 -12.10 -37.56 -13.82
N GLY D 354 -11.86 -37.09 -15.05
CA GLY D 354 -12.56 -37.62 -16.19
C GLY D 354 -12.32 -39.11 -16.44
N LEU D 355 -11.06 -39.51 -16.35
CA LEU D 355 -10.71 -40.93 -16.57
C LEU D 355 -11.35 -41.82 -15.48
N ILE D 356 -11.29 -41.35 -14.23
CA ILE D 356 -11.94 -42.03 -13.10
C ILE D 356 -13.42 -42.21 -13.37
N GLY D 357 -14.09 -41.15 -13.78
CA GLY D 357 -15.51 -41.23 -14.09
C GLY D 357 -15.78 -42.22 -15.20
N ALA D 358 -14.98 -42.18 -16.28
CA ALA D 358 -15.20 -43.10 -17.38
C ALA D 358 -14.96 -44.55 -16.97
N MET D 359 -13.87 -44.80 -16.28
CA MET D 359 -13.54 -46.17 -15.81
C MET D 359 -14.61 -46.69 -14.87
N ASN D 360 -15.04 -45.85 -13.94
CA ASN D 360 -16.13 -46.24 -13.02
C ASN D 360 -17.43 -46.58 -13.74
N HIS D 361 -17.83 -45.73 -14.69
CA HIS D 361 -19.03 -45.99 -15.46
C HIS D 361 -18.96 -47.27 -16.30
N ALA D 362 -17.82 -47.45 -16.96
CA ALA D 362 -17.53 -48.67 -17.72
C ALA D 362 -17.65 -49.91 -16.83
N ALA D 363 -17.07 -49.86 -15.63
CA ALA D 363 -17.13 -50.96 -14.67
C ALA D 363 -18.57 -51.25 -14.24
N ASP D 364 -19.37 -50.20 -14.03
CA ASP D 364 -20.78 -50.37 -13.62
C ASP D 364 -21.68 -50.84 -14.75
N VAL D 365 -21.48 -50.33 -15.96
CA VAL D 365 -22.29 -50.73 -17.10
C VAL D 365 -22.05 -52.21 -17.44
N HIS D 366 -20.80 -52.60 -17.43
CA HIS D 366 -20.40 -53.94 -17.94
C HIS D 366 -20.17 -54.98 -16.84
N ASN D 367 -20.10 -54.55 -15.58
CA ASN D 367 -19.82 -55.43 -14.43
C ASN D 367 -18.63 -56.34 -14.64
N ILE D 368 -17.52 -55.68 -14.94
CA ILE D 368 -16.26 -56.34 -15.11
C ILE D 368 -15.33 -55.72 -14.08
N ASP D 369 -14.87 -56.56 -13.16
CA ASP D 369 -13.97 -56.18 -12.09
C ASP D 369 -14.41 -54.87 -11.37
N ARG D 370 -15.71 -54.81 -11.06
CA ARG D 370 -16.34 -53.59 -10.57
C ARG D 370 -15.76 -53.14 -9.23
N ASP D 371 -15.68 -54.05 -8.27
CA ASP D 371 -15.13 -53.71 -6.94
C ASP D 371 -13.70 -53.19 -7.01
N ARG D 372 -12.84 -53.93 -7.70
CA ARG D 372 -11.43 -53.56 -7.73
C ARG D 372 -11.22 -52.25 -8.51
N THR D 373 -12.03 -52.01 -9.53
CA THR D 373 -11.88 -50.77 -10.31
C THR D 373 -12.22 -49.55 -9.45
N HIS D 374 -13.36 -49.59 -8.75
CA HIS D 374 -13.71 -48.49 -7.83
C HIS D 374 -12.67 -48.29 -6.74
N ALA D 375 -12.12 -49.38 -6.19
CA ALA D 375 -11.08 -49.25 -5.18
C ALA D 375 -9.86 -48.54 -5.73
N PHE D 376 -9.48 -48.90 -6.96
CA PHE D 376 -8.29 -48.32 -7.60
C PHE D 376 -8.48 -46.85 -7.97
N THR D 377 -9.63 -46.52 -8.55
CA THR D 377 -9.90 -45.13 -8.92
C THR D 377 -9.99 -44.26 -7.66
N THR D 378 -10.63 -44.78 -6.61
CA THR D 378 -10.60 -44.10 -5.30
C THR D 378 -9.18 -43.89 -4.79
N LYS D 379 -8.33 -44.92 -4.87
CA LYS D 379 -6.95 -44.83 -4.39
C LYS D 379 -6.15 -43.76 -5.16
N MET D 380 -6.35 -43.68 -6.48
CA MET D 380 -5.70 -42.64 -7.30
C MET D 380 -6.06 -41.25 -6.82
N ARG D 381 -7.36 -40.99 -6.66
CA ARG D 381 -7.79 -39.69 -6.14
C ARG D 381 -7.23 -39.40 -4.74
N THR D 382 -7.28 -40.38 -3.84
CA THR D 382 -6.76 -40.22 -2.49
C THR D 382 -5.26 -39.87 -2.48
N VAL D 383 -4.48 -40.60 -3.27
CA VAL D 383 -3.04 -40.36 -3.37
C VAL D 383 -2.73 -38.96 -3.95
N ILE D 384 -3.45 -38.58 -5.02
CA ILE D 384 -3.34 -37.24 -5.60
C ILE D 384 -3.59 -36.16 -4.54
N HIS D 385 -4.71 -36.28 -3.82
CA HIS D 385 -5.07 -35.27 -2.79
C HIS D 385 -4.01 -35.19 -1.67
N GLN D 386 -3.52 -36.34 -1.22
CA GLN D 386 -2.55 -36.39 -0.14
C GLN D 386 -1.26 -35.66 -0.58
N LEU D 387 -0.83 -35.91 -1.81
CA LEU D 387 0.34 -35.22 -2.35
C LEU D 387 0.14 -33.69 -2.36
N PHE D 388 -1.03 -33.24 -2.83
CA PHE D 388 -1.32 -31.81 -2.80
C PHE D 388 -1.29 -31.25 -1.39
N ARG D 389 -1.86 -31.98 -0.42
CA ARG D 389 -1.82 -31.57 0.98
C ARG D 389 -0.40 -31.47 1.51
N GLU D 390 0.46 -32.39 1.07
CA GLU D 390 1.86 -32.46 1.52
C GLU D 390 2.75 -31.37 0.90
N GLY D 391 2.21 -30.55 0.00
CA GLY D 391 2.99 -29.54 -0.72
C GLY D 391 3.70 -30.11 -1.93
N LYS D 392 3.35 -31.33 -2.34
CA LYS D 392 4.01 -32.02 -3.45
C LYS D 392 3.11 -32.10 -4.68
N GLY D 393 2.14 -31.19 -4.76
CA GLY D 393 1.35 -31.02 -5.96
C GLY D 393 2.05 -30.16 -6.97
N THR D 394 1.37 -29.93 -8.08
CA THR D 394 1.86 -29.05 -9.13
C THR D 394 1.86 -27.59 -8.67
N ARG D 395 2.51 -26.75 -9.47
CA ARG D 395 2.87 -25.39 -9.07
C ARG D 395 1.71 -24.38 -9.08
N ASP D 396 0.66 -24.73 -9.82
CA ASP D 396 -0.60 -23.96 -9.78
C ASP D 396 -1.15 -23.79 -8.36
N LEU D 397 -1.06 -24.84 -7.55
CA LEU D 397 -1.59 -24.83 -6.19
C LEU D 397 -0.57 -24.86 -5.06
N CYS D 398 0.63 -25.39 -5.31
CA CYS D 398 1.62 -25.57 -4.27
C CYS D 398 2.77 -24.55 -4.35
N GLY D 399 2.66 -23.57 -5.25
CA GLY D 399 3.69 -22.53 -5.39
C GLY D 399 4.89 -22.97 -6.22
N PRO D 400 5.93 -22.12 -6.30
CA PRO D 400 7.14 -22.47 -7.06
C PRO D 400 7.90 -23.72 -6.57
N SER D 401 7.77 -24.06 -5.29
CA SER D 401 8.37 -25.28 -4.74
C SER D 401 7.52 -26.56 -4.94
N GLY D 402 6.42 -26.45 -5.68
CA GLY D 402 5.66 -27.60 -6.13
C GLY D 402 6.34 -28.31 -7.28
N LEU D 403 5.87 -29.51 -7.58
CA LEU D 403 6.58 -30.40 -8.50
C LEU D 403 6.33 -30.09 -9.95
N THR D 404 7.26 -30.52 -10.80
CA THR D 404 7.10 -30.48 -12.24
C THR D 404 6.11 -31.56 -12.69
N THR D 405 5.69 -31.48 -13.94
CA THR D 405 4.77 -32.44 -14.57
C THR D 405 5.22 -33.89 -14.31
N GLU D 406 6.51 -34.15 -14.57
CA GLU D 406 7.08 -35.51 -14.53
C GLU D 406 7.30 -35.98 -13.09
N GLN D 407 7.77 -35.07 -12.23
CA GLN D 407 7.97 -35.36 -10.82
C GLN D 407 6.64 -35.68 -10.13
N PHE D 408 5.58 -34.96 -10.48
CA PHE D 408 4.26 -35.28 -9.91
C PHE D 408 3.75 -36.64 -10.38
N ILE D 409 3.85 -36.90 -11.67
CA ILE D 409 3.43 -38.18 -12.23
C ILE D 409 4.23 -39.33 -11.60
N ASP D 410 5.55 -39.14 -11.43
CA ASP D 410 6.38 -40.17 -10.76
C ASP D 410 6.00 -40.33 -9.30
N ALA D 411 5.75 -39.22 -8.60
CA ALA D 411 5.34 -39.25 -7.18
C ALA D 411 4.09 -40.10 -6.97
N VAL D 412 3.08 -39.91 -7.81
CA VAL D 412 1.84 -40.70 -7.72
C VAL D 412 2.13 -42.17 -7.96
N ALA D 413 2.90 -42.45 -9.02
CA ALA D 413 3.31 -43.83 -9.34
C ALA D 413 3.99 -44.53 -8.15
N GLU D 414 4.89 -43.83 -7.48
CA GLU D 414 5.60 -44.43 -6.33
C GLU D 414 4.67 -44.68 -5.15
N ARG D 415 3.68 -43.80 -4.97
CA ARG D 415 2.73 -43.94 -3.88
C ARG D 415 1.62 -44.97 -4.14
N LEU D 416 1.34 -45.30 -5.41
CA LEU D 416 0.42 -46.42 -5.74
C LEU D 416 1.13 -47.78 -5.55
#